data_3WCB
#
_entry.id   3WCB
#
_cell.length_a   79.395
_cell.length_b   127.694
_cell.length_c   142.562
_cell.angle_alpha   90.00
_cell.angle_beta   90.00
_cell.angle_gamma   90.00
#
_symmetry.space_group_name_H-M   'P 21 21 21'
#
loop_
_entity.id
_entity.type
_entity.pdbx_description
1 polymer 'Farnesyltransferase, putative'
2 non-polymer 'hydrogen [(1R)-2-(3-decyl-1H-imidazol-3-ium-1-yl)-1-hydroxy-1-phosphonoethyl]phosphonate'
3 water water
#
_entity_poly.entity_id   1
_entity_poly.type   'polypeptide(L)'
_entity_poly.pdbx_seq_one_letter_code
;MGSSHHHHHHSSGLVPRGSHMACNDEDLRFCYDILQAVSRSFAVVIMELDEEMRDAVCIFYLVLRALDTVEDDMSIPVEF
KLRELPKFHEHLHDTTWCMSGVGVGRERELLERYTHVTRAYSRLGKAYQDVISGICERMANGMCDFLTRKVETKADYDLY
CHYVAGLVGHGLTLLYVSSGLEDVRLADDLTNANHMGLFLQKTNIIRDFYEDICEVPPRVFWPREIWEKYTDDLHAFKDE
LHEAKAVECLNAMVADALVHVPHVVEYLASLRDPSVFTFSAIPQVMAMATLSLVFNNKDVFHTKVKTTRGATARIFHYST
ELQATLQMLKTYTLRLAARMNAQDACYDRIEHLVNDAIRAMESHQ
;
_entity_poly.pdbx_strand_id   A,B,C,D
#
loop_
_chem_comp.id
_chem_comp.type
_chem_comp.name
_chem_comp.formula
8PH non-polymer 'hydrogen [(1R)-2-(3-decyl-1H-imidazol-3-ium-1-yl)-1-hydroxy-1-phosphonoethyl]phosphonate' 'C15 H30 N2 O7 P2'
#
# COMPACT_ATOMS: atom_id res chain seq x y z
N ASP A 25 -23.14 25.78 -35.61
CA ASP A 25 -23.33 27.26 -35.51
C ASP A 25 -24.20 27.59 -34.30
N GLU A 26 -25.45 27.13 -34.33
CA GLU A 26 -26.38 27.38 -33.24
C GLU A 26 -25.81 26.77 -31.95
N ASP A 27 -25.05 25.70 -32.11
CA ASP A 27 -24.43 25.01 -30.98
C ASP A 27 -23.28 25.88 -30.46
N LEU A 28 -22.43 26.31 -31.38
CA LEU A 28 -21.28 27.14 -31.05
C LEU A 28 -21.70 28.46 -30.42
N ARG A 29 -22.86 28.98 -30.84
CA ARG A 29 -23.35 30.23 -30.30
C ARG A 29 -23.83 30.02 -28.86
N PHE A 30 -24.24 28.79 -28.56
CA PHE A 30 -24.70 28.45 -27.22
C PHE A 30 -23.50 28.41 -26.28
N CYS A 31 -22.41 27.81 -26.78
CA CYS A 31 -21.19 27.67 -26.00
C CYS A 31 -20.73 29.03 -25.46
N TYR A 32 -20.80 30.05 -26.30
CA TYR A 32 -20.39 31.39 -25.90
C TYR A 32 -21.39 32.02 -24.93
N ASP A 33 -22.68 31.74 -25.12
CA ASP A 33 -23.70 32.28 -24.24
C ASP A 33 -23.55 31.69 -22.85
N ILE A 34 -23.36 30.38 -22.79
CA ILE A 34 -23.21 29.67 -21.53
C ILE A 34 -21.86 30.00 -20.88
N LEU A 35 -20.85 30.23 -21.72
CA LEU A 35 -19.51 30.57 -21.24
C LEU A 35 -19.52 31.92 -20.52
N GLN A 36 -20.18 32.90 -21.13
CA GLN A 36 -20.26 34.24 -20.56
C GLN A 36 -21.11 34.23 -19.29
N ALA A 37 -21.93 33.19 -19.13
CA ALA A 37 -22.80 33.08 -17.97
C ALA A 37 -22.10 32.38 -16.80
N VAL A 38 -21.42 31.28 -17.09
CA VAL A 38 -20.71 30.51 -16.08
C VAL A 38 -19.43 31.22 -15.64
N SER A 39 -18.68 31.70 -16.61
CA SER A 39 -17.41 32.39 -16.35
C SER A 39 -17.43 33.85 -16.75
N ARG A 40 -17.46 34.75 -15.76
CA ARG A 40 -17.45 36.16 -16.09
C ARG A 40 -16.00 36.66 -16.09
N SER A 41 -15.09 35.80 -15.62
CA SER A 41 -13.68 36.14 -15.57
C SER A 41 -12.98 35.67 -16.85
N PHE A 42 -12.93 34.35 -17.04
CA PHE A 42 -12.27 33.77 -18.21
C PHE A 42 -12.91 34.26 -19.51
N ALA A 43 -14.23 34.17 -19.60
CA ALA A 43 -14.96 34.58 -20.80
C ALA A 43 -14.54 35.94 -21.35
N VAL A 44 -13.97 36.79 -20.49
CA VAL A 44 -13.54 38.11 -20.92
C VAL A 44 -12.17 38.04 -21.60
N VAL A 45 -11.26 37.27 -21.00
CA VAL A 45 -9.92 37.12 -21.53
C VAL A 45 -9.89 36.27 -22.79
N ILE A 46 -10.88 35.39 -22.94
CA ILE A 46 -10.95 34.52 -24.10
C ILE A 46 -11.27 35.29 -25.38
N MET A 47 -11.92 36.46 -25.23
CA MET A 47 -12.27 37.27 -26.39
C MET A 47 -11.02 37.86 -27.01
N GLU A 48 -9.91 37.75 -26.29
CA GLU A 48 -8.64 38.23 -26.79
C GLU A 48 -8.25 37.20 -27.83
N LEU A 49 -8.87 36.01 -27.77
CA LEU A 49 -8.56 34.93 -28.70
C LEU A 49 -9.15 35.14 -30.11
N ASP A 50 -8.94 34.20 -31.05
CA ASP A 50 -9.39 34.50 -32.43
C ASP A 50 -10.48 33.91 -33.32
N GLU A 51 -10.84 32.62 -33.25
CA GLU A 51 -11.91 32.05 -34.11
C GLU A 51 -11.57 30.63 -34.56
N GLU A 52 -11.54 29.71 -33.63
CA GLU A 52 -11.16 28.33 -33.93
C GLU A 52 -10.32 28.05 -32.71
N MET A 53 -9.46 29.01 -32.43
CA MET A 53 -8.58 28.98 -31.27
C MET A 53 -9.57 29.38 -30.20
N ARG A 54 -10.29 30.47 -30.43
CA ARG A 54 -11.26 30.93 -29.46
C ARG A 54 -12.36 29.91 -29.33
N ASP A 55 -12.81 29.35 -30.45
CA ASP A 55 -13.85 28.34 -30.40
C ASP A 55 -13.30 27.11 -29.67
N ALA A 56 -12.13 26.65 -30.09
CA ALA A 56 -11.51 25.50 -29.46
C ALA A 56 -11.31 25.76 -27.97
N VAL A 57 -10.75 26.92 -27.65
CA VAL A 57 -10.52 27.29 -26.26
C VAL A 57 -11.83 27.39 -25.51
N CYS A 58 -12.88 27.85 -26.19
CA CYS A 58 -14.20 27.98 -25.58
C CYS A 58 -14.76 26.60 -25.28
N ILE A 59 -14.66 25.70 -26.26
CA ILE A 59 -15.15 24.34 -26.09
C ILE A 59 -14.32 23.66 -25.01
N PHE A 60 -13.00 23.81 -25.11
CA PHE A 60 -12.07 23.21 -24.16
C PHE A 60 -12.43 23.61 -22.73
N TYR A 61 -12.81 24.88 -22.54
CA TYR A 61 -13.18 25.37 -21.22
C TYR A 61 -14.46 24.69 -20.74
N LEU A 62 -15.50 24.77 -21.56
CA LEU A 62 -16.79 24.18 -21.23
C LEU A 62 -16.67 22.70 -20.87
N VAL A 63 -15.77 21.99 -21.55
CA VAL A 63 -15.55 20.58 -21.29
C VAL A 63 -15.00 20.38 -19.89
N LEU A 64 -13.98 21.16 -19.54
CA LEU A 64 -13.36 21.08 -18.23
C LEU A 64 -14.29 21.60 -17.15
N ARG A 65 -15.13 22.57 -17.52
CA ARG A 65 -16.08 23.15 -16.58
C ARG A 65 -17.17 22.14 -16.24
N ALA A 66 -17.60 21.38 -17.24
CA ALA A 66 -18.63 20.37 -17.04
C ALA A 66 -18.05 19.27 -16.16
N LEU A 67 -16.79 18.96 -16.39
CA LEU A 67 -16.08 17.93 -15.63
C LEU A 67 -15.96 18.34 -14.16
N ASP A 68 -15.57 19.59 -13.93
CA ASP A 68 -15.40 20.12 -12.60
C ASP A 68 -16.69 20.09 -11.78
N THR A 69 -17.82 20.29 -12.46
CA THR A 69 -19.12 20.29 -11.79
C THR A 69 -19.41 18.93 -11.17
N VAL A 70 -19.32 17.88 -11.98
CA VAL A 70 -19.58 16.52 -11.52
C VAL A 70 -18.63 16.12 -10.40
N GLU A 71 -17.36 16.48 -10.55
CA GLU A 71 -16.34 16.15 -9.56
C GLU A 71 -16.47 16.91 -8.24
N ASP A 72 -16.80 18.20 -8.33
CA ASP A 72 -16.90 19.01 -7.12
C ASP A 72 -18.24 18.87 -6.41
N ASP A 73 -19.21 18.24 -7.06
CA ASP A 73 -20.53 18.03 -6.45
C ASP A 73 -20.40 16.93 -5.41
N MET A 74 -20.59 17.28 -4.14
CA MET A 74 -20.47 16.30 -3.06
C MET A 74 -21.68 15.39 -2.88
N SER A 75 -22.84 15.82 -3.36
CA SER A 75 -24.05 15.00 -3.23
C SER A 75 -23.89 13.75 -4.09
N ILE A 76 -22.98 13.81 -5.05
CA ILE A 76 -22.72 12.67 -5.94
C ILE A 76 -21.78 11.69 -5.26
N PRO A 77 -22.19 10.41 -5.15
CA PRO A 77 -21.37 9.38 -4.52
C PRO A 77 -19.98 9.26 -5.16
N VAL A 78 -18.98 8.99 -4.33
CA VAL A 78 -17.60 8.86 -4.78
C VAL A 78 -17.39 7.77 -5.82
N GLU A 79 -17.85 6.55 -5.53
CA GLU A 79 -17.69 5.44 -6.47
C GLU A 79 -18.16 5.79 -7.87
N PHE A 80 -19.25 6.55 -7.96
CA PHE A 80 -19.77 6.95 -9.26
C PHE A 80 -18.68 7.72 -10.02
N LYS A 81 -18.17 8.77 -9.39
CA LYS A 81 -17.13 9.62 -9.97
C LYS A 81 -15.94 8.80 -10.45
N LEU A 82 -15.51 7.84 -9.64
CA LEU A 82 -14.35 7.01 -10.00
C LEU A 82 -14.64 6.09 -11.18
N ARG A 83 -15.91 5.94 -11.53
CA ARG A 83 -16.30 5.08 -12.64
C ARG A 83 -16.69 5.87 -13.89
N GLU A 84 -17.26 7.05 -13.70
CA GLU A 84 -17.70 7.87 -14.82
C GLU A 84 -16.73 8.96 -15.25
N LEU A 85 -16.01 9.55 -14.30
CA LEU A 85 -15.06 10.62 -14.63
C LEU A 85 -13.97 10.18 -15.63
N PRO A 86 -13.31 9.04 -15.38
CA PRO A 86 -12.26 8.55 -16.27
C PRO A 86 -12.72 8.40 -17.72
N LYS A 87 -14.03 8.30 -17.92
CA LYS A 87 -14.59 8.13 -19.26
C LYS A 87 -15.43 9.33 -19.69
N PHE A 88 -15.33 10.43 -18.95
CA PHE A 88 -16.11 11.62 -19.27
C PHE A 88 -15.82 12.15 -20.67
N HIS A 89 -14.58 12.01 -21.11
CA HIS A 89 -14.19 12.50 -22.43
C HIS A 89 -14.90 11.76 -23.57
N GLU A 90 -15.24 10.49 -23.36
CA GLU A 90 -15.92 9.72 -24.38
C GLU A 90 -17.20 10.41 -24.84
N HIS A 91 -17.83 11.15 -23.93
CA HIS A 91 -19.06 11.85 -24.24
C HIS A 91 -18.87 12.90 -25.34
N LEU A 92 -17.62 13.34 -25.53
CA LEU A 92 -17.32 14.32 -26.55
C LEU A 92 -17.57 13.74 -27.94
N HIS A 93 -17.56 12.41 -28.01
CA HIS A 93 -17.78 11.72 -29.28
C HIS A 93 -19.22 11.25 -29.44
N ASP A 94 -20.06 11.61 -28.46
CA ASP A 94 -21.48 11.25 -28.50
C ASP A 94 -22.33 12.51 -28.35
N THR A 95 -22.89 12.95 -29.47
CA THR A 95 -23.72 14.16 -29.52
C THR A 95 -25.11 14.03 -28.91
N THR A 96 -25.45 12.85 -28.39
CA THR A 96 -26.76 12.63 -27.80
C THR A 96 -26.72 12.66 -26.28
N TRP A 97 -25.51 12.55 -25.73
CA TRP A 97 -25.31 12.53 -24.29
C TRP A 97 -25.58 13.87 -23.60
N CYS A 98 -25.86 13.80 -22.30
CA CYS A 98 -26.13 14.97 -21.48
C CYS A 98 -26.34 14.53 -20.02
N MET A 99 -26.61 15.49 -19.13
CA MET A 99 -26.84 15.18 -17.73
C MET A 99 -28.01 16.03 -17.24
N SER A 100 -28.93 15.42 -16.49
CA SER A 100 -30.13 16.14 -16.02
C SER A 100 -30.05 16.93 -14.73
N GLY A 101 -30.00 16.25 -13.58
CA GLY A 101 -29.97 16.95 -12.32
C GLY A 101 -28.63 17.06 -11.61
N VAL A 102 -27.78 17.96 -12.09
CA VAL A 102 -26.46 18.13 -11.47
C VAL A 102 -25.99 19.58 -11.54
N GLY A 103 -25.45 20.07 -10.43
CA GLY A 103 -24.94 21.43 -10.39
C GLY A 103 -25.99 22.51 -10.20
N VAL A 104 -25.53 23.69 -9.78
CA VAL A 104 -26.42 24.83 -9.55
C VAL A 104 -26.29 25.85 -10.67
N GLY A 105 -27.21 26.80 -10.71
CA GLY A 105 -27.18 27.84 -11.72
C GLY A 105 -27.03 27.34 -13.15
N ARG A 106 -26.36 28.15 -13.98
CA ARG A 106 -26.12 27.82 -15.37
C ARG A 106 -25.37 26.50 -15.57
N GLU A 107 -24.58 26.12 -14.57
CA GLU A 107 -23.82 24.88 -14.65
C GLU A 107 -24.74 23.70 -14.91
N ARG A 108 -25.91 23.72 -14.28
CA ARG A 108 -26.89 22.66 -14.46
C ARG A 108 -27.34 22.65 -15.92
N GLU A 109 -27.53 23.84 -16.48
CA GLU A 109 -27.96 23.99 -17.87
C GLU A 109 -26.88 23.51 -18.83
N LEU A 110 -25.62 23.77 -18.47
CA LEU A 110 -24.49 23.36 -19.30
C LEU A 110 -24.51 21.85 -19.50
N LEU A 111 -24.79 21.12 -18.42
CA LEU A 111 -24.84 19.67 -18.47
C LEU A 111 -26.11 19.16 -19.14
N GLU A 112 -27.23 19.81 -18.85
CA GLU A 112 -28.51 19.42 -19.44
C GLU A 112 -28.54 19.63 -20.95
N ARG A 113 -27.73 20.56 -21.43
CA ARG A 113 -27.66 20.86 -22.86
C ARG A 113 -26.22 20.71 -23.36
N TYR A 114 -25.54 19.68 -22.86
CA TYR A 114 -24.16 19.42 -23.24
C TYR A 114 -24.07 19.05 -24.72
N THR A 115 -25.21 18.72 -25.30
CA THR A 115 -25.27 18.33 -26.71
C THR A 115 -24.56 19.37 -27.57
N HIS A 116 -24.90 20.63 -27.36
CA HIS A 116 -24.30 21.73 -28.11
C HIS A 116 -22.77 21.70 -28.07
N VAL A 117 -22.22 21.46 -26.89
CA VAL A 117 -20.77 21.40 -26.73
C VAL A 117 -20.16 20.32 -27.61
N THR A 118 -20.73 19.11 -27.55
CA THR A 118 -20.23 18.00 -28.35
C THR A 118 -20.49 18.27 -29.83
N ARG A 119 -21.62 18.92 -30.11
CA ARG A 119 -21.98 19.25 -31.48
C ARG A 119 -20.88 20.12 -32.08
N ALA A 120 -20.57 21.21 -31.39
CA ALA A 120 -19.53 22.13 -31.83
C ALA A 120 -18.17 21.46 -31.81
N TYR A 121 -17.94 20.63 -30.80
CA TYR A 121 -16.69 19.90 -30.64
C TYR A 121 -16.35 19.13 -31.91
N SER A 122 -17.35 18.38 -32.41
CA SER A 122 -17.17 17.56 -33.60
C SER A 122 -16.77 18.35 -34.84
N ARG A 123 -17.05 19.65 -34.85
CA ARG A 123 -16.69 20.47 -36.01
C ARG A 123 -15.32 21.14 -35.90
N LEU A 124 -14.60 20.83 -34.83
CA LEU A 124 -13.26 21.39 -34.64
C LEU A 124 -12.27 20.53 -35.40
N GLY A 125 -11.02 20.99 -35.47
CA GLY A 125 -10.01 20.23 -36.17
C GLY A 125 -9.58 19.07 -35.30
N LYS A 126 -9.37 17.90 -35.89
CA LYS A 126 -8.97 16.73 -35.14
C LYS A 126 -7.80 17.07 -34.22
N ALA A 127 -6.96 18.00 -34.67
CA ALA A 127 -5.82 18.45 -33.89
C ALA A 127 -6.31 19.06 -32.57
N TYR A 128 -7.25 19.99 -32.69
CA TYR A 128 -7.82 20.64 -31.51
C TYR A 128 -8.56 19.61 -30.65
N GLN A 129 -9.33 18.75 -31.32
CA GLN A 129 -10.10 17.73 -30.62
C GLN A 129 -9.22 16.81 -29.77
N ASP A 130 -8.14 16.31 -30.37
CA ASP A 130 -7.24 15.42 -29.66
C ASP A 130 -6.68 16.06 -28.40
N VAL A 131 -6.32 17.34 -28.49
CA VAL A 131 -5.78 18.06 -27.35
C VAL A 131 -6.81 18.12 -26.21
N ILE A 132 -8.02 18.55 -26.57
CA ILE A 132 -9.11 18.66 -25.60
C ILE A 132 -9.46 17.31 -24.98
N SER A 133 -9.74 16.33 -25.83
CA SER A 133 -10.09 15.00 -25.37
C SER A 133 -9.01 14.41 -24.47
N GLY A 134 -7.77 14.46 -24.95
CA GLY A 134 -6.66 13.93 -24.17
C GLY A 134 -6.49 14.58 -22.81
N ILE A 135 -6.40 15.90 -22.79
CA ILE A 135 -6.23 16.65 -21.55
C ILE A 135 -7.40 16.43 -20.60
N CYS A 136 -8.62 16.39 -21.15
CA CYS A 136 -9.80 16.17 -20.33
C CYS A 136 -9.64 14.90 -19.52
N GLU A 137 -9.28 13.81 -20.21
CA GLU A 137 -9.10 12.51 -19.58
C GLU A 137 -8.03 12.53 -18.49
N ARG A 138 -6.82 12.95 -18.86
CA ARG A 138 -5.72 13.01 -17.91
C ARG A 138 -6.12 13.76 -16.65
N MET A 139 -6.87 14.85 -16.84
CA MET A 139 -7.32 15.66 -15.71
C MET A 139 -8.35 14.88 -14.90
N ALA A 140 -9.31 14.28 -15.58
CA ALA A 140 -10.36 13.51 -14.93
C ALA A 140 -9.75 12.42 -14.05
N ASN A 141 -8.79 11.68 -14.59
CA ASN A 141 -8.13 10.63 -13.84
C ASN A 141 -7.36 11.18 -12.65
N GLY A 142 -6.75 12.34 -12.82
CA GLY A 142 -6.02 12.96 -11.75
C GLY A 142 -6.96 13.36 -10.63
N MET A 143 -8.14 13.84 -11.01
CA MET A 143 -9.15 14.25 -10.04
C MET A 143 -9.60 13.04 -9.24
N CYS A 144 -9.82 11.92 -9.93
CA CYS A 144 -10.24 10.68 -9.29
C CYS A 144 -9.24 10.24 -8.24
N ASP A 145 -7.97 10.57 -8.47
CA ASP A 145 -6.89 10.21 -7.55
C ASP A 145 -7.04 10.92 -6.21
N PHE A 146 -7.34 12.21 -6.25
CA PHE A 146 -7.48 13.00 -5.03
C PHE A 146 -8.87 12.98 -4.41
N LEU A 147 -9.78 12.21 -4.98
CA LEU A 147 -11.13 12.10 -4.44
C LEU A 147 -11.09 11.16 -3.24
N THR A 148 -10.13 10.25 -3.26
CA THR A 148 -9.99 9.27 -2.18
C THR A 148 -8.74 9.47 -1.34
N ARG A 149 -8.33 10.72 -1.16
CA ARG A 149 -7.15 11.04 -0.36
C ARG A 149 -6.92 12.54 -0.25
N LYS A 150 -6.51 12.98 0.94
CA LYS A 150 -6.27 14.39 1.20
C LYS A 150 -4.93 14.88 0.66
N VAL A 151 -4.80 16.20 0.54
CA VAL A 151 -3.55 16.81 0.07
C VAL A 151 -2.68 17.00 1.30
N GLU A 152 -1.91 15.98 1.63
CA GLU A 152 -1.04 16.01 2.81
C GLU A 152 0.27 16.77 2.60
N THR A 153 1.07 16.32 1.65
CA THR A 153 2.37 16.93 1.40
C THR A 153 2.37 18.05 0.36
N LYS A 154 3.49 18.75 0.29
CA LYS A 154 3.66 19.84 -0.67
C LYS A 154 3.62 19.23 -2.05
N ALA A 155 4.21 18.05 -2.19
CA ALA A 155 4.25 17.33 -3.46
C ALA A 155 2.82 17.06 -3.92
N ASP A 156 1.98 16.64 -2.99
CA ASP A 156 0.58 16.36 -3.30
C ASP A 156 -0.04 17.63 -3.86
N TYR A 157 0.22 18.74 -3.16
CA TYR A 157 -0.29 20.05 -3.55
C TYR A 157 0.09 20.40 -4.99
N ASP A 158 1.35 20.19 -5.33
CA ASP A 158 1.84 20.47 -6.68
C ASP A 158 1.23 19.55 -7.72
N LEU A 159 0.98 18.30 -7.35
CA LEU A 159 0.39 17.34 -8.26
C LEU A 159 -1.06 17.69 -8.55
N TYR A 160 -1.80 18.04 -7.49
CA TYR A 160 -3.20 18.41 -7.64
C TYR A 160 -3.29 19.59 -8.58
N CYS A 161 -2.56 20.65 -8.27
CA CYS A 161 -2.55 21.85 -9.08
C CYS A 161 -2.16 21.52 -10.52
N HIS A 162 -1.43 20.43 -10.70
CA HIS A 162 -1.02 19.99 -12.03
C HIS A 162 -2.20 19.39 -12.77
N TYR A 163 -2.95 18.53 -12.09
CA TYR A 163 -4.11 17.86 -12.67
C TYR A 163 -5.22 18.81 -13.09
N VAL A 164 -5.55 19.78 -12.24
CA VAL A 164 -6.65 20.70 -12.52
C VAL A 164 -6.27 22.04 -13.14
N ALA A 165 -4.99 22.40 -13.13
CA ALA A 165 -4.56 23.67 -13.71
C ALA A 165 -3.30 23.53 -14.55
N GLY A 166 -2.33 22.78 -14.05
CA GLY A 166 -1.09 22.57 -14.78
C GLY A 166 -1.32 21.97 -16.15
N LEU A 167 -2.27 21.04 -16.24
CA LEU A 167 -2.59 20.38 -17.49
C LEU A 167 -3.27 21.34 -18.47
N VAL A 168 -4.00 22.30 -17.94
CA VAL A 168 -4.67 23.28 -18.79
C VAL A 168 -3.57 24.08 -19.47
N GLY A 169 -2.43 24.19 -18.80
CA GLY A 169 -1.30 24.91 -19.35
C GLY A 169 -0.80 24.15 -20.55
N HIS A 170 -0.66 22.83 -20.39
CA HIS A 170 -0.19 21.97 -21.48
C HIS A 170 -1.17 22.08 -22.64
N GLY A 171 -2.43 21.80 -22.35
CA GLY A 171 -3.47 21.85 -23.38
C GLY A 171 -3.38 23.09 -24.25
N LEU A 172 -3.51 24.26 -23.64
CA LEU A 172 -3.44 25.52 -24.37
C LEU A 172 -2.15 25.62 -25.16
N THR A 173 -1.03 25.27 -24.52
CA THR A 173 0.27 25.33 -25.17
C THR A 173 0.29 24.44 -26.41
N LEU A 174 -0.42 23.33 -26.36
CA LEU A 174 -0.48 22.40 -27.47
C LEU A 174 -1.43 22.94 -28.54
N LEU A 175 -2.43 23.69 -28.11
CA LEU A 175 -3.39 24.29 -29.04
C LEU A 175 -2.72 25.41 -29.83
N TYR A 176 -1.76 26.09 -29.20
CA TYR A 176 -1.02 27.17 -29.85
C TYR A 176 -0.21 26.58 -31.01
N VAL A 177 0.60 25.57 -30.69
CA VAL A 177 1.43 24.91 -31.69
C VAL A 177 0.58 24.35 -32.80
N SER A 178 -0.52 23.72 -32.43
CA SER A 178 -1.45 23.12 -33.38
C SER A 178 -1.98 24.15 -34.39
N SER A 179 -2.39 25.31 -33.87
CA SER A 179 -2.93 26.37 -34.71
C SER A 179 -1.85 27.03 -35.55
N GLY A 180 -0.59 26.69 -35.30
CA GLY A 180 0.50 27.27 -36.05
C GLY A 180 0.80 28.70 -35.66
N LEU A 181 0.03 29.24 -34.72
CA LEU A 181 0.22 30.60 -34.24
C LEU A 181 1.54 30.74 -33.50
N GLU A 182 1.98 29.65 -32.88
CA GLU A 182 3.24 29.65 -32.14
C GLU A 182 4.23 28.68 -32.76
N ASP A 183 5.51 28.87 -32.44
CA ASP A 183 6.55 28.00 -32.96
C ASP A 183 6.41 26.61 -32.33
N VAL A 184 6.66 25.58 -33.13
CA VAL A 184 6.54 24.20 -32.64
C VAL A 184 7.50 23.93 -31.47
N ARG A 185 8.60 24.68 -31.41
CA ARG A 185 9.58 24.53 -30.35
C ARG A 185 8.93 24.59 -28.96
N LEU A 186 7.91 25.44 -28.85
CA LEU A 186 7.20 25.65 -27.61
C LEU A 186 6.77 24.38 -26.87
N ALA A 187 6.12 23.47 -27.58
CA ALA A 187 5.63 22.24 -26.98
C ALA A 187 6.71 21.21 -26.62
N ASP A 188 7.97 21.55 -26.83
CA ASP A 188 9.05 20.61 -26.50
C ASP A 188 9.06 20.29 -25.02
N ASP A 189 9.18 21.33 -24.19
CA ASP A 189 9.20 21.16 -22.75
C ASP A 189 8.02 21.92 -22.14
N LEU A 190 7.03 21.17 -21.67
CA LEU A 190 5.83 21.77 -21.08
C LEU A 190 5.95 22.06 -19.59
N THR A 191 7.17 22.14 -19.07
CA THR A 191 7.38 22.40 -17.66
C THR A 191 6.90 23.79 -17.26
N ASN A 192 7.33 24.82 -18.00
CA ASN A 192 6.93 26.18 -17.70
C ASN A 192 5.44 26.37 -17.96
N ALA A 193 4.89 25.58 -18.88
CA ALA A 193 3.46 25.66 -19.18
C ALA A 193 2.71 25.24 -17.93
N ASN A 194 3.30 24.32 -17.17
CA ASN A 194 2.72 23.82 -15.95
C ASN A 194 2.83 24.89 -14.87
N HIS A 195 3.93 25.64 -14.90
CA HIS A 195 4.15 26.71 -13.94
C HIS A 195 3.12 27.82 -14.14
N MET A 196 2.71 28.02 -15.38
CA MET A 196 1.71 29.03 -15.70
C MET A 196 0.41 28.70 -14.98
N GLY A 197 0.03 27.43 -15.03
CA GLY A 197 -1.19 26.98 -14.38
C GLY A 197 -1.09 27.01 -12.88
N LEU A 198 -0.06 26.37 -12.34
CA LEU A 198 0.14 26.32 -10.89
C LEU A 198 0.10 27.70 -10.25
N PHE A 199 0.64 28.70 -10.93
CA PHE A 199 0.66 30.05 -10.39
C PHE A 199 -0.75 30.60 -10.22
N LEU A 200 -1.58 30.41 -11.24
CA LEU A 200 -2.96 30.88 -11.19
C LEU A 200 -3.76 30.10 -10.14
N GLN A 201 -3.77 28.78 -10.29
CA GLN A 201 -4.51 27.91 -9.39
C GLN A 201 -4.17 28.14 -7.92
N LYS A 202 -2.89 28.25 -7.61
CA LYS A 202 -2.47 28.48 -6.23
C LYS A 202 -2.94 29.83 -5.71
N THR A 203 -2.78 30.87 -6.51
CA THR A 203 -3.21 32.21 -6.12
C THR A 203 -4.68 32.17 -5.72
N ASN A 204 -5.49 31.45 -6.49
CA ASN A 204 -6.92 31.33 -6.20
C ASN A 204 -7.17 30.51 -4.94
N ILE A 205 -6.41 29.43 -4.78
CA ILE A 205 -6.55 28.59 -3.61
C ILE A 205 -6.24 29.41 -2.36
N ILE A 206 -5.28 30.30 -2.48
CA ILE A 206 -4.87 31.17 -1.37
C ILE A 206 -5.91 32.25 -1.14
N ARG A 207 -6.42 32.82 -2.23
CA ARG A 207 -7.40 33.89 -2.16
C ARG A 207 -8.79 33.41 -1.72
N ASP A 208 -9.19 32.24 -2.20
CA ASP A 208 -10.51 31.70 -1.87
C ASP A 208 -10.51 30.77 -0.66
N PHE A 209 -9.60 30.99 0.28
CA PHE A 209 -9.54 30.14 1.47
C PHE A 209 -10.83 30.12 2.26
N TYR A 210 -11.29 31.30 2.67
CA TYR A 210 -12.50 31.43 3.46
C TYR A 210 -13.72 30.82 2.78
N GLU A 211 -13.92 31.14 1.51
CA GLU A 211 -15.04 30.63 0.75
C GLU A 211 -15.07 29.11 0.71
N ASP A 212 -13.89 28.50 0.60
CA ASP A 212 -13.78 27.04 0.53
C ASP A 212 -14.00 26.35 1.88
N ILE A 213 -13.38 26.88 2.93
CA ILE A 213 -13.50 26.29 4.25
C ILE A 213 -14.87 26.51 4.89
N CYS A 214 -15.71 27.30 4.21
CA CYS A 214 -17.04 27.58 4.72
C CYS A 214 -18.10 26.67 4.09
N GLU A 215 -17.80 26.14 2.91
CA GLU A 215 -18.74 25.25 2.22
C GLU A 215 -19.08 24.02 3.05
N VAL A 216 -20.02 23.24 2.55
CA VAL A 216 -20.46 22.02 3.22
C VAL A 216 -20.44 20.84 2.25
N PRO A 217 -19.50 19.91 2.42
CA PRO A 217 -18.47 19.92 3.46
C PRO A 217 -17.34 20.89 3.16
N PRO A 218 -16.58 21.29 4.19
CA PRO A 218 -15.48 22.24 4.00
C PRO A 218 -14.41 21.72 3.04
N ARG A 219 -14.10 22.51 2.02
CA ARG A 219 -13.09 22.13 1.03
C ARG A 219 -11.74 22.74 1.38
N VAL A 220 -10.76 21.86 1.56
CA VAL A 220 -9.41 22.29 1.90
C VAL A 220 -8.42 21.89 0.81
N PHE A 221 -7.53 22.82 0.45
CA PHE A 221 -6.54 22.56 -0.57
C PHE A 221 -5.14 22.88 -0.06
N TRP A 222 -5.08 23.74 0.96
CA TRP A 222 -3.81 24.11 1.56
C TRP A 222 -3.19 22.82 2.13
N PRO A 223 -1.98 22.46 1.67
CA PRO A 223 -1.29 21.25 2.12
C PRO A 223 -0.93 21.25 3.61
N ARG A 224 -1.22 20.14 4.27
CA ARG A 224 -0.93 19.98 5.70
C ARG A 224 0.53 20.28 5.99
N GLU A 225 1.41 19.84 5.09
CA GLU A 225 2.84 20.05 5.26
C GLU A 225 3.16 21.49 5.61
N ILE A 226 2.33 22.41 5.15
CA ILE A 226 2.54 23.84 5.42
C ILE A 226 1.73 24.39 6.58
N TRP A 227 0.42 24.16 6.58
CA TRP A 227 -0.42 24.68 7.64
C TRP A 227 -0.35 23.99 8.99
N GLU A 228 0.44 22.92 9.09
CA GLU A 228 0.52 22.21 10.36
C GLU A 228 1.54 22.83 11.34
N LYS A 229 2.29 23.82 10.88
CA LYS A 229 3.25 24.48 11.76
C LYS A 229 2.48 25.49 12.58
N TYR A 230 1.43 26.04 11.97
CA TYR A 230 0.62 27.07 12.57
C TYR A 230 -0.67 26.62 13.24
N THR A 231 -1.13 25.41 12.94
CA THR A 231 -2.37 24.94 13.55
C THR A 231 -2.63 23.44 13.44
N ASP A 232 -3.40 22.93 14.40
CA ASP A 232 -3.77 21.52 14.44
C ASP A 232 -5.04 21.36 13.61
N ASP A 233 -5.97 22.29 13.77
CA ASP A 233 -7.22 22.29 13.04
C ASP A 233 -7.26 23.52 12.15
N LEU A 234 -7.45 23.29 10.85
CA LEU A 234 -7.47 24.37 9.86
C LEU A 234 -8.60 25.38 10.05
N HIS A 235 -9.72 24.95 10.64
CA HIS A 235 -10.84 25.85 10.85
C HIS A 235 -10.51 26.97 11.83
N ALA A 236 -9.48 26.75 12.64
CA ALA A 236 -9.06 27.73 13.63
C ALA A 236 -8.71 29.08 12.99
N PHE A 237 -8.26 29.04 11.73
CA PHE A 237 -7.89 30.27 11.04
C PHE A 237 -9.06 31.21 10.82
N LYS A 238 -10.29 30.70 10.96
CA LYS A 238 -11.47 31.53 10.79
C LYS A 238 -11.63 32.41 12.03
N ASP A 239 -11.19 31.89 13.17
CA ASP A 239 -11.28 32.61 14.42
C ASP A 239 -10.19 33.67 14.49
N GLU A 240 -10.60 34.90 14.73
CA GLU A 240 -9.69 36.04 14.83
C GLU A 240 -8.59 35.78 15.86
N LEU A 241 -8.89 34.93 16.84
CA LEU A 241 -7.95 34.59 17.89
C LEU A 241 -6.64 34.06 17.31
N HIS A 242 -6.75 33.27 16.25
CA HIS A 242 -5.59 32.66 15.60
C HIS A 242 -5.12 33.44 14.37
N GLU A 243 -5.48 34.73 14.31
CA GLU A 243 -5.10 35.56 13.18
C GLU A 243 -3.60 35.56 12.95
N ALA A 244 -2.84 35.76 14.03
CA ALA A 244 -1.37 35.78 13.96
C ALA A 244 -0.83 34.61 13.15
N LYS A 245 -1.25 33.41 13.51
CA LYS A 245 -0.80 32.20 12.83
C LYS A 245 -1.36 32.11 11.41
N ALA A 246 -2.64 32.45 11.28
CA ALA A 246 -3.31 32.40 9.99
C ALA A 246 -2.52 33.21 8.95
N VAL A 247 -2.09 34.41 9.32
CA VAL A 247 -1.34 35.26 8.43
C VAL A 247 0.03 34.68 8.08
N GLU A 248 0.69 34.09 9.08
CA GLU A 248 2.00 33.48 8.85
C GLU A 248 1.87 32.37 7.82
N CYS A 249 0.88 31.51 8.01
CA CYS A 249 0.64 30.40 7.08
C CYS A 249 0.36 30.99 5.71
N LEU A 250 -0.49 32.01 5.67
CA LEU A 250 -0.86 32.69 4.45
C LEU A 250 0.38 33.11 3.66
N ASN A 251 1.32 33.73 4.36
CA ASN A 251 2.56 34.19 3.73
C ASN A 251 3.42 33.03 3.28
N ALA A 252 3.26 31.88 3.94
CA ALA A 252 4.02 30.69 3.58
C ALA A 252 3.47 30.15 2.27
N MET A 253 2.17 30.34 2.07
CA MET A 253 1.49 29.90 0.87
C MET A 253 1.92 30.76 -0.32
N VAL A 254 2.00 32.07 -0.07
CA VAL A 254 2.40 33.02 -1.10
C VAL A 254 3.82 32.73 -1.57
N ALA A 255 4.72 32.53 -0.62
CA ALA A 255 6.12 32.23 -0.94
C ALA A 255 6.12 31.00 -1.86
N ASP A 256 5.28 30.04 -1.52
CA ASP A 256 5.16 28.81 -2.28
C ASP A 256 4.72 29.10 -3.72
N ALA A 257 3.95 30.16 -3.89
CA ALA A 257 3.44 30.55 -5.21
C ALA A 257 4.47 31.35 -6.02
N LEU A 258 5.20 32.21 -5.34
CA LEU A 258 6.21 33.05 -6.00
C LEU A 258 7.26 32.24 -6.75
N VAL A 259 7.39 30.97 -6.38
CA VAL A 259 8.36 30.08 -7.01
C VAL A 259 8.14 29.92 -8.51
N HIS A 260 6.89 29.99 -8.94
CA HIS A 260 6.53 29.83 -10.35
C HIS A 260 6.70 31.07 -11.20
N VAL A 261 6.75 32.24 -10.56
CA VAL A 261 6.88 33.51 -11.28
C VAL A 261 7.98 33.52 -12.34
N PRO A 262 9.23 33.21 -11.95
CA PRO A 262 10.34 33.20 -12.91
C PRO A 262 10.02 32.42 -14.18
N HIS A 263 9.39 31.26 -14.02
CA HIS A 263 9.02 30.42 -15.14
C HIS A 263 7.87 31.03 -15.93
N VAL A 264 6.98 31.73 -15.23
CA VAL A 264 5.86 32.38 -15.88
C VAL A 264 6.41 33.42 -16.84
N VAL A 265 7.44 34.11 -16.41
CA VAL A 265 8.08 35.13 -17.23
C VAL A 265 8.70 34.49 -18.47
N GLU A 266 9.43 33.40 -18.27
CA GLU A 266 10.07 32.69 -19.37
C GLU A 266 9.09 32.25 -20.44
N TYR A 267 7.94 31.76 -20.02
CA TYR A 267 6.91 31.30 -20.95
C TYR A 267 6.32 32.46 -21.74
N LEU A 268 5.97 33.53 -21.04
CA LEU A 268 5.41 34.71 -21.69
C LEU A 268 6.44 35.34 -22.62
N ALA A 269 7.70 35.21 -22.25
CA ALA A 269 8.78 35.77 -23.05
C ALA A 269 9.02 34.93 -24.30
N SER A 270 8.55 33.69 -24.28
CA SER A 270 8.73 32.80 -25.42
C SER A 270 7.54 32.80 -26.40
N LEU A 271 6.56 33.67 -26.14
CA LEU A 271 5.39 33.76 -27.02
C LEU A 271 5.65 34.82 -28.09
N ARG A 272 5.23 34.54 -29.32
CA ARG A 272 5.43 35.47 -30.43
C ARG A 272 4.14 36.09 -30.96
N ASP A 273 3.05 35.33 -30.88
CA ASP A 273 1.76 35.82 -31.37
C ASP A 273 1.06 36.76 -30.39
N PRO A 274 0.58 37.92 -30.90
CA PRO A 274 -0.11 38.92 -30.10
C PRO A 274 -1.31 38.38 -29.32
N SER A 275 -2.28 37.81 -30.02
CA SER A 275 -3.48 37.26 -29.40
C SER A 275 -3.12 36.28 -28.29
N VAL A 276 -2.35 35.25 -28.65
CA VAL A 276 -1.92 34.23 -27.70
C VAL A 276 -1.23 34.83 -26.49
N PHE A 277 -0.41 35.85 -26.71
CA PHE A 277 0.30 36.49 -25.62
C PHE A 277 -0.65 37.14 -24.63
N THR A 278 -1.43 38.11 -25.10
CA THR A 278 -2.38 38.81 -24.26
C THR A 278 -3.24 37.84 -23.47
N PHE A 279 -3.73 36.81 -24.16
CA PHE A 279 -4.58 35.80 -23.54
C PHE A 279 -3.86 35.03 -22.44
N SER A 280 -2.55 34.89 -22.59
CA SER A 280 -1.74 34.16 -21.61
C SER A 280 -1.20 35.09 -20.53
N ALA A 281 -0.84 36.30 -20.93
CA ALA A 281 -0.27 37.28 -20.00
C ALA A 281 -1.27 37.93 -19.05
N ILE A 282 -2.41 38.38 -19.57
CA ILE A 282 -3.41 39.02 -18.73
C ILE A 282 -3.71 38.23 -17.45
N PRO A 283 -4.13 36.97 -17.58
CA PRO A 283 -4.45 36.16 -16.40
C PRO A 283 -3.30 36.14 -15.38
N GLN A 284 -2.07 36.14 -15.88
CA GLN A 284 -0.89 36.11 -15.03
C GLN A 284 -0.72 37.42 -14.26
N VAL A 285 -0.84 38.54 -14.96
CA VAL A 285 -0.71 39.84 -14.30
C VAL A 285 -1.82 39.96 -13.27
N MET A 286 -2.99 39.44 -13.61
CA MET A 286 -4.14 39.46 -12.71
C MET A 286 -3.81 38.70 -11.44
N ALA A 287 -3.12 37.57 -11.61
CA ALA A 287 -2.74 36.73 -10.48
C ALA A 287 -1.73 37.44 -9.58
N MET A 288 -0.67 37.97 -10.18
CA MET A 288 0.37 38.67 -9.43
C MET A 288 -0.21 39.87 -8.67
N ALA A 289 -1.28 40.45 -9.22
CA ALA A 289 -1.92 41.59 -8.58
C ALA A 289 -2.68 41.11 -7.36
N THR A 290 -3.49 40.08 -7.55
CA THR A 290 -4.28 39.51 -6.47
C THR A 290 -3.36 39.00 -5.37
N LEU A 291 -2.23 38.44 -5.77
CA LEU A 291 -1.26 37.89 -4.82
C LEU A 291 -0.65 39.00 -3.96
N SER A 292 -0.35 40.14 -4.58
CA SER A 292 0.26 41.25 -3.86
C SER A 292 -0.73 41.92 -2.91
N LEU A 293 -2.01 41.56 -3.03
CA LEU A 293 -3.04 42.14 -2.18
C LEU A 293 -3.43 41.21 -1.04
N VAL A 294 -3.26 39.90 -1.26
CA VAL A 294 -3.60 38.92 -0.24
C VAL A 294 -2.41 38.65 0.68
N PHE A 295 -1.21 38.86 0.16
CA PHE A 295 0.01 38.64 0.94
C PHE A 295 0.01 39.44 2.23
N ASN A 296 0.29 38.77 3.34
CA ASN A 296 0.34 39.41 4.65
C ASN A 296 -0.92 40.22 4.92
N ASN A 297 -2.03 39.76 4.36
CA ASN A 297 -3.32 40.41 4.53
C ASN A 297 -4.19 39.55 5.45
N LYS A 298 -4.70 40.15 6.52
CA LYS A 298 -5.52 39.43 7.48
C LYS A 298 -7.00 39.28 7.10
N ASP A 299 -7.40 39.92 6.00
CA ASP A 299 -8.79 39.85 5.56
C ASP A 299 -9.10 38.62 4.72
N VAL A 300 -8.06 37.91 4.29
CA VAL A 300 -8.25 36.71 3.48
C VAL A 300 -8.98 35.63 4.26
N PHE A 301 -9.09 35.82 5.58
CA PHE A 301 -9.74 34.85 6.44
C PHE A 301 -11.17 35.20 6.86
N HIS A 302 -11.77 36.18 6.21
CA HIS A 302 -13.13 36.58 6.55
C HIS A 302 -13.82 37.31 5.40
N THR A 303 -13.20 37.29 4.22
CA THR A 303 -13.75 37.95 3.05
C THR A 303 -12.95 37.64 1.80
N LYS A 304 -13.50 38.00 0.64
CA LYS A 304 -12.82 37.76 -0.63
C LYS A 304 -12.10 39.02 -1.12
N VAL A 305 -10.78 39.00 -1.08
CA VAL A 305 -9.98 40.13 -1.51
C VAL A 305 -9.91 40.23 -3.04
N LYS A 306 -10.40 41.34 -3.57
CA LYS A 306 -10.40 41.57 -5.01
C LYS A 306 -9.61 42.83 -5.35
N THR A 307 -9.29 42.98 -6.64
CA THR A 307 -8.56 44.15 -7.11
C THR A 307 -9.63 45.10 -7.64
N THR A 308 -9.36 46.40 -7.58
CA THR A 308 -10.33 47.39 -8.06
C THR A 308 -10.58 47.15 -9.54
N ARG A 309 -11.78 47.50 -10.02
CA ARG A 309 -12.08 47.32 -11.43
C ARG A 309 -11.15 48.19 -12.26
N GLY A 310 -10.59 49.21 -11.61
CA GLY A 310 -9.67 50.09 -12.30
C GLY A 310 -8.32 49.41 -12.49
N ALA A 311 -7.87 48.72 -11.45
CA ALA A 311 -6.61 48.01 -11.49
C ALA A 311 -6.64 46.97 -12.61
N THR A 312 -7.68 46.15 -12.60
CA THR A 312 -7.84 45.10 -13.60
C THR A 312 -8.11 45.69 -14.99
N ALA A 313 -8.87 46.79 -15.03
CA ALA A 313 -9.17 47.45 -16.30
C ALA A 313 -7.86 47.82 -16.98
N ARG A 314 -6.94 48.35 -16.20
CA ARG A 314 -5.64 48.76 -16.70
C ARG A 314 -4.85 47.54 -17.18
N ILE A 315 -4.95 46.44 -16.43
CA ILE A 315 -4.26 45.21 -16.77
C ILE A 315 -4.68 44.70 -18.14
N PHE A 316 -5.99 44.66 -18.38
CA PHE A 316 -6.52 44.21 -19.66
C PHE A 316 -6.04 45.14 -20.77
N HIS A 317 -5.79 46.40 -20.39
CA HIS A 317 -5.37 47.42 -21.33
C HIS A 317 -3.90 47.37 -21.77
N TYR A 318 -3.00 47.19 -20.80
CA TYR A 318 -1.57 47.16 -21.09
C TYR A 318 -0.90 45.80 -21.29
N SER A 319 -1.53 44.73 -20.80
CA SER A 319 -0.96 43.38 -20.94
C SER A 319 -1.15 42.81 -22.34
N THR A 320 -0.69 43.56 -23.33
CA THR A 320 -0.82 43.14 -24.73
C THR A 320 0.50 42.84 -25.41
N GLU A 321 1.61 43.24 -24.77
CA GLU A 321 2.95 42.98 -25.27
C GLU A 321 3.91 42.74 -24.10
N LEU A 322 4.96 41.96 -24.30
CA LEU A 322 5.91 41.67 -23.20
C LEU A 322 6.33 42.80 -22.29
N GLN A 323 7.00 43.79 -22.87
CA GLN A 323 7.52 44.90 -22.11
C GLN A 323 6.60 45.53 -21.09
N ALA A 324 5.36 45.82 -21.49
CA ALA A 324 4.44 46.46 -20.56
C ALA A 324 4.04 45.53 -19.44
N THR A 325 3.70 44.29 -19.81
CA THR A 325 3.27 43.29 -18.87
C THR A 325 4.36 43.00 -17.87
N LEU A 326 5.61 43.18 -18.29
CA LEU A 326 6.75 42.93 -17.41
C LEU A 326 6.88 43.98 -16.32
N GLN A 327 6.84 45.25 -16.71
CA GLN A 327 6.95 46.32 -15.73
C GLN A 327 5.74 46.37 -14.81
N MET A 328 4.68 45.66 -15.17
CA MET A 328 3.48 45.63 -14.33
C MET A 328 3.71 44.55 -13.28
N LEU A 329 4.26 43.42 -13.71
CA LEU A 329 4.57 42.33 -12.80
C LEU A 329 5.55 42.88 -11.77
N LYS A 330 6.58 43.54 -12.27
CA LYS A 330 7.61 44.15 -11.42
C LYS A 330 6.95 45.06 -10.40
N THR A 331 6.03 45.89 -10.86
CA THR A 331 5.32 46.82 -9.99
C THR A 331 4.58 46.08 -8.89
N TYR A 332 3.79 45.09 -9.26
CA TYR A 332 3.01 44.32 -8.30
C TYR A 332 3.86 43.47 -7.36
N THR A 333 4.97 42.94 -7.85
CA THR A 333 5.84 42.12 -7.00
C THR A 333 6.50 43.04 -5.99
N LEU A 334 6.67 44.30 -6.37
CA LEU A 334 7.28 45.29 -5.47
C LEU A 334 6.26 45.71 -4.42
N ARG A 335 5.02 45.93 -4.86
CA ARG A 335 3.96 46.32 -3.94
C ARG A 335 3.83 45.21 -2.91
N LEU A 336 3.94 43.97 -3.38
CA LEU A 336 3.85 42.79 -2.54
C LEU A 336 4.97 42.74 -1.51
N ALA A 337 6.17 43.05 -1.94
CA ALA A 337 7.34 43.04 -1.06
C ALA A 337 7.33 44.22 -0.09
N ALA A 338 6.73 45.32 -0.51
CA ALA A 338 6.66 46.52 0.32
C ALA A 338 5.57 46.43 1.38
N ARG A 339 4.97 45.27 1.52
CA ARG A 339 3.91 45.06 2.50
C ARG A 339 4.35 44.21 3.67
N MET A 340 5.64 44.20 3.96
CA MET A 340 6.17 43.41 5.07
C MET A 340 7.28 44.17 5.80
N ASN A 341 7.44 43.88 7.09
CA ASN A 341 8.46 44.53 7.90
C ASN A 341 9.66 43.59 8.09
N ALA A 342 10.75 44.12 8.63
CA ALA A 342 11.96 43.34 8.88
C ALA A 342 11.70 42.48 10.10
N GLN A 343 10.80 42.95 10.95
CA GLN A 343 10.45 42.24 12.17
C GLN A 343 9.90 40.83 11.86
N ASP A 344 8.83 40.77 11.06
CA ASP A 344 8.12 39.49 10.72
C ASP A 344 8.65 38.27 9.92
N ALA A 345 8.37 37.08 10.50
CA ALA A 345 8.72 35.73 10.02
C ALA A 345 9.28 35.47 8.56
N CYS A 346 8.41 35.52 7.55
CA CYS A 346 8.79 35.29 6.14
C CYS A 346 9.62 36.37 5.47
N TYR A 347 10.13 37.34 6.21
CA TYR A 347 10.95 38.38 5.56
C TYR A 347 12.00 37.78 4.59
N ASP A 348 12.92 37.02 5.15
CA ASP A 348 13.97 36.38 4.38
C ASP A 348 13.38 35.47 3.30
N ARG A 349 12.41 34.64 3.69
CA ARG A 349 11.77 33.71 2.77
C ARG A 349 11.27 34.45 1.52
N ILE A 350 10.52 35.52 1.74
CA ILE A 350 9.96 36.32 0.66
C ILE A 350 10.96 37.12 -0.17
N GLU A 351 11.70 38.02 0.48
CA GLU A 351 12.67 38.86 -0.22
C GLU A 351 13.52 38.08 -1.21
N HIS A 352 13.78 36.81 -0.91
CA HIS A 352 14.58 35.97 -1.79
C HIS A 352 13.80 35.63 -3.05
N LEU A 353 12.54 35.24 -2.87
CA LEU A 353 11.68 34.88 -3.99
C LEU A 353 11.33 36.12 -4.82
N VAL A 354 11.29 37.26 -4.17
CA VAL A 354 10.97 38.52 -4.85
C VAL A 354 12.12 38.92 -5.75
N ASN A 355 13.35 38.76 -5.26
CA ASN A 355 14.52 39.10 -6.04
C ASN A 355 14.65 38.20 -7.25
N ASP A 356 14.32 36.91 -7.09
CA ASP A 356 14.38 35.98 -8.21
C ASP A 356 13.44 36.39 -9.32
N ALA A 357 12.21 36.74 -8.94
CA ALA A 357 11.21 37.16 -9.92
C ALA A 357 11.68 38.40 -10.67
N ILE A 358 11.97 39.46 -9.93
CA ILE A 358 12.43 40.72 -10.52
C ILE A 358 13.65 40.47 -11.40
N ARG A 359 14.63 39.77 -10.85
CA ARG A 359 15.86 39.45 -11.58
C ARG A 359 15.50 38.76 -12.90
N ALA A 360 14.52 37.87 -12.86
CA ALA A 360 14.07 37.15 -14.05
C ALA A 360 13.35 38.10 -15.01
N MET A 361 12.66 39.08 -14.44
CA MET A 361 11.93 40.05 -15.26
C MET A 361 12.89 41.03 -15.93
N GLU A 362 13.87 41.50 -15.16
CA GLU A 362 14.86 42.43 -15.68
C GLU A 362 15.60 41.77 -16.84
N SER A 363 15.85 40.47 -16.68
CA SER A 363 16.55 39.67 -17.69
C SER A 363 15.85 39.69 -19.04
N HIS A 364 14.71 40.36 -19.11
CA HIS A 364 13.94 40.44 -20.36
C HIS A 364 13.57 41.87 -20.72
N GLN A 365 13.84 42.81 -19.81
CA GLN A 365 13.53 44.21 -20.05
C GLN A 365 14.67 44.90 -20.79
N ASP B 25 -26.54 -17.01 -40.04
CA ASP B 25 -25.72 -18.13 -39.57
C ASP B 25 -24.37 -18.15 -40.29
N GLU B 26 -24.32 -17.49 -41.44
CA GLU B 26 -23.10 -17.42 -42.25
C GLU B 26 -22.14 -16.36 -41.75
N ASP B 27 -22.69 -15.21 -41.36
CA ASP B 27 -21.86 -14.09 -40.89
C ASP B 27 -21.03 -14.45 -39.66
N LEU B 28 -21.70 -14.78 -38.56
CA LEU B 28 -21.01 -15.13 -37.32
C LEU B 28 -20.07 -16.31 -37.51
N ARG B 29 -20.42 -17.22 -38.43
CA ARG B 29 -19.60 -18.39 -38.68
C ARG B 29 -18.32 -17.98 -39.41
N PHE B 30 -18.39 -16.88 -40.14
CA PHE B 30 -17.23 -16.36 -40.87
C PHE B 30 -16.26 -15.74 -39.89
N CYS B 31 -16.81 -15.08 -38.87
CA CYS B 31 -16.00 -14.43 -37.85
C CYS B 31 -15.00 -15.38 -37.21
N TYR B 32 -15.49 -16.52 -36.73
CA TYR B 32 -14.61 -17.50 -36.09
C TYR B 32 -13.59 -18.09 -37.06
N ASP B 33 -14.00 -18.29 -38.32
CA ASP B 33 -13.08 -18.83 -39.31
C ASP B 33 -11.86 -17.94 -39.45
N ILE B 34 -12.11 -16.63 -39.58
CA ILE B 34 -11.03 -15.67 -39.73
C ILE B 34 -10.26 -15.55 -38.42
N LEU B 35 -10.97 -15.57 -37.31
CA LEU B 35 -10.35 -15.47 -35.99
C LEU B 35 -9.27 -16.54 -35.80
N GLN B 36 -9.68 -17.80 -35.99
CA GLN B 36 -8.79 -18.94 -35.83
C GLN B 36 -7.52 -18.89 -36.69
N ALA B 37 -7.60 -18.23 -37.84
CA ALA B 37 -6.45 -18.15 -38.75
C ALA B 37 -5.60 -16.90 -38.54
N VAL B 38 -6.13 -15.91 -37.84
CA VAL B 38 -5.40 -14.67 -37.59
C VAL B 38 -4.73 -14.71 -36.23
N SER B 39 -5.42 -15.29 -35.26
CA SER B 39 -4.90 -15.40 -33.90
C SER B 39 -4.89 -16.86 -33.51
N ARG B 40 -3.71 -17.48 -33.47
CA ARG B 40 -3.66 -18.88 -33.08
C ARG B 40 -3.53 -18.97 -31.58
N SER B 41 -3.26 -17.83 -30.94
CA SER B 41 -3.14 -17.77 -29.49
C SER B 41 -4.51 -17.51 -28.88
N PHE B 42 -5.02 -16.30 -29.12
CA PHE B 42 -6.32 -15.90 -28.60
C PHE B 42 -7.44 -16.86 -29.01
N ALA B 43 -7.43 -17.27 -30.27
CA ALA B 43 -8.45 -18.19 -30.80
C ALA B 43 -8.62 -19.43 -29.94
N VAL B 44 -7.62 -19.74 -29.12
CA VAL B 44 -7.69 -20.92 -28.26
C VAL B 44 -8.35 -20.57 -26.94
N VAL B 45 -7.85 -19.53 -26.29
CA VAL B 45 -8.36 -19.09 -25.00
C VAL B 45 -9.83 -18.69 -25.07
N ILE B 46 -10.20 -17.96 -26.12
CA ILE B 46 -11.58 -17.49 -26.29
C ILE B 46 -12.61 -18.61 -26.23
N MET B 47 -12.19 -19.83 -26.55
CA MET B 47 -13.11 -20.97 -26.53
C MET B 47 -13.49 -21.38 -25.10
N GLU B 48 -12.98 -20.63 -24.13
CA GLU B 48 -13.27 -20.92 -22.72
C GLU B 48 -14.55 -20.24 -22.27
N LEU B 49 -15.00 -19.24 -23.03
CA LEU B 49 -16.21 -18.49 -22.69
C LEU B 49 -17.46 -19.11 -23.29
N ASP B 50 -18.61 -18.83 -22.66
CA ASP B 50 -19.88 -19.34 -23.14
C ASP B 50 -20.19 -18.68 -24.49
N GLU B 51 -20.94 -19.38 -25.33
CA GLU B 51 -21.27 -18.87 -26.67
C GLU B 51 -21.64 -17.40 -26.74
N GLU B 52 -22.74 -17.00 -26.08
CA GLU B 52 -23.17 -15.61 -26.10
C GLU B 52 -22.01 -14.64 -25.89
N MET B 53 -21.41 -14.68 -24.71
CA MET B 53 -20.28 -13.81 -24.39
C MET B 53 -19.12 -14.02 -25.36
N ARG B 54 -18.88 -15.27 -25.74
CA ARG B 54 -17.79 -15.60 -26.64
C ARG B 54 -17.92 -14.91 -28.00
N ASP B 55 -19.14 -14.88 -28.53
CA ASP B 55 -19.38 -14.24 -29.81
C ASP B 55 -19.02 -12.76 -29.74
N ALA B 56 -19.40 -12.12 -28.64
CA ALA B 56 -19.11 -10.70 -28.45
C ALA B 56 -17.60 -10.48 -28.43
N VAL B 57 -16.91 -11.26 -27.60
CA VAL B 57 -15.45 -11.16 -27.49
C VAL B 57 -14.80 -11.44 -28.84
N CYS B 58 -15.45 -12.28 -29.64
CA CYS B 58 -14.94 -12.62 -30.96
C CYS B 58 -14.95 -11.41 -31.88
N ILE B 59 -16.07 -10.68 -31.88
CA ILE B 59 -16.20 -9.49 -32.70
C ILE B 59 -15.24 -8.42 -32.19
N PHE B 60 -15.19 -8.28 -30.87
CA PHE B 60 -14.31 -7.30 -30.23
C PHE B 60 -12.87 -7.47 -30.71
N TYR B 61 -12.45 -8.72 -30.86
CA TYR B 61 -11.09 -9.00 -31.32
C TYR B 61 -10.93 -8.63 -32.79
N LEU B 62 -11.79 -9.19 -33.63
CA LEU B 62 -11.74 -8.93 -35.07
C LEU B 62 -11.71 -7.43 -35.40
N VAL B 63 -12.48 -6.65 -34.65
CA VAL B 63 -12.52 -5.20 -34.88
C VAL B 63 -11.15 -4.60 -34.55
N LEU B 64 -10.59 -5.01 -33.41
CA LEU B 64 -9.30 -4.50 -32.99
C LEU B 64 -8.18 -5.01 -33.89
N ARG B 65 -8.32 -6.23 -34.39
CA ARG B 65 -7.31 -6.80 -35.27
C ARG B 65 -7.32 -6.07 -36.61
N ALA B 66 -8.51 -5.67 -37.05
CA ALA B 66 -8.65 -4.94 -38.30
C ALA B 66 -8.01 -3.58 -38.09
N LEU B 67 -8.27 -2.98 -36.93
CA LEU B 67 -7.72 -1.69 -36.58
C LEU B 67 -6.20 -1.80 -36.54
N ASP B 68 -5.72 -2.95 -36.10
CA ASP B 68 -4.29 -3.21 -35.99
C ASP B 68 -3.67 -3.45 -37.36
N THR B 69 -4.47 -4.00 -38.29
CA THR B 69 -4.00 -4.27 -39.64
C THR B 69 -3.57 -3.00 -40.37
N VAL B 70 -4.40 -1.96 -40.26
CA VAL B 70 -4.13 -0.69 -40.90
C VAL B 70 -2.85 -0.05 -40.34
N GLU B 71 -2.82 0.12 -39.02
CA GLU B 71 -1.67 0.72 -38.35
C GLU B 71 -0.36 0.00 -38.64
N ASP B 72 -0.43 -1.33 -38.75
CA ASP B 72 0.76 -2.14 -39.00
C ASP B 72 1.27 -2.12 -40.44
N ASP B 73 0.39 -1.95 -41.41
CA ASP B 73 0.80 -1.92 -42.81
C ASP B 73 1.78 -0.77 -43.04
N MET B 74 3.04 -1.10 -43.27
CA MET B 74 4.06 -0.08 -43.49
C MET B 74 4.21 0.35 -44.95
N SER B 75 3.47 -0.28 -45.84
CA SER B 75 3.51 0.07 -47.25
C SER B 75 2.36 1.02 -47.57
N ILE B 76 1.84 1.65 -46.53
CA ILE B 76 0.74 2.60 -46.66
C ILE B 76 1.11 3.88 -45.93
N PRO B 77 1.07 5.02 -46.63
CA PRO B 77 1.41 6.34 -46.06
C PRO B 77 0.67 6.68 -44.76
N VAL B 78 1.33 7.48 -43.93
CA VAL B 78 0.80 7.89 -42.63
C VAL B 78 -0.46 8.75 -42.65
N GLU B 79 -0.42 9.86 -43.38
CA GLU B 79 -1.57 10.76 -43.44
C GLU B 79 -2.86 10.06 -43.83
N PHE B 80 -2.74 8.85 -44.38
CA PHE B 80 -3.92 8.08 -44.77
C PHE B 80 -4.55 7.50 -43.51
N LYS B 81 -3.73 6.83 -42.71
CA LYS B 81 -4.18 6.20 -41.48
C LYS B 81 -4.73 7.25 -40.51
N LEU B 82 -3.98 8.33 -40.34
CA LEU B 82 -4.37 9.40 -39.44
C LEU B 82 -5.74 10.00 -39.76
N ARG B 83 -6.26 9.69 -40.95
CA ARG B 83 -7.56 10.19 -41.38
C ARG B 83 -8.65 9.14 -41.24
N GLU B 84 -8.31 7.90 -41.58
CA GLU B 84 -9.26 6.78 -41.52
C GLU B 84 -9.52 6.24 -40.11
N LEU B 85 -8.47 5.84 -39.42
CA LEU B 85 -8.56 5.26 -38.08
C LEU B 85 -9.54 5.95 -37.12
N PRO B 86 -9.32 7.24 -36.83
CA PRO B 86 -10.20 7.97 -35.90
C PRO B 86 -11.69 7.72 -36.11
N LYS B 87 -12.09 7.46 -37.35
CA LYS B 87 -13.50 7.21 -37.67
C LYS B 87 -13.70 5.78 -38.16
N PHE B 88 -13.02 4.83 -37.53
CA PHE B 88 -13.14 3.43 -37.92
C PHE B 88 -14.44 2.84 -37.39
N HIS B 89 -14.63 2.95 -36.07
CA HIS B 89 -15.82 2.42 -35.42
C HIS B 89 -17.11 2.76 -36.15
N GLU B 90 -17.17 3.96 -36.74
CA GLU B 90 -18.35 4.38 -37.47
C GLU B 90 -18.74 3.38 -38.54
N HIS B 91 -17.77 2.61 -39.01
CA HIS B 91 -18.00 1.61 -40.03
C HIS B 91 -18.67 0.36 -39.47
N LEU B 92 -18.81 0.31 -38.15
CA LEU B 92 -19.43 -0.82 -37.48
C LEU B 92 -20.92 -0.86 -37.77
N HIS B 93 -21.52 0.33 -37.93
CA HIS B 93 -22.94 0.45 -38.21
C HIS B 93 -23.25 0.45 -39.71
N ASP B 94 -22.24 0.20 -40.53
CA ASP B 94 -22.41 0.17 -41.98
C ASP B 94 -22.15 -1.25 -42.49
N THR B 95 -23.22 -1.92 -42.88
CA THR B 95 -23.15 -3.29 -43.38
C THR B 95 -22.50 -3.46 -44.76
N THR B 96 -22.08 -2.36 -45.37
CA THR B 96 -21.47 -2.43 -46.69
C THR B 96 -20.02 -1.96 -46.73
N TRP B 97 -19.55 -1.37 -45.64
CA TRP B 97 -18.19 -0.87 -45.58
C TRP B 97 -17.17 -2.00 -45.73
N CYS B 98 -15.95 -1.63 -46.10
CA CYS B 98 -14.87 -2.60 -46.29
C CYS B 98 -13.62 -1.88 -46.79
N MET B 99 -12.49 -2.58 -46.79
CA MET B 99 -11.25 -1.99 -47.26
C MET B 99 -10.47 -3.01 -48.06
N SER B 100 -9.83 -2.57 -49.14
CA SER B 100 -9.06 -3.48 -49.98
C SER B 100 -7.61 -3.06 -50.14
N GLY B 101 -6.75 -4.05 -50.30
CA GLY B 101 -5.35 -3.75 -50.49
C GLY B 101 -4.62 -3.39 -49.21
N VAL B 102 -5.09 -3.95 -48.11
CA VAL B 102 -4.48 -3.71 -46.79
C VAL B 102 -4.28 -5.02 -46.04
N GLY B 103 -3.11 -5.18 -45.42
CA GLY B 103 -2.85 -6.39 -44.67
C GLY B 103 -2.35 -7.51 -45.57
N VAL B 104 -1.62 -8.46 -44.99
CA VAL B 104 -1.09 -9.59 -45.74
C VAL B 104 -2.01 -10.79 -45.63
N GLY B 105 -2.20 -11.48 -46.76
CA GLY B 105 -3.04 -12.66 -46.78
C GLY B 105 -4.39 -12.57 -46.08
N ARG B 106 -4.58 -13.43 -45.08
CA ARG B 106 -5.82 -13.49 -44.32
C ARG B 106 -6.29 -12.16 -43.73
N GLU B 107 -5.38 -11.45 -43.06
CA GLU B 107 -5.74 -10.15 -42.47
C GLU B 107 -6.47 -9.32 -43.49
N ARG B 108 -5.99 -9.38 -44.74
CA ARG B 108 -6.57 -8.65 -45.85
C ARG B 108 -7.99 -9.10 -46.15
N GLU B 109 -8.24 -10.40 -46.00
CA GLU B 109 -9.57 -10.95 -46.25
C GLU B 109 -10.55 -10.38 -45.25
N LEU B 110 -10.09 -10.20 -44.01
CA LEU B 110 -10.90 -9.65 -42.93
C LEU B 110 -11.52 -8.32 -43.34
N LEU B 111 -10.66 -7.39 -43.77
CA LEU B 111 -11.10 -6.06 -44.18
C LEU B 111 -11.87 -6.10 -45.49
N GLU B 112 -11.44 -6.94 -46.42
CA GLU B 112 -12.09 -7.07 -47.72
C GLU B 112 -13.56 -7.47 -47.59
N ARG B 113 -13.84 -8.36 -46.64
CA ARG B 113 -15.21 -8.83 -46.42
C ARG B 113 -15.68 -8.45 -45.02
N TYR B 114 -15.28 -7.26 -44.58
CA TYR B 114 -15.64 -6.75 -43.26
C TYR B 114 -17.15 -6.63 -43.10
N THR B 115 -17.88 -6.96 -44.15
CA THR B 115 -19.34 -6.89 -44.14
C THR B 115 -19.92 -7.86 -43.11
N HIS B 116 -19.47 -9.11 -43.15
CA HIS B 116 -19.96 -10.12 -42.21
C HIS B 116 -19.77 -9.67 -40.77
N VAL B 117 -18.59 -9.12 -40.48
CA VAL B 117 -18.27 -8.64 -39.14
C VAL B 117 -19.37 -7.72 -38.61
N THR B 118 -19.66 -6.66 -39.36
CA THR B 118 -20.68 -5.69 -38.97
C THR B 118 -22.08 -6.31 -38.93
N ARG B 119 -22.34 -7.29 -39.78
CA ARG B 119 -23.64 -7.93 -39.79
C ARG B 119 -23.87 -8.64 -38.46
N ALA B 120 -22.94 -9.52 -38.10
CA ALA B 120 -23.03 -10.25 -36.84
C ALA B 120 -23.01 -9.24 -35.70
N TYR B 121 -22.28 -8.16 -35.91
CA TYR B 121 -22.16 -7.09 -34.92
C TYR B 121 -23.51 -6.40 -34.73
N SER B 122 -24.26 -6.26 -35.82
CA SER B 122 -25.55 -5.59 -35.78
C SER B 122 -26.62 -6.47 -35.11
N ARG B 123 -26.19 -7.59 -34.55
CA ARG B 123 -27.11 -8.50 -33.87
C ARG B 123 -26.73 -8.66 -32.40
N LEU B 124 -25.62 -8.04 -32.01
CA LEU B 124 -25.15 -8.11 -30.63
C LEU B 124 -25.92 -7.08 -29.80
N GLY B 125 -26.13 -7.41 -28.53
CA GLY B 125 -26.86 -6.51 -27.64
C GLY B 125 -26.32 -5.10 -27.65
N LYS B 126 -27.22 -4.13 -27.52
CA LYS B 126 -26.86 -2.72 -27.49
C LYS B 126 -25.78 -2.47 -26.45
N ALA B 127 -25.70 -3.35 -25.45
CA ALA B 127 -24.72 -3.23 -24.39
C ALA B 127 -23.31 -3.52 -24.90
N TYR B 128 -23.15 -4.67 -25.56
CA TYR B 128 -21.84 -5.06 -26.09
C TYR B 128 -21.35 -4.06 -27.14
N GLN B 129 -22.18 -3.80 -28.14
CA GLN B 129 -21.84 -2.87 -29.22
C GLN B 129 -21.23 -1.56 -28.71
N ASP B 130 -21.86 -0.98 -27.70
CA ASP B 130 -21.38 0.29 -27.14
C ASP B 130 -20.01 0.14 -26.50
N VAL B 131 -19.63 -1.10 -26.17
CA VAL B 131 -18.34 -1.37 -25.55
C VAL B 131 -17.27 -1.52 -26.63
N ILE B 132 -17.57 -2.35 -27.62
CA ILE B 132 -16.64 -2.59 -28.72
C ILE B 132 -16.37 -1.27 -29.43
N SER B 133 -17.44 -0.56 -29.76
CA SER B 133 -17.35 0.73 -30.44
C SER B 133 -16.60 1.73 -29.56
N GLY B 134 -16.89 1.69 -28.26
CA GLY B 134 -16.24 2.59 -27.33
C GLY B 134 -14.74 2.41 -27.30
N ILE B 135 -14.29 1.19 -27.02
CA ILE B 135 -12.86 0.88 -26.95
C ILE B 135 -12.18 1.06 -28.29
N CYS B 136 -12.87 0.65 -29.37
CA CYS B 136 -12.33 0.75 -30.71
C CYS B 136 -11.87 2.17 -31.01
N GLU B 137 -12.80 3.12 -30.90
CA GLU B 137 -12.53 4.53 -31.16
C GLU B 137 -11.42 5.08 -30.26
N ARG B 138 -11.42 4.68 -29.00
CA ARG B 138 -10.41 5.14 -28.05
C ARG B 138 -9.04 4.61 -28.46
N MET B 139 -8.99 3.34 -28.81
CA MET B 139 -7.75 2.69 -29.22
C MET B 139 -7.24 3.27 -30.54
N ALA B 140 -8.16 3.51 -31.47
CA ALA B 140 -7.83 4.04 -32.77
C ALA B 140 -7.02 5.33 -32.65
N ASN B 141 -7.63 6.37 -32.07
CA ASN B 141 -6.96 7.65 -31.90
C ASN B 141 -5.67 7.48 -31.09
N GLY B 142 -5.64 6.46 -30.26
CA GLY B 142 -4.46 6.21 -29.45
C GLY B 142 -3.30 5.77 -30.33
N MET B 143 -3.60 4.95 -31.32
CA MET B 143 -2.60 4.46 -32.26
C MET B 143 -2.09 5.63 -33.10
N CYS B 144 -3.03 6.46 -33.55
CA CYS B 144 -2.69 7.63 -34.35
C CYS B 144 -1.68 8.50 -33.62
N ASP B 145 -1.84 8.59 -32.30
CA ASP B 145 -0.94 9.39 -31.48
C ASP B 145 0.49 8.87 -31.56
N PHE B 146 0.64 7.55 -31.50
CA PHE B 146 1.96 6.93 -31.56
C PHE B 146 2.44 6.59 -32.96
N LEU B 147 1.77 7.13 -33.97
CA LEU B 147 2.16 6.91 -35.35
C LEU B 147 3.11 8.01 -35.78
N THR B 148 2.97 9.17 -35.13
CA THR B 148 3.80 10.33 -35.44
C THR B 148 4.93 10.53 -34.44
N ARG B 149 4.84 9.87 -33.28
CA ARG B 149 5.88 10.00 -32.27
C ARG B 149 6.44 8.67 -31.81
N LYS B 150 7.51 8.73 -31.02
CA LYS B 150 8.19 7.54 -30.51
C LYS B 150 7.98 7.36 -29.01
N VAL B 151 8.36 6.19 -28.51
CA VAL B 151 8.25 5.88 -27.09
C VAL B 151 9.57 6.28 -26.43
N GLU B 152 9.61 7.48 -25.89
CA GLU B 152 10.81 8.00 -25.26
C GLU B 152 10.86 7.80 -23.74
N THR B 153 9.84 8.28 -23.04
CA THR B 153 9.78 8.18 -21.59
C THR B 153 8.98 6.97 -21.10
N LYS B 154 9.17 6.63 -19.82
CA LYS B 154 8.45 5.52 -19.22
C LYS B 154 6.96 5.76 -19.31
N ALA B 155 6.57 7.03 -19.20
CA ALA B 155 5.17 7.41 -19.27
C ALA B 155 4.63 7.02 -20.66
N ASP B 156 5.46 7.22 -21.68
CA ASP B 156 5.10 6.89 -23.04
C ASP B 156 4.87 5.39 -23.15
N TYR B 157 5.85 4.63 -22.65
CA TYR B 157 5.80 3.18 -22.65
C TYR B 157 4.51 2.67 -22.01
N ASP B 158 4.15 3.24 -20.87
CA ASP B 158 2.94 2.84 -20.17
C ASP B 158 1.68 3.25 -20.94
N LEU B 159 1.71 4.44 -21.52
CA LEU B 159 0.58 4.94 -22.29
C LEU B 159 0.37 4.11 -23.55
N TYR B 160 1.47 3.81 -24.24
CA TYR B 160 1.40 3.02 -25.45
C TYR B 160 0.78 1.66 -25.16
N CYS B 161 1.30 0.99 -24.13
CA CYS B 161 0.80 -0.31 -23.73
C CYS B 161 -0.67 -0.21 -23.36
N HIS B 162 -1.07 0.95 -22.83
CA HIS B 162 -2.45 1.18 -22.45
C HIS B 162 -3.34 1.25 -23.68
N TYR B 163 -2.84 1.91 -24.72
CA TYR B 163 -3.58 2.05 -25.97
C TYR B 163 -3.78 0.74 -26.71
N VAL B 164 -2.76 -0.11 -26.70
CA VAL B 164 -2.84 -1.38 -27.40
C VAL B 164 -3.17 -2.60 -26.53
N ALA B 165 -3.07 -2.43 -25.21
CA ALA B 165 -3.36 -3.52 -24.29
C ALA B 165 -4.31 -3.11 -23.18
N GLY B 166 -3.92 -2.08 -22.43
CA GLY B 166 -4.75 -1.61 -21.33
C GLY B 166 -6.22 -1.51 -21.68
N LEU B 167 -6.52 -0.90 -22.82
CA LEU B 167 -7.90 -0.75 -23.27
C LEU B 167 -8.60 -2.08 -23.46
N VAL B 168 -7.85 -3.08 -23.94
CA VAL B 168 -8.43 -4.40 -24.14
C VAL B 168 -8.87 -4.95 -22.79
N GLY B 169 -8.12 -4.59 -21.76
CA GLY B 169 -8.45 -5.03 -20.41
C GLY B 169 -9.75 -4.38 -19.99
N HIS B 170 -9.83 -3.06 -20.13
CA HIS B 170 -11.03 -2.31 -19.77
C HIS B 170 -12.20 -2.90 -20.55
N GLY B 171 -12.03 -2.95 -21.87
CA GLY B 171 -13.06 -3.48 -22.74
C GLY B 171 -13.59 -4.84 -22.31
N LEU B 172 -12.70 -5.81 -22.21
CA LEU B 172 -13.08 -7.16 -21.80
C LEU B 172 -13.84 -7.15 -20.49
N THR B 173 -13.36 -6.35 -19.53
CA THR B 173 -14.01 -6.25 -18.23
C THR B 173 -15.46 -5.79 -18.37
N LEU B 174 -15.66 -4.77 -19.18
CA LEU B 174 -16.99 -4.22 -19.41
C LEU B 174 -17.92 -5.26 -20.01
N LEU B 175 -17.36 -6.13 -20.86
CA LEU B 175 -18.15 -7.18 -21.49
C LEU B 175 -18.62 -8.18 -20.43
N TYR B 176 -17.76 -8.45 -19.45
CA TYR B 176 -18.09 -9.38 -18.39
C TYR B 176 -19.30 -8.87 -17.61
N VAL B 177 -19.26 -7.60 -17.25
CA VAL B 177 -20.36 -6.97 -16.51
C VAL B 177 -21.62 -6.93 -17.37
N SER B 178 -21.45 -6.48 -18.61
CA SER B 178 -22.56 -6.39 -19.56
C SER B 178 -23.28 -7.73 -19.71
N SER B 179 -22.50 -8.81 -19.75
CA SER B 179 -23.04 -10.15 -19.91
C SER B 179 -23.75 -10.62 -18.63
N GLY B 180 -23.53 -9.89 -17.54
CA GLY B 180 -24.16 -10.26 -16.29
C GLY B 180 -23.51 -11.43 -15.59
N LEU B 181 -22.38 -11.91 -16.12
CA LEU B 181 -21.67 -13.03 -15.53
C LEU B 181 -20.84 -12.57 -14.33
N GLU B 182 -20.44 -11.30 -14.34
CA GLU B 182 -19.66 -10.74 -13.25
C GLU B 182 -20.46 -9.63 -12.59
N ASP B 183 -20.23 -9.43 -11.30
CA ASP B 183 -20.94 -8.40 -10.55
C ASP B 183 -20.55 -7.03 -11.11
N VAL B 184 -21.52 -6.15 -11.25
CA VAL B 184 -21.27 -4.81 -11.78
C VAL B 184 -20.22 -4.09 -10.94
N ARG B 185 -19.92 -4.65 -9.77
CA ARG B 185 -18.93 -4.07 -8.86
C ARG B 185 -17.57 -4.03 -9.55
N LEU B 186 -17.29 -5.07 -10.33
CA LEU B 186 -16.03 -5.23 -11.05
C LEU B 186 -15.59 -4.04 -11.90
N ALA B 187 -16.55 -3.37 -12.54
CA ALA B 187 -16.23 -2.23 -13.41
C ALA B 187 -16.26 -0.88 -12.69
N ASP B 188 -15.95 -0.87 -11.41
CA ASP B 188 -15.95 0.38 -10.64
C ASP B 188 -14.58 1.04 -10.63
N ASP B 189 -13.56 0.29 -11.03
CA ASP B 189 -12.19 0.80 -11.08
C ASP B 189 -11.37 -0.09 -12.01
N LEU B 190 -11.21 0.35 -13.24
CA LEU B 190 -10.47 -0.39 -14.25
C LEU B 190 -8.95 -0.21 -14.18
N THR B 191 -8.45 0.25 -13.04
CA THR B 191 -7.03 0.46 -12.88
C THR B 191 -6.28 -0.87 -12.99
N ASN B 192 -6.79 -1.90 -12.31
CA ASN B 192 -6.17 -3.21 -12.35
C ASN B 192 -6.42 -3.90 -13.69
N ALA B 193 -7.55 -3.60 -14.30
CA ALA B 193 -7.90 -4.18 -15.59
C ALA B 193 -6.83 -3.72 -16.58
N ASN B 194 -6.35 -2.50 -16.38
CA ASN B 194 -5.33 -1.92 -17.23
C ASN B 194 -4.01 -2.64 -16.95
N HIS B 195 -3.77 -2.94 -15.68
CA HIS B 195 -2.55 -3.64 -15.26
C HIS B 195 -2.48 -5.01 -15.93
N MET B 196 -3.64 -5.64 -16.10
CA MET B 196 -3.71 -6.95 -16.73
C MET B 196 -3.11 -6.87 -18.14
N GLY B 197 -3.67 -6.00 -18.95
CA GLY B 197 -3.20 -5.83 -20.32
C GLY B 197 -1.75 -5.43 -20.42
N LEU B 198 -1.34 -4.45 -19.63
CA LEU B 198 0.04 -3.99 -19.64
C LEU B 198 1.03 -5.11 -19.35
N PHE B 199 0.70 -5.97 -18.40
CA PHE B 199 1.58 -7.07 -18.05
C PHE B 199 1.84 -7.97 -19.26
N LEU B 200 0.79 -8.25 -20.03
CA LEU B 200 0.93 -9.10 -21.21
C LEU B 200 1.74 -8.38 -22.27
N GLN B 201 1.29 -7.18 -22.65
CA GLN B 201 1.96 -6.38 -23.65
C GLN B 201 3.43 -6.14 -23.31
N LYS B 202 3.70 -5.82 -22.05
CA LYS B 202 5.08 -5.57 -21.63
C LYS B 202 5.93 -6.82 -21.73
N THR B 203 5.35 -7.96 -21.38
CA THR B 203 6.07 -9.22 -21.43
C THR B 203 6.46 -9.52 -22.87
N ASN B 204 5.49 -9.45 -23.79
CA ASN B 204 5.75 -9.72 -25.19
C ASN B 204 6.78 -8.73 -25.76
N ILE B 205 6.60 -7.46 -25.44
CA ILE B 205 7.53 -6.44 -25.92
C ILE B 205 8.95 -6.79 -25.51
N ILE B 206 9.10 -7.37 -24.32
CA ILE B 206 10.40 -7.77 -23.81
C ILE B 206 10.92 -9.02 -24.53
N ARG B 207 10.06 -10.03 -24.63
CA ARG B 207 10.43 -11.28 -25.27
C ARG B 207 10.68 -11.10 -26.77
N ASP B 208 9.81 -10.36 -27.43
CA ASP B 208 9.92 -10.14 -28.87
C ASP B 208 10.81 -8.95 -29.24
N PHE B 209 11.96 -8.82 -28.59
CA PHE B 209 12.87 -7.72 -28.87
C PHE B 209 13.55 -7.90 -30.22
N TYR B 210 14.28 -9.01 -30.34
CA TYR B 210 15.00 -9.33 -31.57
C TYR B 210 14.09 -9.33 -32.78
N GLU B 211 12.96 -10.03 -32.66
CA GLU B 211 11.99 -10.13 -33.73
C GLU B 211 11.55 -8.76 -34.23
N ASP B 212 11.24 -7.86 -33.30
CA ASP B 212 10.79 -6.51 -33.66
C ASP B 212 11.88 -5.62 -34.23
N ILE B 213 13.10 -5.72 -33.70
CA ILE B 213 14.20 -4.89 -34.16
C ILE B 213 14.75 -5.30 -35.52
N CYS B 214 14.60 -6.57 -35.89
CA CYS B 214 15.10 -7.06 -37.16
C CYS B 214 14.21 -6.70 -38.35
N GLU B 215 13.01 -6.21 -38.05
CA GLU B 215 12.08 -5.81 -39.10
C GLU B 215 12.48 -4.48 -39.71
N VAL B 216 12.14 -4.27 -40.98
CA VAL B 216 12.48 -3.03 -41.67
C VAL B 216 11.22 -2.27 -42.05
N PRO B 217 11.05 -1.06 -41.49
CA PRO B 217 11.94 -0.41 -40.54
C PRO B 217 11.88 -1.03 -39.14
N PRO B 218 13.02 -1.03 -38.42
CA PRO B 218 13.13 -1.59 -37.06
C PRO B 218 12.10 -1.06 -36.06
N ARG B 219 11.36 -1.98 -35.45
CA ARG B 219 10.35 -1.62 -34.46
C ARG B 219 10.95 -1.61 -33.06
N VAL B 220 10.86 -0.46 -32.39
CA VAL B 220 11.39 -0.31 -31.05
C VAL B 220 10.30 0.16 -30.09
N PHE B 221 10.10 -0.60 -29.02
CA PHE B 221 9.08 -0.28 -28.02
C PHE B 221 9.69 -0.07 -26.64
N TRP B 222 10.96 -0.42 -26.51
CA TRP B 222 11.67 -0.25 -25.25
C TRP B 222 11.94 1.23 -25.06
N PRO B 223 11.36 1.84 -24.01
CA PRO B 223 11.51 3.27 -23.71
C PRO B 223 12.96 3.70 -23.47
N ARG B 224 13.34 4.81 -24.10
CA ARG B 224 14.69 5.36 -23.96
C ARG B 224 15.06 5.54 -22.50
N GLU B 225 14.13 6.12 -21.74
CA GLU B 225 14.35 6.38 -20.32
C GLU B 225 14.99 5.19 -19.61
N ILE B 226 14.66 3.98 -20.06
CA ILE B 226 15.20 2.76 -19.45
C ILE B 226 16.51 2.30 -20.07
N TRP B 227 16.55 2.13 -21.39
CA TRP B 227 17.76 1.65 -22.04
C TRP B 227 18.83 2.70 -22.28
N GLU B 228 18.48 3.98 -22.17
CA GLU B 228 19.47 5.03 -22.38
C GLU B 228 20.53 4.96 -21.28
N LYS B 229 20.20 4.25 -20.21
CA LYS B 229 21.10 4.08 -19.08
C LYS B 229 22.17 3.03 -19.38
N TYR B 230 21.92 2.20 -20.39
CA TYR B 230 22.84 1.14 -20.73
C TYR B 230 23.50 1.22 -22.11
N THR B 231 23.02 2.13 -22.97
CA THR B 231 23.62 2.23 -24.30
C THR B 231 23.17 3.45 -25.10
N ASP B 232 23.93 3.76 -26.14
CA ASP B 232 23.63 4.88 -27.03
C ASP B 232 22.81 4.34 -28.18
N ASP B 233 23.23 3.20 -28.71
CA ASP B 233 22.56 2.54 -29.81
C ASP B 233 21.87 1.29 -29.26
N LEU B 234 20.60 1.11 -29.61
CA LEU B 234 19.85 -0.05 -29.13
C LEU B 234 20.14 -1.28 -29.98
N HIS B 235 20.76 -1.06 -31.14
CA HIS B 235 21.11 -2.17 -32.03
C HIS B 235 22.35 -2.87 -31.51
N ALA B 236 23.08 -2.18 -30.64
CA ALA B 236 24.30 -2.72 -30.06
C ALA B 236 24.02 -4.01 -29.29
N PHE B 237 22.79 -4.16 -28.80
CA PHE B 237 22.42 -5.34 -28.04
C PHE B 237 22.35 -6.60 -28.91
N LYS B 238 22.33 -6.42 -30.23
CA LYS B 238 22.29 -7.55 -31.14
C LYS B 238 23.66 -8.19 -31.25
N ASP B 239 24.69 -7.41 -30.93
CA ASP B 239 26.07 -7.89 -31.00
C ASP B 239 26.51 -8.48 -29.65
N GLU B 240 27.10 -9.67 -29.72
CA GLU B 240 27.57 -10.38 -28.54
C GLU B 240 28.55 -9.55 -27.71
N LEU B 241 29.16 -8.56 -28.35
CA LEU B 241 30.13 -7.68 -27.68
C LEU B 241 29.53 -6.92 -26.50
N HIS B 242 28.38 -6.30 -26.72
CA HIS B 242 27.71 -5.52 -25.68
C HIS B 242 26.77 -6.38 -24.83
N GLU B 243 26.88 -7.70 -25.00
CA GLU B 243 26.06 -8.65 -24.27
C GLU B 243 25.77 -8.28 -22.82
N ALA B 244 26.82 -7.99 -22.06
CA ALA B 244 26.68 -7.64 -20.65
C ALA B 244 25.59 -6.59 -20.39
N LYS B 245 25.84 -5.36 -20.83
CA LYS B 245 24.88 -4.28 -20.64
C LYS B 245 23.50 -4.60 -21.22
N ALA B 246 23.49 -5.37 -22.30
CA ALA B 246 22.23 -5.76 -22.93
C ALA B 246 21.36 -6.51 -21.94
N VAL B 247 21.98 -7.43 -21.20
CA VAL B 247 21.28 -8.23 -20.21
C VAL B 247 20.78 -7.36 -19.05
N GLU B 248 21.59 -6.39 -18.63
CA GLU B 248 21.20 -5.52 -17.53
C GLU B 248 19.92 -4.78 -17.89
N CYS B 249 19.84 -4.30 -19.13
CA CYS B 249 18.67 -3.58 -19.61
C CYS B 249 17.47 -4.53 -19.62
N LEU B 250 17.70 -5.75 -20.09
CA LEU B 250 16.64 -6.76 -20.15
C LEU B 250 16.03 -6.96 -18.77
N ASN B 251 16.88 -6.95 -17.75
CA ASN B 251 16.43 -7.13 -16.37
C ASN B 251 15.64 -5.92 -15.88
N ALA B 252 16.03 -4.73 -16.33
CA ALA B 252 15.34 -3.51 -15.93
C ALA B 252 13.95 -3.52 -16.55
N MET B 253 13.84 -4.07 -17.76
CA MET B 253 12.57 -4.16 -18.46
C MET B 253 11.65 -5.12 -17.70
N VAL B 254 12.23 -6.24 -17.26
CA VAL B 254 11.49 -7.24 -16.51
C VAL B 254 11.04 -6.64 -15.18
N ALA B 255 11.92 -5.87 -14.55
CA ALA B 255 11.62 -5.23 -13.29
C ALA B 255 10.45 -4.28 -13.48
N ASP B 256 10.45 -3.56 -14.60
CA ASP B 256 9.39 -2.62 -14.91
C ASP B 256 8.08 -3.36 -15.10
N ALA B 257 8.17 -4.62 -15.50
CA ALA B 257 7.00 -5.45 -15.73
C ALA B 257 6.44 -6.03 -14.42
N LEU B 258 7.33 -6.45 -13.53
CA LEU B 258 6.93 -7.03 -12.25
C LEU B 258 6.04 -6.11 -11.41
N VAL B 259 6.07 -4.82 -11.70
CA VAL B 259 5.28 -3.84 -10.96
C VAL B 259 3.78 -4.07 -11.09
N HIS B 260 3.38 -4.82 -12.11
CA HIS B 260 1.97 -5.07 -12.36
C HIS B 260 1.43 -6.36 -11.75
N VAL B 261 2.32 -7.30 -11.47
CA VAL B 261 1.94 -8.59 -10.89
C VAL B 261 0.98 -8.48 -9.70
N PRO B 262 1.34 -7.72 -8.67
CA PRO B 262 0.46 -7.58 -7.51
C PRO B 262 -0.96 -7.19 -7.89
N HIS B 263 -1.07 -6.40 -8.96
CA HIS B 263 -2.37 -5.94 -9.45
C HIS B 263 -3.07 -7.04 -10.24
N VAL B 264 -2.29 -7.80 -10.99
CA VAL B 264 -2.83 -8.90 -11.79
C VAL B 264 -3.52 -9.88 -10.84
N VAL B 265 -2.88 -10.13 -9.71
CA VAL B 265 -3.41 -11.04 -8.70
C VAL B 265 -4.74 -10.52 -8.17
N GLU B 266 -4.80 -9.22 -7.88
CA GLU B 266 -6.01 -8.61 -7.35
C GLU B 266 -7.18 -8.78 -8.31
N TYR B 267 -6.94 -8.54 -9.60
CA TYR B 267 -8.00 -8.66 -10.59
C TYR B 267 -8.55 -10.09 -10.66
N LEU B 268 -7.66 -11.05 -10.85
CA LEU B 268 -8.06 -12.45 -10.93
C LEU B 268 -8.77 -12.90 -9.67
N ALA B 269 -8.36 -12.35 -8.52
CA ALA B 269 -8.96 -12.71 -7.24
C ALA B 269 -10.38 -12.17 -7.12
N SER B 270 -10.71 -11.15 -7.91
CA SER B 270 -12.04 -10.56 -7.87
C SER B 270 -13.00 -11.16 -8.90
N LEU B 271 -12.55 -12.20 -9.59
CA LEU B 271 -13.40 -12.86 -10.59
C LEU B 271 -14.20 -13.97 -9.90
N ARG B 272 -15.43 -14.16 -10.33
CA ARG B 272 -16.30 -15.18 -9.73
C ARG B 272 -16.74 -16.27 -10.69
N ASP B 273 -16.90 -15.92 -11.97
CA ASP B 273 -17.36 -16.89 -12.96
C ASP B 273 -16.21 -17.73 -13.54
N PRO B 274 -16.40 -19.06 -13.57
CA PRO B 274 -15.42 -20.03 -14.08
C PRO B 274 -14.88 -19.68 -15.47
N SER B 275 -15.77 -19.65 -16.45
CA SER B 275 -15.39 -19.33 -17.83
C SER B 275 -14.58 -18.04 -17.88
N VAL B 276 -15.14 -16.98 -17.33
CA VAL B 276 -14.46 -15.68 -17.31
C VAL B 276 -13.08 -15.77 -16.67
N PHE B 277 -13.00 -16.51 -15.57
CA PHE B 277 -11.73 -16.65 -14.86
C PHE B 277 -10.65 -17.29 -15.71
N THR B 278 -10.88 -18.51 -16.18
CA THR B 278 -9.90 -19.22 -17.00
C THR B 278 -9.45 -18.34 -18.16
N PHE B 279 -10.42 -17.81 -18.89
CA PHE B 279 -10.16 -16.94 -20.03
C PHE B 279 -9.27 -15.77 -19.65
N SER B 280 -9.42 -15.29 -18.43
CA SER B 280 -8.64 -14.15 -17.96
C SER B 280 -7.33 -14.57 -17.29
N ALA B 281 -7.33 -15.75 -16.68
CA ALA B 281 -6.15 -16.24 -15.98
C ALA B 281 -5.07 -16.83 -16.89
N ILE B 282 -5.48 -17.73 -17.78
CA ILE B 282 -4.54 -18.39 -18.69
C ILE B 282 -3.51 -17.44 -19.30
N PRO B 283 -3.95 -16.41 -20.04
CA PRO B 283 -2.99 -15.48 -20.64
C PRO B 283 -2.01 -14.87 -19.64
N GLN B 284 -2.47 -14.65 -18.41
CA GLN B 284 -1.62 -14.07 -17.37
C GLN B 284 -0.51 -15.00 -16.94
N VAL B 285 -0.86 -16.25 -16.61
CA VAL B 285 0.14 -17.22 -16.19
C VAL B 285 1.13 -17.44 -17.33
N MET B 286 0.61 -17.42 -18.56
CA MET B 286 1.45 -17.59 -19.74
C MET B 286 2.52 -16.50 -19.75
N ALA B 287 2.09 -15.26 -19.57
CA ALA B 287 2.98 -14.12 -19.55
C ALA B 287 4.03 -14.27 -18.46
N MET B 288 3.59 -14.65 -17.27
CA MET B 288 4.49 -14.84 -16.14
C MET B 288 5.52 -15.91 -16.44
N ALA B 289 5.05 -17.04 -16.99
CA ALA B 289 5.93 -18.15 -17.34
C ALA B 289 6.96 -17.68 -18.37
N THR B 290 6.50 -16.86 -19.31
CA THR B 290 7.39 -16.33 -20.34
C THR B 290 8.40 -15.38 -19.72
N LEU B 291 7.93 -14.55 -18.80
CA LEU B 291 8.79 -13.57 -18.12
C LEU B 291 9.88 -14.25 -17.29
N SER B 292 9.56 -15.40 -16.72
CA SER B 292 10.53 -16.13 -15.92
C SER B 292 11.60 -16.79 -16.78
N LEU B 293 11.34 -16.91 -18.07
CA LEU B 293 12.30 -17.52 -18.99
C LEU B 293 13.22 -16.48 -19.62
N VAL B 294 12.67 -15.32 -19.95
CA VAL B 294 13.44 -14.25 -20.57
C VAL B 294 14.33 -13.51 -19.58
N PHE B 295 13.88 -13.40 -18.34
CA PHE B 295 14.65 -12.70 -17.32
C PHE B 295 16.10 -13.17 -17.24
N ASN B 296 17.01 -12.21 -17.30
CA ASN B 296 18.44 -12.50 -17.23
C ASN B 296 18.85 -13.61 -18.19
N ASN B 297 18.36 -13.52 -19.42
CA ASN B 297 18.67 -14.50 -20.46
C ASN B 297 19.23 -13.77 -21.66
N LYS B 298 20.43 -14.16 -22.10
CA LYS B 298 21.06 -13.51 -23.25
C LYS B 298 20.47 -13.94 -24.58
N ASP B 299 19.93 -15.16 -24.62
CA ASP B 299 19.33 -15.69 -25.84
C ASP B 299 18.22 -14.78 -26.37
N VAL B 300 17.66 -13.97 -25.49
CA VAL B 300 16.60 -13.05 -25.87
C VAL B 300 17.05 -12.11 -26.99
N PHE B 301 18.35 -11.85 -27.07
CA PHE B 301 18.91 -10.93 -28.06
C PHE B 301 19.27 -11.56 -29.42
N HIS B 302 18.70 -12.72 -29.69
CA HIS B 302 18.94 -13.37 -30.96
C HIS B 302 17.99 -14.52 -31.36
N THR B 303 16.90 -14.67 -30.60
CA THR B 303 15.87 -15.68 -30.89
C THR B 303 14.65 -15.52 -29.98
N LYS B 304 13.57 -16.20 -30.35
CA LYS B 304 12.31 -16.14 -29.60
C LYS B 304 12.24 -17.20 -28.52
N VAL B 305 12.34 -16.77 -27.26
CA VAL B 305 12.27 -17.69 -26.13
C VAL B 305 10.83 -18.14 -25.91
N LYS B 306 10.57 -19.42 -26.13
CA LYS B 306 9.23 -19.96 -25.96
C LYS B 306 9.16 -20.93 -24.79
N THR B 307 7.95 -21.12 -24.25
CA THR B 307 7.76 -22.06 -23.16
C THR B 307 7.36 -23.37 -23.83
N THR B 308 7.71 -24.49 -23.21
CA THR B 308 7.38 -25.79 -23.79
C THR B 308 5.87 -25.93 -23.97
N ARG B 309 5.47 -26.74 -24.95
CA ARG B 309 4.05 -26.95 -25.21
C ARG B 309 3.40 -27.62 -24.01
N GLY B 310 4.17 -28.46 -23.32
CA GLY B 310 3.65 -29.14 -22.15
C GLY B 310 3.45 -28.16 -21.01
N ALA B 311 4.26 -27.11 -21.00
CA ALA B 311 4.17 -26.08 -19.97
C ALA B 311 2.86 -25.32 -20.12
N THR B 312 2.52 -24.96 -21.34
CA THR B 312 1.29 -24.23 -21.61
C THR B 312 0.11 -25.17 -21.43
N ALA B 313 0.25 -26.39 -21.91
CA ALA B 313 -0.80 -27.41 -21.80
C ALA B 313 -1.20 -27.53 -20.34
N ARG B 314 -0.20 -27.46 -19.47
CA ARG B 314 -0.42 -27.56 -18.03
C ARG B 314 -1.20 -26.34 -17.54
N ILE B 315 -0.72 -25.17 -17.93
CA ILE B 315 -1.35 -23.91 -17.55
C ILE B 315 -2.84 -23.89 -17.90
N PHE B 316 -3.17 -24.27 -19.13
CA PHE B 316 -4.57 -24.30 -19.55
C PHE B 316 -5.40 -25.20 -18.63
N HIS B 317 -4.84 -26.34 -18.27
CA HIS B 317 -5.53 -27.30 -17.41
C HIS B 317 -5.78 -26.80 -15.98
N TYR B 318 -4.74 -26.34 -15.31
CA TYR B 318 -4.86 -25.89 -13.93
C TYR B 318 -5.41 -24.48 -13.71
N SER B 319 -5.22 -23.60 -14.68
CA SER B 319 -5.70 -22.22 -14.54
C SER B 319 -7.21 -22.08 -14.68
N THR B 320 -7.95 -22.93 -13.97
CA THR B 320 -9.41 -22.89 -14.02
C THR B 320 -10.00 -22.28 -12.74
N GLU B 321 -9.23 -22.32 -11.66
CA GLU B 321 -9.67 -21.75 -10.39
C GLU B 321 -8.53 -20.98 -9.73
N LEU B 322 -8.88 -19.95 -8.97
CA LEU B 322 -7.91 -19.09 -8.30
C LEU B 322 -6.71 -19.78 -7.66
N GLN B 323 -6.93 -20.44 -6.53
CA GLN B 323 -5.86 -21.12 -5.81
C GLN B 323 -4.85 -21.85 -6.70
N ALA B 324 -5.35 -22.61 -7.66
CA ALA B 324 -4.49 -23.36 -8.56
C ALA B 324 -3.54 -22.45 -9.34
N THR B 325 -4.10 -21.45 -10.01
CA THR B 325 -3.31 -20.51 -10.81
C THR B 325 -2.35 -19.71 -9.93
N LEU B 326 -2.71 -19.51 -8.67
CA LEU B 326 -1.87 -18.75 -7.74
C LEU B 326 -0.55 -19.44 -7.45
N GLN B 327 -0.60 -20.74 -7.16
CA GLN B 327 0.63 -21.46 -6.85
C GLN B 327 1.53 -21.57 -8.08
N MET B 328 0.93 -21.52 -9.27
CA MET B 328 1.73 -21.59 -10.49
C MET B 328 2.49 -20.27 -10.60
N LEU B 329 1.77 -19.16 -10.53
CA LEU B 329 2.37 -17.84 -10.60
C LEU B 329 3.43 -17.78 -9.51
N LYS B 330 3.16 -18.46 -8.40
CA LYS B 330 4.08 -18.51 -7.27
C LYS B 330 5.35 -19.24 -7.68
N THR B 331 5.19 -20.42 -8.25
CA THR B 331 6.33 -21.22 -8.69
C THR B 331 7.15 -20.50 -9.75
N TYR B 332 6.46 -19.88 -10.70
CA TYR B 332 7.13 -19.17 -11.78
C TYR B 332 7.87 -17.93 -11.28
N THR B 333 7.29 -17.24 -10.30
CA THR B 333 7.93 -16.04 -9.76
C THR B 333 9.19 -16.42 -8.99
N LEU B 334 9.13 -17.52 -8.24
CA LEU B 334 10.29 -17.98 -7.48
C LEU B 334 11.38 -18.47 -8.42
N ARG B 335 10.97 -19.11 -9.51
CA ARG B 335 11.92 -19.61 -10.50
C ARG B 335 12.65 -18.43 -11.11
N LEU B 336 11.93 -17.33 -11.27
CA LEU B 336 12.49 -16.11 -11.84
C LEU B 336 13.55 -15.57 -10.89
N ALA B 337 13.21 -15.56 -9.60
CA ALA B 337 14.12 -15.07 -8.57
C ALA B 337 15.31 -16.01 -8.42
N ALA B 338 15.07 -17.30 -8.62
CA ALA B 338 16.12 -18.31 -8.50
C ALA B 338 17.09 -18.26 -9.67
N ARG B 339 16.73 -17.51 -10.71
CA ARG B 339 17.57 -17.38 -11.89
C ARG B 339 18.59 -16.25 -11.76
N MET B 340 19.00 -15.95 -10.54
CA MET B 340 19.96 -14.88 -10.33
C MET B 340 20.81 -15.06 -9.08
N ASN B 341 21.74 -14.13 -8.87
CA ASN B 341 22.64 -14.15 -7.74
C ASN B 341 22.62 -12.76 -7.10
N ALA B 342 23.07 -12.67 -5.85
CA ALA B 342 23.09 -11.39 -5.16
C ALA B 342 24.05 -10.44 -5.85
N GLN B 343 24.94 -10.99 -6.67
CA GLN B 343 25.93 -10.22 -7.41
C GLN B 343 25.31 -9.34 -8.50
N ASP B 344 24.22 -9.80 -9.09
CA ASP B 344 23.55 -9.08 -10.16
C ASP B 344 23.22 -7.63 -9.81
N ALA B 345 23.42 -6.74 -10.80
CA ALA B 345 23.20 -5.30 -10.64
C ALA B 345 21.79 -4.86 -10.25
N CYS B 346 20.78 -5.61 -10.64
CA CYS B 346 19.39 -5.25 -10.32
C CYS B 346 18.82 -6.06 -9.16
N TYR B 347 19.57 -7.08 -8.74
CA TYR B 347 19.17 -7.96 -7.65
C TYR B 347 18.20 -7.35 -6.63
N ASP B 348 18.61 -6.25 -6.02
CA ASP B 348 17.79 -5.59 -5.01
C ASP B 348 16.45 -5.08 -5.54
N ARG B 349 16.49 -4.38 -6.68
CA ARG B 349 15.28 -3.86 -7.29
C ARG B 349 14.28 -4.98 -7.56
N ILE B 350 14.80 -6.13 -8.00
CA ILE B 350 13.96 -7.29 -8.30
C ILE B 350 13.54 -8.00 -7.02
N GLU B 351 14.50 -8.28 -6.16
CA GLU B 351 14.24 -8.97 -4.90
C GLU B 351 13.01 -8.43 -4.18
N HIS B 352 12.92 -7.11 -4.05
CA HIS B 352 11.78 -6.51 -3.38
C HIS B 352 10.52 -6.56 -4.24
N LEU B 353 10.70 -6.51 -5.56
CA LEU B 353 9.57 -6.58 -6.48
C LEU B 353 9.00 -8.00 -6.48
N VAL B 354 9.88 -8.98 -6.24
CA VAL B 354 9.47 -10.36 -6.20
C VAL B 354 8.65 -10.61 -4.95
N ASN B 355 9.17 -10.16 -3.80
CA ASN B 355 8.46 -10.30 -2.54
C ASN B 355 7.10 -9.63 -2.64
N ASP B 356 7.06 -8.45 -3.24
CA ASP B 356 5.82 -7.71 -3.40
C ASP B 356 4.78 -8.55 -4.13
N ALA B 357 5.25 -9.30 -5.13
CA ALA B 357 4.39 -10.16 -5.93
C ALA B 357 3.89 -11.35 -5.11
N ILE B 358 4.83 -12.06 -4.50
CA ILE B 358 4.50 -13.22 -3.68
C ILE B 358 3.55 -12.86 -2.55
N ARG B 359 3.69 -11.65 -2.01
CA ARG B 359 2.83 -11.20 -0.92
C ARG B 359 1.36 -11.13 -1.32
N ALA B 360 1.09 -10.52 -2.47
CA ALA B 360 -0.27 -10.40 -2.96
C ALA B 360 -0.88 -11.78 -3.15
N MET B 361 -0.08 -12.70 -3.66
CA MET B 361 -0.54 -14.08 -3.89
C MET B 361 -0.89 -14.76 -2.58
N GLU B 362 0.04 -14.76 -1.63
CA GLU B 362 -0.18 -15.39 -0.33
C GLU B 362 -1.41 -14.74 0.31
N SER B 363 -1.57 -13.44 0.09
CA SER B 363 -2.68 -12.68 0.63
C SER B 363 -4.03 -13.30 0.26
N HIS B 364 -4.02 -14.21 -0.71
CA HIS B 364 -5.24 -14.85 -1.16
C HIS B 364 -5.18 -16.38 -1.05
N GLN B 365 -4.10 -16.87 -0.46
CA GLN B 365 -3.93 -18.33 -0.29
C GLN B 365 -4.38 -18.75 1.10
N ASP C 25 35.86 -9.84 41.89
CA ASP C 25 36.64 -8.62 42.02
C ASP C 25 37.57 -8.41 40.83
N GLU C 26 38.32 -9.45 40.47
CA GLU C 26 39.26 -9.38 39.35
C GLU C 26 38.55 -9.26 38.00
N ASP C 27 37.33 -9.80 37.92
CA ASP C 27 36.56 -9.76 36.68
C ASP C 27 36.11 -8.35 36.28
N LEU C 28 35.45 -7.65 37.18
CA LEU C 28 34.98 -6.30 36.91
C LEU C 28 36.10 -5.44 36.35
N ARG C 29 37.33 -5.75 36.74
CA ARG C 29 38.50 -5.00 36.29
C ARG C 29 38.77 -5.23 34.81
N PHE C 30 38.38 -6.41 34.31
CA PHE C 30 38.55 -6.74 32.90
C PHE C 30 37.48 -6.05 32.06
N CYS C 31 36.26 -6.03 32.59
CA CYS C 31 35.13 -5.42 31.90
C CYS C 31 35.35 -3.95 31.59
N TYR C 32 35.67 -3.16 32.62
CA TYR C 32 35.90 -1.73 32.44
C TYR C 32 37.06 -1.41 31.50
N ASP C 33 38.01 -2.32 31.39
CA ASP C 33 39.15 -2.11 30.50
C ASP C 33 38.74 -2.45 29.07
N ILE C 34 38.21 -3.65 28.89
CA ILE C 34 37.77 -4.10 27.58
C ILE C 34 36.73 -3.11 27.06
N LEU C 35 36.00 -2.47 27.98
CA LEU C 35 35.00 -1.48 27.62
C LEU C 35 35.69 -0.23 27.10
N GLN C 36 36.54 0.33 27.94
CA GLN C 36 37.29 1.54 27.61
C GLN C 36 38.14 1.34 26.35
N ALA C 37 38.33 0.08 25.97
CA ALA C 37 39.13 -0.25 24.79
C ALA C 37 38.23 -0.57 23.59
N VAL C 38 36.93 -0.69 23.84
CA VAL C 38 35.97 -0.99 22.80
C VAL C 38 35.19 0.25 22.35
N SER C 39 34.74 1.04 23.32
CA SER C 39 33.99 2.26 23.00
C SER C 39 34.49 3.43 23.85
N ARG C 40 35.39 4.22 23.28
CA ARG C 40 35.94 5.37 24.00
C ARG C 40 34.85 6.41 24.25
N SER C 41 33.81 6.38 23.42
CA SER C 41 32.70 7.31 23.58
C SER C 41 31.92 6.95 24.83
N PHE C 42 31.31 5.78 24.83
CA PHE C 42 30.53 5.27 25.94
C PHE C 42 31.32 5.30 27.26
N ALA C 43 32.52 4.73 27.21
CA ALA C 43 33.39 4.65 28.38
C ALA C 43 33.47 5.93 29.20
N VAL C 44 33.46 7.08 28.53
CA VAL C 44 33.55 8.37 29.22
C VAL C 44 32.21 8.79 29.81
N VAL C 45 31.14 8.57 29.06
CA VAL C 45 29.79 8.94 29.50
C VAL C 45 29.31 8.13 30.70
N ILE C 46 29.59 6.82 30.69
CA ILE C 46 29.17 5.95 31.78
C ILE C 46 29.74 6.37 33.13
N MET C 47 30.84 7.12 33.10
CA MET C 47 31.48 7.58 34.33
C MET C 47 30.63 8.58 35.10
N GLU C 48 29.51 9.00 34.51
CA GLU C 48 28.61 9.94 35.15
C GLU C 48 27.71 9.20 36.13
N LEU C 49 27.49 7.91 35.86
CA LEU C 49 26.64 7.07 36.69
C LEU C 49 27.31 6.70 38.00
N ASP C 50 26.51 6.23 38.96
CA ASP C 50 27.02 5.82 40.26
C ASP C 50 27.59 4.40 40.13
N GLU C 51 28.59 4.10 40.94
CA GLU C 51 29.27 2.81 40.93
C GLU C 51 28.37 1.59 40.69
N GLU C 52 27.57 1.21 41.69
CA GLU C 52 26.70 0.05 41.56
C GLU C 52 25.90 0.07 40.25
N MET C 53 25.21 1.18 40.01
CA MET C 53 24.41 1.33 38.79
C MET C 53 25.31 1.15 37.57
N ARG C 54 26.39 1.91 37.55
CA ARG C 54 27.36 1.87 36.45
C ARG C 54 27.80 0.46 36.09
N ASP C 55 28.10 -0.36 37.10
CA ASP C 55 28.53 -1.73 36.86
C ASP C 55 27.54 -2.48 35.98
N ALA C 56 26.27 -2.47 36.39
CA ALA C 56 25.22 -3.14 35.63
C ALA C 56 25.26 -2.72 34.17
N VAL C 57 25.28 -1.41 33.95
CA VAL C 57 25.33 -0.86 32.60
C VAL C 57 26.56 -1.35 31.85
N CYS C 58 27.71 -1.30 32.52
CA CYS C 58 28.97 -1.73 31.92
C CYS C 58 28.85 -3.15 31.36
N ILE C 59 28.35 -4.06 32.17
CA ILE C 59 28.19 -5.45 31.74
C ILE C 59 27.16 -5.49 30.62
N PHE C 60 26.05 -4.79 30.83
CA PHE C 60 24.96 -4.72 29.87
C PHE C 60 25.47 -4.36 28.47
N TYR C 61 26.30 -3.31 28.40
CA TYR C 61 26.86 -2.87 27.12
C TYR C 61 27.72 -3.99 26.53
N LEU C 62 28.57 -4.57 27.36
CA LEU C 62 29.46 -5.66 26.94
C LEU C 62 28.68 -6.87 26.44
N VAL C 63 27.55 -7.15 27.08
CA VAL C 63 26.72 -8.29 26.67
C VAL C 63 26.22 -8.03 25.26
N LEU C 64 25.72 -6.82 25.02
CA LEU C 64 25.22 -6.45 23.71
C LEU C 64 26.35 -6.32 22.71
N ARG C 65 27.44 -5.68 23.13
CA ARG C 65 28.60 -5.49 22.26
C ARG C 65 29.18 -6.84 21.84
N ALA C 66 28.95 -7.85 22.66
CA ALA C 66 29.44 -9.19 22.36
C ALA C 66 28.54 -9.79 21.29
N LEU C 67 27.23 -9.61 21.47
CA LEU C 67 26.24 -10.10 20.53
C LEU C 67 26.40 -9.39 19.19
N ASP C 68 26.70 -8.11 19.25
CA ASP C 68 26.88 -7.29 18.06
C ASP C 68 28.12 -7.72 17.28
N THR C 69 29.06 -8.36 17.97
CA THR C 69 30.29 -8.82 17.33
C THR C 69 30.05 -10.05 16.46
N VAL C 70 29.17 -10.94 16.91
CA VAL C 70 28.84 -12.14 16.15
C VAL C 70 28.02 -11.77 14.92
N GLU C 71 27.11 -10.84 15.10
CA GLU C 71 26.24 -10.36 14.03
C GLU C 71 27.02 -9.64 12.93
N ASP C 72 28.01 -8.86 13.36
CA ASP C 72 28.81 -8.07 12.42
C ASP C 72 29.89 -8.82 11.66
N ASP C 73 30.47 -9.85 12.27
CA ASP C 73 31.52 -10.63 11.61
C ASP C 73 30.99 -11.19 10.29
N MET C 74 31.41 -10.58 9.19
CA MET C 74 30.97 -11.00 7.85
C MET C 74 31.69 -12.22 7.27
N SER C 75 32.60 -12.81 8.03
CA SER C 75 33.32 -13.98 7.56
C SER C 75 32.69 -15.23 8.17
N ILE C 76 31.50 -15.05 8.73
CA ILE C 76 30.77 -16.14 9.35
C ILE C 76 29.46 -16.41 8.62
N PRO C 77 29.23 -17.67 8.21
CA PRO C 77 28.00 -18.04 7.48
C PRO C 77 26.73 -17.62 8.22
N VAL C 78 25.72 -17.25 7.44
CA VAL C 78 24.45 -16.79 8.00
C VAL C 78 23.71 -17.79 8.88
N GLU C 79 23.37 -18.96 8.32
CA GLU C 79 22.64 -19.97 9.08
C GLU C 79 23.24 -20.16 10.46
N PHE C 80 24.53 -19.91 10.59
CA PHE C 80 25.21 -20.04 11.88
C PHE C 80 24.64 -19.02 12.84
N LYS C 81 24.68 -17.75 12.44
CA LYS C 81 24.16 -16.66 13.25
C LYS C 81 22.70 -16.90 13.60
N LEU C 82 21.90 -17.24 12.60
CA LEU C 82 20.48 -17.50 12.80
C LEU C 82 20.26 -18.64 13.79
N ARG C 83 21.30 -19.43 14.03
CA ARG C 83 21.22 -20.56 14.94
C ARG C 83 21.69 -20.23 16.36
N GLU C 84 22.84 -19.57 16.45
CA GLU C 84 23.44 -19.21 17.73
C GLU C 84 22.86 -17.98 18.41
N LEU C 85 22.89 -16.85 17.70
CA LEU C 85 22.39 -15.58 18.23
C LEU C 85 21.16 -15.67 19.13
N PRO C 86 20.07 -16.29 18.64
CA PRO C 86 18.84 -16.42 19.43
C PRO C 86 19.06 -16.85 20.88
N LYS C 87 19.91 -17.86 21.05
CA LYS C 87 20.20 -18.39 22.38
C LYS C 87 21.59 -17.99 22.88
N PHE C 88 21.96 -16.73 22.65
CA PHE C 88 23.25 -16.22 23.07
C PHE C 88 23.14 -15.80 24.54
N HIS C 89 21.92 -15.49 24.96
CA HIS C 89 21.65 -15.08 26.33
C HIS C 89 21.72 -16.26 27.29
N GLU C 90 21.65 -17.47 26.74
CA GLU C 90 21.71 -18.68 27.56
C GLU C 90 23.12 -18.89 28.11
N HIS C 91 24.11 -18.39 27.39
CA HIS C 91 25.50 -18.53 27.81
C HIS C 91 25.83 -17.56 28.93
N LEU C 92 24.82 -16.84 29.40
CA LEU C 92 25.00 -15.87 30.49
C LEU C 92 24.97 -16.57 31.83
N HIS C 93 24.51 -17.82 31.83
CA HIS C 93 24.42 -18.60 33.06
C HIS C 93 25.46 -19.72 33.03
N ASP C 94 26.48 -19.55 32.21
CA ASP C 94 27.55 -20.53 32.06
C ASP C 94 28.88 -19.80 32.12
N THR C 95 29.47 -19.75 33.32
CA THR C 95 30.74 -19.06 33.53
C THR C 95 31.95 -19.73 32.91
N THR C 96 31.72 -20.74 32.07
CA THR C 96 32.83 -21.44 31.42
C THR C 96 32.88 -21.13 29.92
N TRP C 97 31.75 -20.67 29.39
CA TRP C 97 31.65 -20.35 27.97
C TRP C 97 32.60 -19.27 27.47
N CYS C 98 32.83 -19.28 26.16
CA CYS C 98 33.71 -18.34 25.46
C CYS C 98 33.65 -18.73 23.98
N MET C 99 34.11 -17.85 23.10
CA MET C 99 34.08 -18.11 21.66
C MET C 99 35.46 -17.92 21.03
N SER C 100 35.76 -18.72 20.03
CA SER C 100 37.07 -18.68 19.39
C SER C 100 37.23 -17.83 18.12
N GLY C 101 38.31 -17.07 18.07
CA GLY C 101 38.58 -16.28 16.88
C GLY C 101 37.39 -15.82 16.08
N VAL C 102 36.49 -15.12 16.76
CA VAL C 102 35.30 -14.57 16.13
C VAL C 102 35.41 -13.04 16.22
N GLY C 103 35.48 -12.39 15.06
CA GLY C 103 35.62 -10.96 15.03
C GLY C 103 37.08 -10.57 15.02
N VAL C 104 37.37 -9.28 15.08
CA VAL C 104 38.74 -8.79 15.05
C VAL C 104 38.94 -7.68 16.08
N GLY C 105 40.21 -7.36 16.37
CA GLY C 105 40.50 -6.31 17.33
C GLY C 105 40.21 -6.73 18.75
N ARG C 106 39.82 -5.78 19.58
CA ARG C 106 39.50 -6.07 20.98
C ARG C 106 38.20 -6.86 21.09
N GLU C 107 37.38 -6.78 20.05
CA GLU C 107 36.10 -7.49 20.03
C GLU C 107 36.35 -9.00 20.10
N ARG C 108 37.27 -9.47 19.26
CA ARG C 108 37.62 -10.88 19.21
C ARG C 108 38.13 -11.36 20.56
N GLU C 109 38.66 -10.43 21.35
CA GLU C 109 39.18 -10.77 22.67
C GLU C 109 38.05 -10.92 23.68
N LEU C 110 37.01 -10.11 23.53
CA LEU C 110 35.87 -10.16 24.44
C LEU C 110 35.16 -11.51 24.38
N LEU C 111 35.14 -12.12 23.20
CA LEU C 111 34.50 -13.42 23.03
C LEU C 111 35.38 -14.56 23.55
N GLU C 112 36.65 -14.56 23.16
CA GLU C 112 37.58 -15.59 23.58
C GLU C 112 37.76 -15.64 25.10
N ARG C 113 37.62 -14.49 25.75
CA ARG C 113 37.74 -14.41 27.20
C ARG C 113 36.45 -13.82 27.77
N TYR C 114 35.34 -14.28 27.23
CA TYR C 114 34.01 -13.82 27.65
C TYR C 114 33.70 -14.24 29.08
N THR C 115 34.40 -15.27 29.56
CA THR C 115 34.22 -15.79 30.90
C THR C 115 34.11 -14.70 31.97
N HIS C 116 34.99 -13.71 31.89
CA HIS C 116 34.99 -12.61 32.86
C HIS C 116 33.66 -11.86 32.92
N VAL C 117 33.03 -11.69 31.77
CA VAL C 117 31.76 -10.98 31.71
C VAL C 117 30.66 -11.74 32.45
N THR C 118 30.50 -13.02 32.11
CA THR C 118 29.49 -13.85 32.76
C THR C 118 29.72 -13.93 34.27
N ARG C 119 30.97 -13.76 34.68
CA ARG C 119 31.31 -13.79 36.10
C ARG C 119 30.66 -12.60 36.78
N ALA C 120 31.14 -11.40 36.45
CA ALA C 120 30.63 -10.16 37.01
C ALA C 120 29.11 -10.13 36.90
N TYR C 121 28.59 -10.80 35.88
CA TYR C 121 27.16 -10.87 35.63
C TYR C 121 26.45 -11.57 36.80
N SER C 122 26.90 -12.77 37.12
CA SER C 122 26.31 -13.56 38.20
C SER C 122 26.44 -12.89 39.56
N ARG C 123 27.23 -11.81 39.63
CA ARG C 123 27.41 -11.09 40.88
C ARG C 123 26.52 -9.86 40.92
N LEU C 124 25.62 -9.77 39.95
CA LEU C 124 24.68 -8.65 39.86
C LEU C 124 23.34 -9.07 40.45
N GLY C 125 22.64 -8.13 41.06
CA GLY C 125 21.35 -8.43 41.64
C GLY C 125 20.46 -9.08 40.60
N LYS C 126 19.77 -10.14 40.98
CA LYS C 126 18.87 -10.87 40.09
C LYS C 126 18.03 -9.90 39.25
N ALA C 127 17.75 -8.73 39.83
CA ALA C 127 16.96 -7.70 39.16
C ALA C 127 17.62 -7.26 37.86
N TYR C 128 18.94 -7.10 37.89
CA TYR C 128 19.69 -6.69 36.71
C TYR C 128 19.92 -7.86 35.76
N GLN C 129 20.07 -9.05 36.31
CA GLN C 129 20.30 -10.23 35.50
C GLN C 129 19.16 -10.47 34.52
N ASP C 130 17.94 -10.19 34.95
CA ASP C 130 16.77 -10.39 34.11
C ASP C 130 16.74 -9.40 32.94
N VAL C 131 16.81 -8.11 33.26
CA VAL C 131 16.80 -7.07 32.23
C VAL C 131 17.81 -7.38 31.14
N ILE C 132 19.08 -7.48 31.53
CA ILE C 132 20.15 -7.76 30.59
C ILE C 132 19.88 -9.02 29.78
N SER C 133 19.50 -10.10 30.46
CA SER C 133 19.22 -11.37 29.78
C SER C 133 18.07 -11.23 28.80
N GLY C 134 16.98 -10.61 29.23
CA GLY C 134 15.82 -10.42 28.38
C GLY C 134 16.12 -9.56 27.17
N ILE C 135 16.61 -8.35 27.42
CA ILE C 135 16.94 -7.42 26.35
C ILE C 135 17.86 -8.07 25.33
N CYS C 136 18.77 -8.91 25.81
CA CYS C 136 19.72 -9.60 24.96
C CYS C 136 19.01 -10.50 23.95
N GLU C 137 18.21 -11.44 24.45
CA GLU C 137 17.48 -12.37 23.60
C GLU C 137 16.60 -11.63 22.61
N ARG C 138 15.88 -10.62 23.09
CA ARG C 138 15.00 -9.84 22.24
C ARG C 138 15.78 -9.20 21.10
N MET C 139 16.93 -8.63 21.42
CA MET C 139 17.78 -7.99 20.43
C MET C 139 18.38 -9.06 19.53
N ALA C 140 18.65 -10.21 20.11
CA ALA C 140 19.22 -11.33 19.38
C ALA C 140 18.32 -11.73 18.22
N ASN C 141 17.06 -12.04 18.53
CA ASN C 141 16.10 -12.43 17.50
C ASN C 141 15.88 -11.29 16.52
N GLY C 142 15.86 -10.07 17.03
CA GLY C 142 15.66 -8.91 16.17
C GLY C 142 16.69 -8.89 15.06
N MET C 143 17.97 -8.98 15.43
CA MET C 143 19.05 -8.96 14.46
C MET C 143 18.90 -10.09 13.44
N CYS C 144 18.49 -11.26 13.92
CA CYS C 144 18.30 -12.43 13.06
C CYS C 144 17.23 -12.18 12.01
N ASP C 145 16.19 -11.44 12.37
CA ASP C 145 15.10 -11.14 11.46
C ASP C 145 15.60 -10.31 10.29
N PHE C 146 16.54 -9.41 10.57
CA PHE C 146 17.08 -8.54 9.53
C PHE C 146 18.31 -9.09 8.82
N LEU C 147 18.74 -10.29 9.19
CA LEU C 147 19.88 -10.92 8.55
C LEU C 147 19.33 -11.60 7.30
N THR C 148 18.01 -11.76 7.29
CA THR C 148 17.31 -12.41 6.19
C THR C 148 16.86 -11.40 5.14
N ARG C 149 16.45 -10.21 5.60
CA ARG C 149 15.98 -9.17 4.69
C ARG C 149 16.66 -7.83 4.91
N LYS C 150 16.26 -6.84 4.10
CA LYS C 150 16.82 -5.50 4.17
C LYS C 150 15.75 -4.52 4.64
N VAL C 151 16.16 -3.26 4.86
CA VAL C 151 15.24 -2.23 5.31
C VAL C 151 14.54 -1.59 4.12
N GLU C 152 13.24 -1.85 3.99
CA GLU C 152 12.45 -1.32 2.89
C GLU C 152 11.56 -0.14 3.28
N THR C 153 10.52 -0.43 4.04
CA THR C 153 9.57 0.60 4.48
C THR C 153 10.06 1.39 5.69
N LYS C 154 9.37 2.48 6.00
CA LYS C 154 9.69 3.30 7.15
C LYS C 154 9.55 2.43 8.38
N ALA C 155 8.55 1.54 8.34
CA ALA C 155 8.28 0.63 9.44
C ALA C 155 9.50 -0.24 9.70
N ASP C 156 10.06 -0.80 8.63
CA ASP C 156 11.25 -1.64 8.74
C ASP C 156 12.33 -0.82 9.43
N TYR C 157 12.60 0.34 8.88
CA TYR C 157 13.60 1.26 9.40
C TYR C 157 13.45 1.46 10.90
N ASP C 158 12.23 1.77 11.33
CA ASP C 158 11.94 1.99 12.74
C ASP C 158 12.11 0.72 13.58
N LEU C 159 11.75 -0.41 13.00
CA LEU C 159 11.86 -1.69 13.70
C LEU C 159 13.32 -2.07 13.92
N TYR C 160 14.15 -1.83 12.90
CA TYR C 160 15.57 -2.14 13.00
C TYR C 160 16.21 -1.32 14.12
N CYS C 161 15.96 -0.01 14.11
CA CYS C 161 16.50 0.87 15.12
C CYS C 161 16.02 0.42 16.50
N HIS C 162 14.79 -0.07 16.56
CA HIS C 162 14.23 -0.56 17.82
C HIS C 162 15.02 -1.76 18.31
N TYR C 163 15.40 -2.63 17.38
CA TYR C 163 16.15 -3.84 17.70
C TYR C 163 17.59 -3.56 18.12
N VAL C 164 18.25 -2.63 17.44
CA VAL C 164 19.65 -2.32 17.74
C VAL C 164 19.86 -1.12 18.67
N ALA C 165 18.79 -0.40 18.98
CA ALA C 165 18.90 0.77 19.86
C ALA C 165 17.69 0.96 20.75
N GLY C 166 16.50 0.87 20.14
CA GLY C 166 15.28 1.03 20.91
C GLY C 166 15.25 0.17 22.16
N LEU C 167 15.62 -1.10 22.00
CA LEU C 167 15.64 -2.03 23.13
C LEU C 167 16.65 -1.61 24.19
N VAL C 168 17.72 -0.95 23.76
CA VAL C 168 18.74 -0.48 24.70
C VAL C 168 18.08 0.56 25.60
N GLY C 169 17.26 1.41 25.00
CA GLY C 169 16.55 2.42 25.77
C GLY C 169 15.66 1.71 26.77
N HIS C 170 14.92 0.71 26.29
CA HIS C 170 14.05 -0.06 27.15
C HIS C 170 14.86 -0.63 28.32
N GLY C 171 15.99 -1.24 27.98
CA GLY C 171 16.85 -1.83 28.99
C GLY C 171 17.30 -0.84 30.04
N LEU C 172 18.07 0.16 29.62
CA LEU C 172 18.56 1.18 30.53
C LEU C 172 17.46 1.70 31.43
N THR C 173 16.32 2.04 30.83
CA THR C 173 15.18 2.55 31.59
C THR C 173 14.77 1.60 32.71
N LEU C 174 14.66 0.32 32.39
CA LEU C 174 14.29 -0.68 33.39
C LEU C 174 15.30 -0.74 34.52
N LEU C 175 16.59 -0.64 34.18
CA LEU C 175 17.64 -0.69 35.19
C LEU C 175 17.55 0.52 36.12
N TYR C 176 17.05 1.64 35.60
CA TYR C 176 16.93 2.84 36.41
C TYR C 176 15.85 2.62 37.47
N VAL C 177 14.77 1.94 37.08
CA VAL C 177 13.68 1.66 37.99
C VAL C 177 14.07 0.55 38.96
N SER C 178 14.79 -0.44 38.44
CA SER C 178 15.23 -1.58 39.23
C SER C 178 16.20 -1.18 40.34
N SER C 179 16.87 -0.04 40.18
CA SER C 179 17.83 0.44 41.17
C SER C 179 17.19 1.42 42.15
N GLY C 180 15.91 1.70 41.95
CA GLY C 180 15.22 2.62 42.83
C GLY C 180 15.67 4.06 42.61
N LEU C 181 16.75 4.22 41.84
CA LEU C 181 17.28 5.55 41.53
C LEU C 181 16.30 6.34 40.67
N GLU C 182 15.31 5.65 40.13
CA GLU C 182 14.29 6.28 39.30
C GLU C 182 12.90 5.81 39.67
N ASP C 183 11.96 6.74 39.70
CA ASP C 183 10.57 6.44 40.06
C ASP C 183 10.04 5.26 39.22
N VAL C 184 9.33 4.36 39.88
CA VAL C 184 8.77 3.19 39.23
C VAL C 184 7.83 3.56 38.07
N ARG C 185 7.34 4.79 38.09
CA ARG C 185 6.43 5.27 37.05
C ARG C 185 7.13 5.35 35.70
N LEU C 186 8.45 5.41 35.73
CA LEU C 186 9.26 5.53 34.51
C LEU C 186 9.18 4.30 33.59
N ALA C 187 8.89 3.14 34.17
CA ALA C 187 8.80 1.91 33.38
C ALA C 187 7.40 1.64 32.85
N ASP C 188 6.44 2.47 33.25
CA ASP C 188 5.05 2.31 32.81
C ASP C 188 4.94 2.23 31.29
N ASP C 189 5.30 3.32 30.61
CA ASP C 189 5.24 3.36 29.15
C ASP C 189 6.63 3.57 28.57
N LEU C 190 7.20 2.51 28.00
CA LEU C 190 8.53 2.56 27.42
C LEU C 190 8.57 3.08 25.98
N THR C 191 7.66 3.97 25.63
CA THR C 191 7.63 4.51 24.27
C THR C 191 8.70 5.58 24.08
N ASN C 192 8.73 6.57 24.98
CA ASN C 192 9.72 7.63 24.89
C ASN C 192 11.11 7.05 25.00
N ALA C 193 11.23 5.94 25.73
CA ALA C 193 12.51 5.27 25.89
C ALA C 193 12.98 4.82 24.51
N ASN C 194 12.07 4.20 23.76
CA ASN C 194 12.39 3.72 22.43
C ASN C 194 12.83 4.90 21.57
N HIS C 195 12.18 6.05 21.76
CA HIS C 195 12.53 7.26 21.02
C HIS C 195 13.95 7.69 21.34
N MET C 196 14.33 7.58 22.61
CA MET C 196 15.68 7.94 23.04
C MET C 196 16.69 7.16 22.21
N GLY C 197 16.44 5.86 22.07
CA GLY C 197 17.33 5.01 21.30
C GLY C 197 17.29 5.30 19.82
N LEU C 198 16.08 5.33 19.26
CA LEU C 198 15.90 5.59 17.83
C LEU C 198 16.58 6.87 17.37
N PHE C 199 16.53 7.91 18.19
CA PHE C 199 17.15 9.18 17.85
C PHE C 199 18.65 9.02 17.63
N LEU C 200 19.33 8.44 18.61
CA LEU C 200 20.78 8.22 18.51
C LEU C 200 21.14 7.36 17.32
N GLN C 201 20.43 6.24 17.17
CA GLN C 201 20.69 5.31 16.08
C GLN C 201 20.49 5.95 14.71
N LYS C 202 19.35 6.60 14.51
CA LYS C 202 19.06 7.24 13.23
C LYS C 202 20.09 8.32 12.91
N THR C 203 20.49 9.09 13.91
CA THR C 203 21.46 10.14 13.72
C THR C 203 22.75 9.54 13.15
N ASN C 204 23.13 8.37 13.67
CA ASN C 204 24.33 7.70 13.21
C ASN C 204 24.13 7.16 11.80
N ILE C 205 23.05 6.40 11.61
CA ILE C 205 22.75 5.83 10.31
C ILE C 205 22.86 6.89 9.23
N ILE C 206 22.38 8.09 9.54
CA ILE C 206 22.44 9.21 8.59
C ILE C 206 23.87 9.70 8.43
N ARG C 207 24.54 9.92 9.55
CA ARG C 207 25.92 10.41 9.56
C ARG C 207 26.91 9.46 8.91
N ASP C 208 26.81 8.17 9.23
CA ASP C 208 27.74 7.18 8.69
C ASP C 208 27.30 6.60 7.35
N PHE C 209 26.55 7.38 6.57
CA PHE C 209 26.07 6.93 5.27
C PHE C 209 27.19 6.40 4.37
N TYR C 210 28.11 7.28 4.01
CA TYR C 210 29.23 6.91 3.14
C TYR C 210 29.91 5.62 3.57
N GLU C 211 30.42 5.61 4.80
CA GLU C 211 31.11 4.43 5.33
C GLU C 211 30.29 3.15 5.14
N ASP C 212 29.00 3.22 5.44
CA ASP C 212 28.13 2.05 5.31
C ASP C 212 28.11 1.49 3.89
N ILE C 213 28.23 2.37 2.90
CA ILE C 213 28.18 1.95 1.50
C ILE C 213 29.54 1.61 0.90
N CYS C 214 30.61 1.99 1.59
CA CYS C 214 31.97 1.72 1.11
C CYS C 214 32.46 0.33 1.52
N GLU C 215 31.74 -0.30 2.44
CA GLU C 215 32.11 -1.63 2.90
C GLU C 215 31.64 -2.70 1.93
N VAL C 216 32.36 -3.82 1.88
CA VAL C 216 32.02 -4.92 0.99
C VAL C 216 31.71 -6.18 1.79
N PRO C 217 30.44 -6.64 1.75
CA PRO C 217 29.33 -6.05 0.99
C PRO C 217 28.84 -4.74 1.60
N PRO C 218 28.27 -3.86 0.77
CA PRO C 218 27.74 -2.56 1.21
C PRO C 218 26.49 -2.66 2.09
N ARG C 219 26.55 -2.02 3.25
CA ARG C 219 25.43 -2.02 4.19
C ARG C 219 24.54 -0.81 3.95
N VAL C 220 23.23 -1.05 3.83
CA VAL C 220 22.27 0.02 3.60
C VAL C 220 21.14 -0.06 4.63
N PHE C 221 20.85 1.07 5.26
CA PHE C 221 19.80 1.13 6.28
C PHE C 221 18.69 2.10 5.90
N TRP C 222 19.03 3.12 5.12
CA TRP C 222 18.05 4.11 4.68
C TRP C 222 16.91 3.39 3.97
N PRO C 223 15.69 3.49 4.51
CA PRO C 223 14.51 2.85 3.92
C PRO C 223 14.16 3.30 2.51
N ARG C 224 13.90 2.33 1.64
CA ARG C 224 13.56 2.61 0.24
C ARG C 224 12.33 3.51 0.16
N GLU C 225 11.41 3.34 1.11
CA GLU C 225 10.20 4.14 1.15
C GLU C 225 10.53 5.62 1.15
N ILE C 226 11.80 5.95 1.38
CA ILE C 226 12.24 7.33 1.42
C ILE C 226 13.24 7.70 0.33
N TRP C 227 14.36 6.97 0.24
CA TRP C 227 15.38 7.30 -0.76
C TRP C 227 14.96 7.05 -2.20
N GLU C 228 13.92 6.24 -2.41
CA GLU C 228 13.47 5.95 -3.77
C GLU C 228 12.87 7.19 -4.43
N LYS C 229 12.25 8.04 -3.63
CA LYS C 229 11.64 9.27 -4.15
C LYS C 229 12.68 10.19 -4.76
N TYR C 230 13.95 9.94 -4.45
CA TYR C 230 15.02 10.79 -4.96
C TYR C 230 16.05 10.08 -5.82
N THR C 231 15.83 8.79 -6.09
CA THR C 231 16.76 8.03 -6.92
C THR C 231 16.34 6.56 -7.10
N ASP C 232 16.90 5.92 -8.12
CA ASP C 232 16.62 4.52 -8.39
C ASP C 232 17.72 3.70 -7.73
N ASP C 233 18.91 4.30 -7.67
CA ASP C 233 20.07 3.65 -7.06
C ASP C 233 20.62 4.51 -5.93
N LEU C 234 20.75 3.91 -4.75
CA LEU C 234 21.25 4.64 -3.59
C LEU C 234 22.74 4.95 -3.73
N HIS C 235 23.42 4.24 -4.61
CA HIS C 235 24.84 4.46 -4.84
C HIS C 235 25.04 5.70 -5.71
N ALA C 236 23.94 6.23 -6.22
CA ALA C 236 23.99 7.41 -7.08
C ALA C 236 24.43 8.63 -6.30
N PHE C 237 24.03 8.70 -5.03
CA PHE C 237 24.39 9.82 -4.17
C PHE C 237 25.88 9.82 -3.89
N LYS C 238 26.54 8.71 -4.22
CA LYS C 238 27.99 8.58 -4.03
C LYS C 238 28.65 9.49 -5.06
N ASP C 239 27.87 9.88 -6.07
CA ASP C 239 28.35 10.74 -7.14
C ASP C 239 28.04 12.20 -6.83
N GLU C 240 28.90 13.09 -7.34
CA GLU C 240 28.72 14.53 -7.12
C GLU C 240 27.73 15.10 -8.13
N LEU C 241 27.37 14.28 -9.11
CA LEU C 241 26.43 14.68 -10.16
C LEU C 241 24.98 14.62 -9.71
N HIS C 242 24.68 13.74 -8.77
CA HIS C 242 23.32 13.58 -8.27
C HIS C 242 23.17 14.27 -6.91
N GLU C 243 24.13 15.13 -6.58
CA GLU C 243 24.14 15.85 -5.32
C GLU C 243 22.78 16.45 -4.94
N ALA C 244 22.17 17.17 -5.87
CA ALA C 244 20.87 17.80 -5.63
C ALA C 244 19.88 16.85 -4.96
N LYS C 245 19.67 15.70 -5.57
CA LYS C 245 18.74 14.70 -5.03
C LYS C 245 19.28 14.05 -3.77
N ALA C 246 20.61 13.94 -3.69
CA ALA C 246 21.26 13.35 -2.53
C ALA C 246 20.96 14.16 -1.28
N VAL C 247 21.42 15.40 -1.26
CA VAL C 247 21.21 16.29 -0.13
C VAL C 247 19.73 16.35 0.23
N GLU C 248 18.88 16.39 -0.80
CA GLU C 248 17.44 16.45 -0.58
C GLU C 248 17.00 15.23 0.23
N CYS C 249 17.48 14.05 -0.16
CA CYS C 249 17.15 12.82 0.53
C CYS C 249 17.70 12.89 1.95
N LEU C 250 18.86 13.52 2.10
CA LEU C 250 19.50 13.66 3.40
C LEU C 250 18.56 14.40 4.35
N ASN C 251 18.00 15.51 3.88
CA ASN C 251 17.09 16.31 4.69
C ASN C 251 15.83 15.49 5.00
N ALA C 252 15.48 14.59 4.09
CA ALA C 252 14.31 13.74 4.27
C ALA C 252 14.57 12.83 5.46
N MET C 253 15.80 12.35 5.57
CA MET C 253 16.19 11.46 6.66
C MET C 253 16.25 12.25 7.96
N VAL C 254 16.91 13.41 7.91
CA VAL C 254 17.05 14.27 9.07
C VAL C 254 15.67 14.57 9.68
N ALA C 255 14.71 14.92 8.83
CA ALA C 255 13.37 15.22 9.28
C ALA C 255 12.79 14.01 10.02
N ASP C 256 12.94 12.84 9.44
CA ASP C 256 12.45 11.61 10.04
C ASP C 256 13.00 11.44 11.45
N ALA C 257 14.23 11.88 11.65
CA ALA C 257 14.88 11.79 12.96
C ALA C 257 14.32 12.76 13.98
N LEU C 258 14.06 13.99 13.54
CA LEU C 258 13.53 15.03 14.42
C LEU C 258 12.21 14.65 15.09
N VAL C 259 11.48 13.72 14.49
CA VAL C 259 10.20 13.28 15.03
C VAL C 259 10.34 12.72 16.44
N HIS C 260 11.55 12.30 16.79
CA HIS C 260 11.81 11.72 18.11
C HIS C 260 12.27 12.73 19.15
N VAL C 261 12.83 13.86 18.69
CA VAL C 261 13.31 14.89 19.60
C VAL C 261 12.32 15.27 20.70
N PRO C 262 11.07 15.58 20.33
CA PRO C 262 10.05 15.95 21.32
C PRO C 262 9.93 14.94 22.45
N HIS C 263 9.99 13.65 22.09
CA HIS C 263 9.88 12.58 23.07
C HIS C 263 11.16 12.44 23.89
N VAL C 264 12.29 12.83 23.30
CA VAL C 264 13.57 12.78 23.98
C VAL C 264 13.56 13.79 25.12
N VAL C 265 12.97 14.95 24.87
CA VAL C 265 12.87 16.00 25.86
C VAL C 265 11.99 15.51 27.01
N GLU C 266 10.87 14.89 26.65
CA GLU C 266 9.94 14.37 27.65
C GLU C 266 10.67 13.40 28.59
N TYR C 267 11.33 12.42 28.00
CA TYR C 267 12.06 11.41 28.76
C TYR C 267 13.12 12.03 29.67
N LEU C 268 13.83 13.02 29.16
CA LEU C 268 14.87 13.68 29.95
C LEU C 268 14.30 14.49 31.09
N ALA C 269 13.24 15.23 30.82
CA ALA C 269 12.60 16.07 31.83
C ALA C 269 11.93 15.26 32.93
N SER C 270 11.70 13.97 32.68
CA SER C 270 11.06 13.12 33.67
C SER C 270 12.06 12.44 34.61
N LEU C 271 13.35 12.73 34.40
CA LEU C 271 14.39 12.14 35.24
C LEU C 271 14.72 13.04 36.43
N ARG C 272 14.76 12.44 37.61
CA ARG C 272 15.04 13.15 38.85
C ARG C 272 16.50 13.04 39.30
N ASP C 273 17.04 11.83 39.21
CA ASP C 273 18.41 11.57 39.62
C ASP C 273 19.43 12.19 38.67
N PRO C 274 20.20 13.18 39.16
CA PRO C 274 21.23 13.89 38.37
C PRO C 274 22.26 12.97 37.71
N SER C 275 22.62 11.89 38.39
CA SER C 275 23.59 10.95 37.86
C SER C 275 23.07 10.27 36.60
N VAL C 276 21.85 9.76 36.68
CA VAL C 276 21.23 9.08 35.55
C VAL C 276 20.96 10.07 34.43
N PHE C 277 20.51 11.27 34.80
CA PHE C 277 20.21 12.31 33.82
C PHE C 277 21.38 12.60 32.89
N THR C 278 22.52 12.98 33.47
CA THR C 278 23.70 13.29 32.69
C THR C 278 24.10 12.16 31.74
N PHE C 279 23.94 10.93 32.21
CA PHE C 279 24.28 9.75 31.41
C PHE C 279 23.34 9.58 30.21
N SER C 280 22.09 9.98 30.38
CA SER C 280 21.11 9.86 29.31
C SER C 280 21.08 11.11 28.45
N ALA C 281 21.29 12.26 29.09
CA ALA C 281 21.29 13.55 28.41
C ALA C 281 22.38 13.72 27.36
N ILE C 282 23.64 13.66 27.79
CA ILE C 282 24.79 13.84 26.90
C ILE C 282 24.66 13.14 25.54
N PRO C 283 24.45 11.81 25.54
CA PRO C 283 24.32 11.08 24.27
C PRO C 283 23.30 11.73 23.32
N GLN C 284 22.25 12.29 23.89
CA GLN C 284 21.20 12.94 23.11
C GLN C 284 21.66 14.27 22.55
N VAL C 285 22.32 15.08 23.38
CA VAL C 285 22.81 16.38 22.94
C VAL C 285 23.88 16.19 21.87
N MET C 286 24.69 15.15 22.02
CA MET C 286 25.74 14.86 21.06
C MET C 286 25.11 14.60 19.70
N ALA C 287 24.01 13.85 19.71
CA ALA C 287 23.30 13.51 18.48
C ALA C 287 22.70 14.75 17.82
N MET C 288 22.04 15.58 18.61
CA MET C 288 21.43 16.80 18.07
C MET C 288 22.50 17.67 17.43
N ALA C 289 23.63 17.82 18.10
CA ALA C 289 24.73 18.62 17.58
C ALA C 289 25.17 18.05 16.25
N THR C 290 25.38 16.74 16.21
CA THR C 290 25.80 16.06 15.00
C THR C 290 24.73 16.16 13.91
N LEU C 291 23.47 16.05 14.33
CA LEU C 291 22.35 16.11 13.40
C LEU C 291 22.24 17.49 12.76
N SER C 292 22.69 18.52 13.48
CA SER C 292 22.63 19.89 12.97
C SER C 292 23.73 20.10 11.93
N LEU C 293 24.82 19.36 12.07
CA LEU C 293 25.95 19.46 11.16
C LEU C 293 25.72 18.69 9.85
N VAL C 294 25.14 17.50 9.96
CA VAL C 294 24.87 16.68 8.79
C VAL C 294 23.73 17.23 7.96
N PHE C 295 22.72 17.77 8.63
CA PHE C 295 21.56 18.32 7.94
C PHE C 295 21.92 19.25 6.79
N ASN C 296 21.42 18.94 5.61
CA ASN C 296 21.65 19.73 4.41
C ASN C 296 23.14 20.06 4.24
N ASN C 297 23.97 19.02 4.25
CA ASN C 297 25.41 19.17 4.09
C ASN C 297 25.93 18.04 3.19
N LYS C 298 26.20 18.38 1.93
CA LYS C 298 26.67 17.40 0.95
C LYS C 298 27.90 16.61 1.40
N ASP C 299 28.62 17.13 2.39
CA ASP C 299 29.82 16.46 2.90
C ASP C 299 29.52 15.06 3.44
N VAL C 300 28.26 14.81 3.76
CA VAL C 300 27.83 13.52 4.29
C VAL C 300 27.99 12.39 3.28
N PHE C 301 28.13 12.75 2.00
CA PHE C 301 28.25 11.75 0.95
C PHE C 301 29.66 11.38 0.51
N HIS C 302 30.66 11.66 1.35
CA HIS C 302 32.04 11.32 1.00
C HIS C 302 33.00 11.37 2.18
N THR C 303 32.58 11.99 3.28
CA THR C 303 33.42 12.08 4.47
C THR C 303 32.57 11.97 5.72
N LYS C 304 33.21 11.64 6.85
CA LYS C 304 32.50 11.50 8.11
C LYS C 304 32.51 12.83 8.88
N VAL C 305 31.32 13.41 9.03
CA VAL C 305 31.16 14.67 9.74
C VAL C 305 31.24 14.43 11.26
N LYS C 306 31.94 15.32 11.96
CA LYS C 306 32.09 15.20 13.40
C LYS C 306 32.04 16.58 14.06
N THR C 307 31.66 16.59 15.35
CA THR C 307 31.59 17.85 16.09
C THR C 307 32.96 18.07 16.73
N THR C 308 33.41 19.32 16.74
CA THR C 308 34.70 19.66 17.33
C THR C 308 34.81 19.15 18.76
N ARG C 309 36.03 18.79 19.15
CA ARG C 309 36.28 18.28 20.50
C ARG C 309 35.91 19.32 21.55
N GLY C 310 35.84 20.58 21.13
CA GLY C 310 35.48 21.64 22.05
C GLY C 310 33.99 21.62 22.32
N ALA C 311 33.22 21.42 21.26
CA ALA C 311 31.76 21.37 21.38
C ALA C 311 31.35 20.23 22.29
N THR C 312 31.91 19.04 22.03
CA THR C 312 31.61 17.87 22.84
C THR C 312 32.06 18.04 24.28
N ALA C 313 33.03 18.92 24.49
CA ALA C 313 33.54 19.20 25.83
C ALA C 313 32.50 20.07 26.53
N ARG C 314 32.00 21.08 25.81
CA ARG C 314 31.00 21.98 26.33
C ARG C 314 29.76 21.17 26.70
N ILE C 315 29.35 20.31 25.77
CA ILE C 315 28.20 19.45 25.96
C ILE C 315 28.30 18.64 27.25
N PHE C 316 29.44 17.98 27.45
CA PHE C 316 29.64 17.20 28.65
C PHE C 316 29.50 18.04 29.91
N HIS C 317 30.00 19.27 29.85
CA HIS C 317 29.96 20.18 30.99
C HIS C 317 28.57 20.61 31.46
N TYR C 318 27.83 21.28 30.59
CA TYR C 318 26.50 21.77 30.92
C TYR C 318 25.39 20.72 31.02
N SER C 319 25.61 19.55 30.45
CA SER C 319 24.60 18.49 30.50
C SER C 319 24.57 17.80 31.86
N THR C 320 24.40 18.58 32.91
CA THR C 320 24.34 18.03 34.27
C THR C 320 22.95 18.20 34.88
N GLU C 321 22.25 19.24 34.45
CA GLU C 321 20.89 19.50 34.95
C GLU C 321 19.97 19.98 33.83
N LEU C 322 18.75 19.44 33.84
CA LEU C 322 17.71 19.72 32.85
C LEU C 322 17.75 21.07 32.11
N GLN C 323 17.77 22.17 32.84
CA GLN C 323 17.76 23.49 32.22
C GLN C 323 18.86 23.77 31.21
N ALA C 324 20.12 23.72 31.65
CA ALA C 324 21.25 23.99 30.77
C ALA C 324 21.23 23.13 29.51
N THR C 325 20.92 21.85 29.67
CA THR C 325 20.87 20.92 28.55
C THR C 325 19.75 21.24 27.57
N LEU C 326 18.60 21.66 28.10
CA LEU C 326 17.46 22.00 27.24
C LEU C 326 17.79 23.19 26.35
N GLN C 327 18.46 24.19 26.91
CA GLN C 327 18.81 25.37 26.14
C GLN C 327 19.94 25.04 25.16
N MET C 328 20.60 23.91 25.36
CA MET C 328 21.66 23.48 24.46
C MET C 328 20.97 22.86 23.25
N LEU C 329 19.99 22.01 23.51
CA LEU C 329 19.23 21.36 22.45
C LEU C 329 18.51 22.46 21.68
N LYS C 330 18.13 23.51 22.39
CA LYS C 330 17.45 24.65 21.80
C LYS C 330 18.36 25.28 20.74
N THR C 331 19.61 25.49 21.11
CA THR C 331 20.60 26.09 20.23
C THR C 331 20.85 25.27 18.98
N TYR C 332 21.04 23.96 19.15
CA TYR C 332 21.31 23.09 18.02
C TYR C 332 20.13 22.90 17.07
N THR C 333 18.91 23.07 17.58
CA THR C 333 17.73 22.94 16.72
C THR C 333 17.61 24.22 15.90
N LEU C 334 18.09 25.32 16.47
CA LEU C 334 18.07 26.61 15.79
C LEU C 334 19.29 26.73 14.88
N ARG C 335 20.35 26.00 15.24
CA ARG C 335 21.57 26.00 14.45
C ARG C 335 21.32 25.17 13.21
N LEU C 336 20.45 24.17 13.35
CA LEU C 336 20.08 23.28 12.27
C LEU C 336 19.21 24.03 11.26
N ALA C 337 18.15 24.65 11.77
CA ALA C 337 17.21 25.39 10.93
C ALA C 337 17.86 26.60 10.26
N ALA C 338 18.99 27.03 10.81
CA ALA C 338 19.71 28.18 10.27
C ALA C 338 20.55 27.74 9.06
N ARG C 339 20.71 26.44 8.90
CA ARG C 339 21.49 25.88 7.81
C ARG C 339 20.64 25.56 6.58
N MET C 340 19.51 26.26 6.42
CA MET C 340 18.64 26.02 5.29
C MET C 340 18.12 27.33 4.68
N ASN C 341 17.78 27.27 3.40
CA ASN C 341 17.28 28.45 2.69
C ASN C 341 15.80 28.37 2.36
N ALA C 342 15.30 29.41 1.69
CA ALA C 342 13.90 29.50 1.30
C ALA C 342 13.64 28.77 -0.01
N GLN C 343 14.70 28.23 -0.60
CA GLN C 343 14.58 27.52 -1.87
C GLN C 343 14.70 26.00 -1.73
N ASP C 344 14.71 25.53 -0.48
CA ASP C 344 14.79 24.09 -0.22
C ASP C 344 13.38 23.56 -0.05
N ALA C 345 13.08 22.43 -0.68
CA ALA C 345 11.75 21.83 -0.62
C ALA C 345 11.31 21.48 0.80
N CYS C 346 12.25 20.97 1.59
CA CYS C 346 11.96 20.56 2.97
C CYS C 346 11.80 21.72 3.94
N TYR C 347 11.88 22.94 3.44
CA TYR C 347 11.76 24.12 4.30
C TYR C 347 10.64 24.07 5.33
N ASP C 348 9.41 23.87 4.86
CA ASP C 348 8.25 23.84 5.74
C ASP C 348 8.20 22.68 6.73
N ARG C 349 8.50 21.47 6.28
CA ARG C 349 8.46 20.31 7.17
C ARG C 349 9.48 20.46 8.29
N ILE C 350 10.69 20.86 7.94
CA ILE C 350 11.76 21.04 8.91
C ILE C 350 11.41 22.05 9.99
N GLU C 351 10.92 23.21 9.59
CA GLU C 351 10.55 24.26 10.53
C GLU C 351 9.52 23.74 11.53
N HIS C 352 8.55 22.97 11.03
CA HIS C 352 7.52 22.41 11.88
C HIS C 352 8.13 21.45 12.91
N LEU C 353 9.02 20.58 12.44
CA LEU C 353 9.67 19.62 13.32
C LEU C 353 10.53 20.34 14.35
N VAL C 354 11.08 21.49 13.96
CA VAL C 354 11.90 22.28 14.87
C VAL C 354 11.02 22.92 15.93
N ASN C 355 9.93 23.54 15.49
CA ASN C 355 9.00 24.20 16.42
C ASN C 355 8.50 23.21 17.47
N ASP C 356 8.01 22.05 17.03
CA ASP C 356 7.52 21.05 17.96
C ASP C 356 8.58 20.72 19.00
N ALA C 357 9.81 20.50 18.54
CA ALA C 357 10.90 20.19 19.44
C ALA C 357 11.05 21.30 20.47
N ILE C 358 11.21 22.53 19.99
CA ILE C 358 11.36 23.69 20.85
C ILE C 358 10.17 23.77 21.82
N ARG C 359 8.97 23.53 21.29
CA ARG C 359 7.75 23.57 22.10
C ARG C 359 7.91 22.68 23.33
N ALA C 360 8.34 21.45 23.08
CA ALA C 360 8.54 20.49 24.15
C ALA C 360 9.57 21.00 25.14
N MET C 361 10.57 21.72 24.63
CA MET C 361 11.62 22.28 25.46
C MET C 361 11.07 23.38 26.37
N GLU C 362 10.47 24.41 25.77
CA GLU C 362 9.90 25.51 26.52
C GLU C 362 8.93 24.96 27.54
N SER C 363 8.21 23.91 27.14
CA SER C 363 7.22 23.26 27.98
C SER C 363 7.80 22.89 29.34
N HIS C 364 9.10 22.59 29.38
CA HIS C 364 9.76 22.21 30.62
C HIS C 364 10.71 23.29 31.14
N GLN C 365 10.97 24.31 30.31
CA GLN C 365 11.85 25.41 30.70
C GLN C 365 11.15 26.35 31.68
N ASP D 25 -19.38 3.43 12.47
CA ASP D 25 -19.98 2.88 11.27
C ASP D 25 -18.91 2.69 10.19
N GLU D 26 -17.90 3.55 10.23
CA GLU D 26 -16.80 3.50 9.27
C GLU D 26 -15.81 2.39 9.67
N ASP D 27 -15.79 2.07 10.95
CA ASP D 27 -14.89 1.04 11.47
C ASP D 27 -15.60 -0.31 11.49
N LEU D 28 -16.87 -0.31 11.88
CA LEU D 28 -17.66 -1.54 11.94
C LEU D 28 -17.74 -2.17 10.56
N ARG D 29 -17.61 -1.33 9.53
CA ARG D 29 -17.67 -1.79 8.15
C ARG D 29 -16.43 -2.66 7.88
N PHE D 30 -15.27 -2.16 8.28
CA PHE D 30 -14.01 -2.88 8.11
C PHE D 30 -14.07 -4.28 8.72
N CYS D 31 -14.75 -4.39 9.86
CA CYS D 31 -14.89 -5.66 10.57
C CYS D 31 -15.57 -6.74 9.73
N TYR D 32 -16.83 -6.50 9.39
CA TYR D 32 -17.59 -7.47 8.59
C TYR D 32 -16.89 -7.85 7.30
N ASP D 33 -16.17 -6.91 6.70
CA ASP D 33 -15.46 -7.18 5.45
C ASP D 33 -14.32 -8.16 5.70
N ILE D 34 -13.55 -7.88 6.75
CA ILE D 34 -12.41 -8.72 7.10
C ILE D 34 -12.84 -10.09 7.62
N LEU D 35 -14.00 -10.14 8.27
CA LEU D 35 -14.53 -11.39 8.81
C LEU D 35 -14.85 -12.38 7.69
N GLN D 36 -15.52 -11.88 6.65
CA GLN D 36 -15.90 -12.69 5.50
C GLN D 36 -14.67 -13.22 4.76
N ALA D 37 -13.60 -12.45 4.78
CA ALA D 37 -12.36 -12.83 4.10
C ALA D 37 -11.60 -13.87 4.92
N VAL D 38 -11.78 -13.85 6.23
CA VAL D 38 -11.11 -14.79 7.12
C VAL D 38 -11.96 -16.04 7.29
N SER D 39 -13.03 -15.90 8.07
CA SER D 39 -13.93 -17.01 8.33
C SER D 39 -15.08 -16.99 7.33
N ARG D 40 -15.02 -17.85 6.31
CA ARG D 40 -16.12 -17.88 5.36
C ARG D 40 -17.18 -18.80 5.93
N SER D 41 -16.80 -19.52 6.99
CA SER D 41 -17.70 -20.44 7.66
C SER D 41 -18.51 -19.68 8.70
N PHE D 42 -17.81 -19.07 9.66
CA PHE D 42 -18.44 -18.30 10.72
C PHE D 42 -19.18 -17.08 10.18
N ALA D 43 -18.56 -16.41 9.21
CA ALA D 43 -19.13 -15.21 8.60
C ALA D 43 -20.61 -15.31 8.28
N VAL D 44 -21.04 -16.49 7.83
CA VAL D 44 -22.44 -16.70 7.47
C VAL D 44 -23.31 -16.90 8.70
N VAL D 45 -22.88 -17.80 9.58
CA VAL D 45 -23.62 -18.11 10.79
C VAL D 45 -23.86 -16.90 11.69
N ILE D 46 -22.99 -15.90 11.60
CA ILE D 46 -23.12 -14.71 12.45
C ILE D 46 -24.20 -13.74 11.97
N MET D 47 -24.61 -13.85 10.71
CA MET D 47 -25.63 -12.97 10.18
C MET D 47 -27.00 -13.33 10.76
N GLU D 48 -27.12 -14.57 11.22
CA GLU D 48 -28.37 -15.04 11.82
C GLU D 48 -28.71 -14.14 13.00
N LEU D 49 -27.69 -13.82 13.79
CA LEU D 49 -27.85 -12.99 14.97
C LEU D 49 -28.58 -11.67 14.68
N ASP D 50 -29.09 -11.06 15.74
CA ASP D 50 -29.83 -9.80 15.64
C ASP D 50 -28.96 -8.56 15.79
N GLU D 51 -29.18 -7.60 14.89
CA GLU D 51 -28.47 -6.32 14.87
C GLU D 51 -27.48 -6.09 16.01
N GLU D 52 -27.98 -5.58 17.12
CA GLU D 52 -27.17 -5.28 18.30
C GLU D 52 -26.21 -6.43 18.63
N MET D 53 -26.79 -7.57 18.98
CA MET D 53 -26.01 -8.75 19.33
C MET D 53 -25.01 -9.11 18.23
N ARG D 54 -25.45 -8.96 16.98
CA ARG D 54 -24.62 -9.27 15.82
C ARG D 54 -23.26 -8.57 15.87
N ASP D 55 -23.28 -7.27 16.13
CA ASP D 55 -22.05 -6.48 16.20
C ASP D 55 -21.09 -6.97 17.28
N ALA D 56 -21.64 -7.24 18.46
CA ALA D 56 -20.83 -7.72 19.59
C ALA D 56 -20.08 -9.00 19.25
N VAL D 57 -20.79 -9.98 18.73
CA VAL D 57 -20.19 -11.26 18.36
C VAL D 57 -19.15 -11.09 17.25
N CYS D 58 -19.37 -10.12 16.38
CA CYS D 58 -18.43 -9.87 15.28
C CYS D 58 -17.08 -9.42 15.82
N ILE D 59 -17.11 -8.49 16.76
CA ILE D 59 -15.89 -7.99 17.37
C ILE D 59 -15.21 -9.12 18.13
N PHE D 60 -15.98 -9.77 19.00
CA PHE D 60 -15.50 -10.88 19.81
C PHE D 60 -14.71 -11.90 19.01
N TYR D 61 -15.15 -12.18 17.78
CA TYR D 61 -14.48 -13.14 16.93
C TYR D 61 -13.17 -12.56 16.39
N LEU D 62 -13.24 -11.34 15.87
CA LEU D 62 -12.07 -10.68 15.31
C LEU D 62 -11.00 -10.47 16.39
N VAL D 63 -11.45 -10.42 17.65
CA VAL D 63 -10.55 -10.24 18.77
C VAL D 63 -9.79 -11.54 19.02
N LEU D 64 -10.51 -12.66 18.97
CA LEU D 64 -9.93 -13.97 19.19
C LEU D 64 -9.18 -14.44 17.94
N ARG D 65 -9.59 -13.94 16.78
CA ARG D 65 -8.95 -14.31 15.53
C ARG D 65 -7.61 -13.58 15.43
N ALA D 66 -7.59 -12.36 15.94
CA ALA D 66 -6.37 -11.56 15.94
C ALA D 66 -5.38 -12.21 16.89
N LEU D 67 -5.89 -12.67 18.03
CA LEU D 67 -5.07 -13.34 19.03
C LEU D 67 -4.56 -14.65 18.45
N ASP D 68 -5.46 -15.37 17.78
CA ASP D 68 -5.13 -16.66 17.17
C ASP D 68 -3.99 -16.52 16.15
N THR D 69 -3.90 -15.36 15.52
CA THR D 69 -2.87 -15.11 14.52
C THR D 69 -1.47 -15.13 15.12
N VAL D 70 -1.29 -14.38 16.21
CA VAL D 70 0.00 -14.31 16.88
C VAL D 70 0.45 -15.70 17.35
N GLU D 71 -0.52 -16.51 17.75
CA GLU D 71 -0.22 -17.86 18.22
C GLU D 71 0.20 -18.78 17.07
N ASP D 72 -0.63 -18.82 16.02
CA ASP D 72 -0.34 -19.66 14.86
C ASP D 72 0.98 -19.32 14.19
N ASP D 73 1.29 -18.03 14.09
CA ASP D 73 2.53 -17.60 13.46
C ASP D 73 3.69 -18.33 14.11
N MET D 74 4.47 -19.06 13.32
CA MET D 74 5.60 -19.83 13.84
C MET D 74 6.95 -19.14 13.72
N SER D 75 7.05 -18.16 12.83
CA SER D 75 8.31 -17.44 12.63
C SER D 75 8.60 -16.45 13.77
N ILE D 76 7.58 -16.15 14.56
CA ILE D 76 7.73 -15.22 15.67
C ILE D 76 8.43 -15.90 16.85
N PRO D 77 9.36 -15.19 17.50
CA PRO D 77 10.07 -15.78 18.65
C PRO D 77 9.08 -16.14 19.75
N VAL D 78 9.42 -17.16 20.53
CA VAL D 78 8.54 -17.63 21.60
C VAL D 78 8.43 -16.65 22.78
N GLU D 79 9.50 -15.93 23.07
CA GLU D 79 9.49 -14.98 24.18
C GLU D 79 8.66 -13.74 23.87
N PHE D 80 8.41 -13.50 22.59
CA PHE D 80 7.62 -12.35 22.16
C PHE D 80 6.16 -12.59 22.52
N LYS D 81 5.66 -13.78 22.17
CA LYS D 81 4.29 -14.16 22.43
C LYS D 81 3.94 -14.16 23.92
N LEU D 82 4.83 -14.74 24.73
CA LEU D 82 4.62 -14.81 26.17
C LEU D 82 4.58 -13.44 26.84
N ARG D 83 5.29 -12.47 26.25
CA ARG D 83 5.33 -11.12 26.80
C ARG D 83 4.21 -10.25 26.24
N GLU D 84 3.69 -10.65 25.09
CA GLU D 84 2.62 -9.91 24.43
C GLU D 84 1.21 -10.48 24.66
N LEU D 85 1.01 -11.72 24.23
CA LEU D 85 -0.29 -12.39 24.37
C LEU D 85 -1.00 -12.12 25.70
N PRO D 86 -0.31 -12.32 26.83
CA PRO D 86 -0.94 -12.08 28.14
C PRO D 86 -1.45 -10.66 28.36
N LYS D 87 -0.94 -9.72 27.58
CA LYS D 87 -1.35 -8.32 27.69
C LYS D 87 -2.08 -7.81 26.45
N PHE D 88 -2.60 -8.75 25.65
CA PHE D 88 -3.30 -8.40 24.43
C PHE D 88 -4.65 -7.73 24.72
N HIS D 89 -5.42 -8.32 25.63
CA HIS D 89 -6.73 -7.80 25.98
C HIS D 89 -6.71 -6.34 26.38
N GLU D 90 -5.53 -5.84 26.76
CA GLU D 90 -5.37 -4.46 27.18
C GLU D 90 -5.29 -3.48 26.01
N HIS D 91 -4.92 -3.97 24.84
CA HIS D 91 -4.80 -3.13 23.65
C HIS D 91 -6.18 -2.76 23.12
N LEU D 92 -7.22 -3.38 23.68
CA LEU D 92 -8.59 -3.12 23.26
C LEU D 92 -9.02 -1.68 23.56
N HIS D 93 -8.57 -1.15 24.70
CA HIS D 93 -8.92 0.21 25.08
C HIS D 93 -7.97 1.23 24.45
N ASP D 94 -6.87 0.74 23.89
CA ASP D 94 -5.91 1.62 23.22
C ASP D 94 -6.35 1.70 21.76
N THR D 95 -7.08 2.76 21.43
CA THR D 95 -7.63 2.95 20.09
C THR D 95 -6.63 3.28 18.97
N THR D 96 -5.34 3.11 19.22
CA THR D 96 -4.34 3.40 18.20
C THR D 96 -3.31 2.28 18.10
N TRP D 97 -3.61 1.14 18.71
CA TRP D 97 -2.69 0.01 18.69
C TRP D 97 -2.88 -0.86 17.45
N CYS D 98 -1.80 -1.52 17.04
CA CYS D 98 -1.81 -2.40 15.87
C CYS D 98 -0.49 -3.16 15.82
N MET D 99 -0.37 -4.10 14.88
CA MET D 99 0.85 -4.90 14.72
C MET D 99 1.08 -5.08 13.22
N SER D 100 2.34 -5.22 12.82
CA SER D 100 2.69 -5.35 11.41
C SER D 100 3.15 -6.70 10.88
N GLY D 101 4.33 -7.15 11.30
CA GLY D 101 4.83 -8.43 10.83
C GLY D 101 4.23 -9.62 11.54
N VAL D 102 2.99 -9.95 11.19
CA VAL D 102 2.28 -11.06 11.83
C VAL D 102 1.21 -11.67 10.95
N GLY D 103 1.18 -13.00 10.85
CA GLY D 103 0.18 -13.67 10.04
C GLY D 103 0.33 -13.47 8.54
N VAL D 104 -0.21 -14.40 7.78
CA VAL D 104 -0.13 -14.31 6.32
C VAL D 104 -1.43 -13.83 5.68
N GLY D 105 -1.31 -12.90 4.73
CA GLY D 105 -2.47 -12.38 4.04
C GLY D 105 -3.44 -11.55 4.86
N ARG D 106 -4.73 -11.88 4.72
CA ARG D 106 -5.80 -11.18 5.40
C ARG D 106 -5.67 -11.04 6.93
N GLU D 107 -5.15 -12.07 7.58
CA GLU D 107 -4.99 -11.99 9.03
C GLU D 107 -3.95 -10.95 9.40
N ARG D 108 -3.02 -10.72 8.49
CA ARG D 108 -1.95 -9.75 8.69
C ARG D 108 -2.56 -8.36 8.53
N GLU D 109 -3.56 -8.26 7.66
CA GLU D 109 -4.25 -7.01 7.39
C GLU D 109 -5.13 -6.59 8.56
N LEU D 110 -5.49 -7.56 9.41
CA LEU D 110 -6.33 -7.28 10.57
C LEU D 110 -5.52 -6.63 11.68
N LEU D 111 -4.41 -7.27 12.04
CA LEU D 111 -3.54 -6.76 13.10
C LEU D 111 -2.95 -5.40 12.72
N GLU D 112 -2.64 -5.22 11.44
CA GLU D 112 -2.07 -3.97 10.96
C GLU D 112 -3.10 -2.86 11.00
N ARG D 113 -4.35 -3.19 10.71
CA ARG D 113 -5.44 -2.22 10.71
C ARG D 113 -6.40 -2.52 11.85
N TYR D 114 -5.85 -2.96 12.98
CA TYR D 114 -6.65 -3.31 14.14
C TYR D 114 -7.30 -2.08 14.76
N THR D 115 -7.06 -0.91 14.16
CA THR D 115 -7.61 0.33 14.67
C THR D 115 -9.13 0.33 14.68
N HIS D 116 -9.73 -0.07 13.55
CA HIS D 116 -11.17 -0.10 13.42
C HIS D 116 -11.79 -1.03 14.46
N VAL D 117 -11.10 -2.14 14.75
CA VAL D 117 -11.58 -3.11 15.73
C VAL D 117 -11.64 -2.51 17.12
N THR D 118 -10.58 -1.79 17.50
CA THR D 118 -10.52 -1.16 18.82
C THR D 118 -11.53 -0.02 18.95
N ARG D 119 -11.85 0.62 17.83
CA ARG D 119 -12.82 1.72 17.84
C ARG D 119 -14.22 1.16 17.95
N ALA D 120 -14.54 0.19 17.10
CA ALA D 120 -15.86 -0.43 17.10
C ALA D 120 -16.12 -1.07 18.46
N TYR D 121 -15.04 -1.38 19.16
CA TYR D 121 -15.13 -2.00 20.48
C TYR D 121 -15.49 -0.95 21.53
N SER D 122 -14.76 0.16 21.51
CA SER D 122 -14.97 1.24 22.47
C SER D 122 -16.40 1.77 22.44
N ARG D 123 -17.15 1.43 21.41
CA ARG D 123 -18.54 1.87 21.29
C ARG D 123 -19.56 0.84 21.77
N LEU D 124 -19.10 -0.40 21.98
CA LEU D 124 -19.98 -1.45 22.46
C LEU D 124 -20.43 -1.17 23.89
N GLY D 125 -21.47 -1.85 24.33
CA GLY D 125 -21.96 -1.65 25.68
C GLY D 125 -20.92 -2.03 26.72
N LYS D 126 -20.96 -1.36 27.86
CA LYS D 126 -20.01 -1.64 28.94
C LYS D 126 -20.03 -3.12 29.26
N ALA D 127 -21.23 -3.69 29.32
CA ALA D 127 -21.41 -5.11 29.61
C ALA D 127 -20.72 -5.98 28.55
N TYR D 128 -20.99 -5.68 27.28
CA TYR D 128 -20.39 -6.44 26.19
C TYR D 128 -18.87 -6.40 26.21
N GLN D 129 -18.32 -5.21 26.49
CA GLN D 129 -16.88 -5.03 26.53
C GLN D 129 -16.17 -5.87 27.59
N ASP D 130 -16.65 -5.81 28.82
CA ASP D 130 -16.04 -6.57 29.91
C ASP D 130 -15.90 -8.06 29.57
N VAL D 131 -16.93 -8.63 28.97
CA VAL D 131 -16.91 -10.04 28.61
C VAL D 131 -15.85 -10.38 27.57
N ILE D 132 -15.84 -9.65 26.46
CA ILE D 132 -14.86 -9.90 25.40
C ILE D 132 -13.44 -9.79 25.94
N SER D 133 -13.19 -8.79 26.78
CA SER D 133 -11.87 -8.59 27.36
C SER D 133 -11.52 -9.74 28.30
N GLY D 134 -12.52 -10.22 29.03
CA GLY D 134 -12.31 -11.31 29.96
C GLY D 134 -11.90 -12.60 29.28
N ILE D 135 -12.74 -13.08 28.36
CA ILE D 135 -12.45 -14.31 27.62
C ILE D 135 -11.13 -14.21 26.88
N CYS D 136 -10.84 -13.04 26.32
CA CYS D 136 -9.61 -12.82 25.58
C CYS D 136 -8.39 -13.10 26.47
N GLU D 137 -8.27 -12.35 27.54
CA GLU D 137 -7.16 -12.51 28.48
C GLU D 137 -7.01 -13.97 28.91
N ARG D 138 -8.10 -14.54 29.41
CA ARG D 138 -8.11 -15.92 29.87
C ARG D 138 -7.63 -16.88 28.79
N MET D 139 -8.18 -16.74 27.60
CA MET D 139 -7.80 -17.60 26.47
C MET D 139 -6.34 -17.38 26.11
N ALA D 140 -5.92 -16.11 26.09
CA ALA D 140 -4.55 -15.75 25.77
C ALA D 140 -3.56 -16.47 26.67
N ASN D 141 -3.81 -16.41 27.97
CA ASN D 141 -2.94 -17.05 28.96
C ASN D 141 -2.93 -18.57 28.79
N GLY D 142 -4.07 -19.13 28.42
CA GLY D 142 -4.16 -20.56 28.22
C GLY D 142 -3.32 -21.01 27.04
N MET D 143 -3.22 -20.13 26.05
CA MET D 143 -2.45 -20.41 24.84
C MET D 143 -0.96 -20.38 25.16
N CYS D 144 -0.55 -19.43 25.99
CA CYS D 144 0.84 -19.30 26.39
C CYS D 144 1.30 -20.57 27.09
N ASP D 145 0.37 -21.21 27.79
CA ASP D 145 0.66 -22.44 28.51
C ASP D 145 0.99 -23.56 27.52
N PHE D 146 0.14 -23.72 26.51
CA PHE D 146 0.33 -24.75 25.50
C PHE D 146 1.29 -24.35 24.39
N LEU D 147 2.02 -23.26 24.60
CA LEU D 147 3.00 -22.78 23.63
C LEU D 147 4.37 -23.32 24.02
N THR D 148 4.47 -23.83 25.25
CA THR D 148 5.73 -24.36 25.77
C THR D 148 5.64 -25.81 26.20
N ARG D 149 4.76 -26.58 25.56
CA ARG D 149 4.60 -28.00 25.86
C ARG D 149 3.56 -28.66 24.95
N LYS D 150 3.64 -29.98 24.83
CA LYS D 150 2.73 -30.74 23.98
C LYS D 150 1.49 -31.26 24.69
N VAL D 151 0.62 -31.92 23.92
CA VAL D 151 -0.61 -32.51 24.45
C VAL D 151 -0.38 -34.00 24.70
N GLU D 152 -0.22 -34.36 25.96
CA GLU D 152 0.03 -35.75 26.32
C GLU D 152 -1.21 -36.51 26.77
N THR D 153 -1.79 -36.09 27.89
CA THR D 153 -2.96 -36.74 28.46
C THR D 153 -4.28 -36.22 27.88
N LYS D 154 -5.36 -36.94 28.20
CA LYS D 154 -6.69 -36.53 27.75
C LYS D 154 -7.02 -35.20 28.40
N ALA D 155 -6.61 -35.05 29.65
CA ALA D 155 -6.85 -33.81 30.40
C ALA D 155 -6.24 -32.64 29.64
N ASP D 156 -5.02 -32.84 29.13
CA ASP D 156 -4.34 -31.81 28.36
C ASP D 156 -5.24 -31.46 27.19
N TYR D 157 -5.68 -32.51 26.49
CA TYR D 157 -6.55 -32.39 25.33
C TYR D 157 -7.77 -31.52 25.67
N ASP D 158 -8.52 -31.94 26.68
CA ASP D 158 -9.71 -31.23 27.11
C ASP D 158 -9.44 -29.80 27.59
N LEU D 159 -8.32 -29.61 28.29
CA LEU D 159 -7.97 -28.30 28.80
C LEU D 159 -7.62 -27.37 27.63
N TYR D 160 -6.92 -27.90 26.64
CA TYR D 160 -6.53 -27.14 25.47
C TYR D 160 -7.78 -26.68 24.72
N CYS D 161 -8.71 -27.62 24.52
CA CYS D 161 -9.95 -27.31 23.82
C CYS D 161 -10.73 -26.28 24.62
N HIS D 162 -10.60 -26.34 25.94
CA HIS D 162 -11.28 -25.40 26.82
C HIS D 162 -10.80 -23.98 26.53
N TYR D 163 -9.49 -23.84 26.38
CA TYR D 163 -8.88 -22.54 26.12
C TYR D 163 -9.25 -21.95 24.76
N VAL D 164 -9.17 -22.76 23.71
CA VAL D 164 -9.46 -22.29 22.36
C VAL D 164 -10.89 -22.53 21.85
N ALA D 165 -11.73 -23.17 22.66
CA ALA D 165 -13.09 -23.44 22.26
C ALA D 165 -14.09 -23.31 23.40
N GLY D 166 -13.82 -24.03 24.49
CA GLY D 166 -14.71 -23.98 25.65
C GLY D 166 -14.90 -22.58 26.17
N LEU D 167 -13.84 -21.78 26.15
CA LEU D 167 -13.90 -20.40 26.63
C LEU D 167 -14.80 -19.56 25.73
N VAL D 168 -14.84 -19.89 24.45
CA VAL D 168 -15.69 -19.16 23.52
C VAL D 168 -17.13 -19.49 23.87
N GLY D 169 -17.35 -20.74 24.30
CA GLY D 169 -18.68 -21.17 24.69
C GLY D 169 -19.15 -20.31 25.86
N HIS D 170 -18.24 -20.03 26.78
CA HIS D 170 -18.56 -19.20 27.93
C HIS D 170 -18.79 -17.78 27.45
N GLY D 171 -17.89 -17.30 26.60
CA GLY D 171 -18.01 -15.95 26.07
C GLY D 171 -19.37 -15.69 25.47
N LEU D 172 -19.74 -16.46 24.46
CA LEU D 172 -21.02 -16.31 23.80
C LEU D 172 -22.18 -16.40 24.79
N THR D 173 -22.17 -17.44 25.62
CA THR D 173 -23.21 -17.64 26.61
C THR D 173 -23.36 -16.42 27.50
N LEU D 174 -22.24 -15.81 27.87
CA LEU D 174 -22.27 -14.62 28.72
C LEU D 174 -22.72 -13.40 27.93
N LEU D 175 -22.74 -13.54 26.60
CA LEU D 175 -23.17 -12.44 25.74
C LEU D 175 -24.67 -12.51 25.50
N TYR D 176 -25.22 -13.73 25.55
CA TYR D 176 -26.66 -13.92 25.35
C TYR D 176 -27.41 -13.37 26.56
N VAL D 177 -26.87 -13.64 27.75
CA VAL D 177 -27.49 -13.16 28.99
C VAL D 177 -27.33 -11.65 29.05
N SER D 178 -26.14 -11.17 28.71
CA SER D 178 -25.85 -9.74 28.73
C SER D 178 -26.86 -8.99 27.87
N SER D 179 -27.04 -9.45 26.63
CA SER D 179 -27.98 -8.83 25.71
C SER D 179 -29.40 -8.92 26.25
N GLY D 180 -29.61 -9.85 27.18
CA GLY D 180 -30.93 -10.02 27.76
C GLY D 180 -31.77 -10.99 26.96
N LEU D 181 -31.37 -11.23 25.71
CA LEU D 181 -32.09 -12.14 24.83
C LEU D 181 -32.40 -13.46 25.53
N GLU D 182 -31.36 -14.06 26.11
CA GLU D 182 -31.54 -15.32 26.82
C GLU D 182 -31.73 -15.12 28.32
N ASP D 183 -32.30 -16.13 28.97
CA ASP D 183 -32.55 -16.08 30.40
C ASP D 183 -31.25 -15.74 31.12
N VAL D 184 -31.37 -15.14 32.31
CA VAL D 184 -30.20 -14.77 33.08
C VAL D 184 -29.66 -15.98 33.82
N ARG D 185 -30.47 -17.02 33.89
CA ARG D 185 -30.11 -18.26 34.56
C ARG D 185 -29.19 -19.09 33.67
N LEU D 186 -29.12 -18.71 32.40
CA LEU D 186 -28.30 -19.40 31.40
C LEU D 186 -26.80 -19.28 31.65
N ALA D 187 -26.40 -18.47 32.63
CA ALA D 187 -24.98 -18.28 32.92
C ALA D 187 -24.54 -18.80 34.28
N ASP D 188 -25.40 -19.54 34.97
CA ASP D 188 -25.06 -20.07 36.28
C ASP D 188 -24.02 -21.19 36.18
N ASP D 189 -24.25 -22.10 35.25
CA ASP D 189 -23.33 -23.22 35.05
C ASP D 189 -22.90 -23.27 33.59
N LEU D 190 -21.62 -22.97 33.35
CA LEU D 190 -21.07 -22.96 32.00
C LEU D 190 -20.46 -24.29 31.57
N THR D 191 -20.83 -25.37 32.24
CA THR D 191 -20.31 -26.69 31.90
C THR D 191 -20.78 -27.05 30.49
N ASN D 192 -22.10 -27.04 30.28
CA ASN D 192 -22.65 -27.37 28.97
C ASN D 192 -22.10 -26.42 27.91
N ALA D 193 -21.85 -25.18 28.32
CA ALA D 193 -21.31 -24.17 27.42
C ALA D 193 -19.92 -24.60 26.95
N ASN D 194 -19.22 -25.31 27.82
CA ASN D 194 -17.88 -25.80 27.50
C ASN D 194 -17.99 -26.97 26.53
N HIS D 195 -18.91 -27.88 26.83
CA HIS D 195 -19.14 -29.05 25.98
C HIS D 195 -19.46 -28.63 24.56
N MET D 196 -20.19 -27.52 24.43
CA MET D 196 -20.55 -26.99 23.13
C MET D 196 -19.27 -26.67 22.36
N GLY D 197 -18.39 -25.93 23.02
CA GLY D 197 -17.13 -25.55 22.40
C GLY D 197 -16.19 -26.71 22.10
N LEU D 198 -16.09 -27.65 23.03
CA LEU D 198 -15.22 -28.81 22.83
C LEU D 198 -15.67 -29.69 21.67
N PHE D 199 -16.96 -29.95 21.58
CA PHE D 199 -17.50 -30.79 20.51
C PHE D 199 -17.07 -30.27 19.14
N LEU D 200 -17.20 -28.97 18.92
CA LEU D 200 -16.83 -28.36 17.66
C LEU D 200 -15.32 -28.50 17.42
N GLN D 201 -14.55 -28.11 18.43
CA GLN D 201 -13.10 -28.17 18.33
C GLN D 201 -12.59 -29.58 18.09
N LYS D 202 -13.03 -30.53 18.91
CA LYS D 202 -12.61 -31.91 18.77
C LYS D 202 -12.98 -32.48 17.40
N THR D 203 -14.13 -32.06 16.86
CA THR D 203 -14.58 -32.53 15.56
C THR D 203 -13.62 -32.04 14.48
N ASN D 204 -13.05 -30.85 14.68
CA ASN D 204 -12.10 -30.30 13.71
C ASN D 204 -10.74 -30.98 13.85
N ILE D 205 -10.24 -31.01 15.09
CA ILE D 205 -8.95 -31.63 15.37
C ILE D 205 -8.89 -33.02 14.74
N ILE D 206 -9.96 -33.78 14.93
CA ILE D 206 -10.05 -35.14 14.39
C ILE D 206 -10.11 -35.13 12.86
N ARG D 207 -10.91 -34.22 12.31
CA ARG D 207 -11.07 -34.11 10.86
C ARG D 207 -9.84 -33.54 10.15
N ASP D 208 -9.23 -32.53 10.74
CA ASP D 208 -8.06 -31.88 10.14
C ASP D 208 -6.75 -32.56 10.49
N PHE D 209 -6.81 -33.78 10.99
CA PHE D 209 -5.60 -34.53 11.37
C PHE D 209 -4.51 -34.42 10.31
N TYR D 210 -4.87 -34.76 9.07
CA TYR D 210 -3.93 -34.73 7.96
C TYR D 210 -3.41 -33.33 7.65
N GLU D 211 -4.34 -32.43 7.34
CA GLU D 211 -3.99 -31.06 7.01
C GLU D 211 -3.06 -30.42 8.03
N ASP D 212 -3.13 -30.89 9.28
CA ASP D 212 -2.29 -30.35 10.34
C ASP D 212 -0.92 -30.99 10.37
N ILE D 213 -0.87 -32.32 10.27
CA ILE D 213 0.38 -33.06 10.30
C ILE D 213 1.22 -32.84 9.04
N CYS D 214 0.62 -32.24 8.02
CA CYS D 214 1.31 -31.98 6.77
C CYS D 214 1.88 -30.57 6.66
N GLU D 215 2.08 -29.93 7.81
CA GLU D 215 2.63 -28.58 7.84
C GLU D 215 3.99 -28.61 8.53
N VAL D 216 4.82 -27.62 8.25
CA VAL D 216 6.15 -27.56 8.84
C VAL D 216 6.31 -26.34 9.75
N PRO D 217 6.47 -26.55 11.06
CA PRO D 217 6.50 -27.87 11.71
C PRO D 217 5.12 -28.53 11.76
N PRO D 218 5.08 -29.87 11.90
CA PRO D 218 3.83 -30.62 11.97
C PRO D 218 3.02 -30.36 13.23
N ARG D 219 1.77 -29.93 13.05
CA ARG D 219 0.89 -29.63 14.17
C ARG D 219 0.10 -30.88 14.59
N VAL D 220 0.32 -31.30 15.83
CA VAL D 220 -0.36 -32.48 16.37
C VAL D 220 -1.19 -32.10 17.59
N PHE D 221 -2.43 -32.55 17.63
CA PHE D 221 -3.32 -32.24 18.74
C PHE D 221 -3.84 -33.49 19.45
N TRP D 222 -3.87 -34.61 18.73
CA TRP D 222 -4.34 -35.87 19.29
C TRP D 222 -3.49 -36.21 20.51
N PRO D 223 -4.14 -36.48 21.66
CA PRO D 223 -3.44 -36.81 22.91
C PRO D 223 -2.73 -38.16 22.88
N ARG D 224 -1.45 -38.16 23.29
CA ARG D 224 -0.65 -39.37 23.32
C ARG D 224 -1.34 -40.50 24.08
N GLU D 225 -2.06 -40.12 25.14
CA GLU D 225 -2.76 -41.11 25.96
C GLU D 225 -3.78 -41.91 25.17
N ILE D 226 -4.10 -41.45 23.96
CA ILE D 226 -5.08 -42.14 23.13
C ILE D 226 -4.50 -42.83 21.89
N TRP D 227 -3.50 -42.22 21.25
CA TRP D 227 -2.92 -42.83 20.07
C TRP D 227 -1.76 -43.80 20.32
N GLU D 228 -1.17 -43.75 21.51
CA GLU D 228 -0.07 -44.64 21.82
C GLU D 228 -0.49 -46.11 21.81
N LYS D 229 -1.76 -46.36 22.12
CA LYS D 229 -2.28 -47.73 22.15
C LYS D 229 -2.35 -48.32 20.75
N TYR D 230 -2.22 -47.48 19.74
CA TYR D 230 -2.32 -47.93 18.36
C TYR D 230 -1.06 -47.67 17.53
N THR D 231 -0.15 -46.85 18.05
CA THR D 231 1.08 -46.54 17.32
C THR D 231 2.18 -45.97 18.21
N ASP D 232 3.41 -46.03 17.70
CA ASP D 232 4.57 -45.53 18.43
C ASP D 232 4.94 -44.17 17.83
N ASP D 233 4.69 -44.04 16.53
CA ASP D 233 4.98 -42.81 15.81
C ASP D 233 3.72 -42.38 15.08
N LEU D 234 3.03 -41.39 15.63
CA LEU D 234 1.79 -40.87 15.07
C LEU D 234 1.86 -40.64 13.55
N HIS D 235 3.03 -40.30 13.05
CA HIS D 235 3.22 -40.06 11.62
C HIS D 235 2.88 -41.29 10.78
N ALA D 236 3.02 -42.46 11.38
CA ALA D 236 2.75 -43.72 10.71
C ALA D 236 1.37 -43.75 10.05
N PHE D 237 0.43 -42.99 10.60
CA PHE D 237 -0.92 -42.96 10.06
C PHE D 237 -0.99 -42.39 8.65
N LYS D 238 0.03 -41.63 8.25
CA LYS D 238 0.07 -41.05 6.91
C LYS D 238 0.32 -42.13 5.87
N ASP D 239 0.89 -43.25 6.31
CA ASP D 239 1.20 -44.36 5.41
C ASP D 239 0.07 -45.39 5.48
N GLU D 240 -0.28 -45.96 4.33
CA GLU D 240 -1.34 -46.95 4.26
C GLU D 240 -0.99 -48.24 4.99
N LEU D 241 0.30 -48.44 5.24
CA LEU D 241 0.78 -49.64 5.93
C LEU D 241 0.16 -49.78 7.32
N HIS D 242 -0.05 -48.66 7.99
CA HIS D 242 -0.62 -48.67 9.33
C HIS D 242 -2.06 -48.15 9.34
N GLU D 243 -2.72 -48.22 8.19
CA GLU D 243 -4.09 -47.74 8.06
C GLU D 243 -5.05 -48.38 9.06
N ALA D 244 -4.99 -49.71 9.18
CA ALA D 244 -5.86 -50.43 10.09
C ALA D 244 -5.78 -49.88 11.52
N LYS D 245 -4.56 -49.68 11.99
CA LYS D 245 -4.35 -49.15 13.34
C LYS D 245 -4.54 -47.64 13.39
N ALA D 246 -4.77 -47.05 12.23
CA ALA D 246 -4.98 -45.61 12.13
C ALA D 246 -6.47 -45.34 12.28
N VAL D 247 -7.27 -46.24 11.71
CA VAL D 247 -8.73 -46.12 11.78
C VAL D 247 -9.23 -46.37 13.20
N GLU D 248 -8.61 -47.30 13.90
CA GLU D 248 -9.01 -47.59 15.28
C GLU D 248 -8.80 -46.36 16.14
N CYS D 249 -7.63 -45.73 15.97
CA CYS D 249 -7.30 -44.54 16.72
C CYS D 249 -8.33 -43.47 16.40
N LEU D 250 -8.68 -43.37 15.12
CA LEU D 250 -9.67 -42.40 14.66
C LEU D 250 -11.00 -42.63 15.35
N ASN D 251 -11.44 -43.88 15.40
CA ASN D 251 -12.70 -44.22 16.04
C ASN D 251 -12.63 -44.01 17.55
N ALA D 252 -11.42 -44.00 18.10
CA ALA D 252 -11.23 -43.78 19.52
C ALA D 252 -11.49 -42.31 19.79
N MET D 253 -11.09 -41.49 18.83
CA MET D 253 -11.26 -40.04 18.92
C MET D 253 -12.74 -39.69 18.84
N VAL D 254 -13.47 -40.38 17.96
CA VAL D 254 -14.89 -40.15 17.78
C VAL D 254 -15.64 -40.48 19.07
N ALA D 255 -15.29 -41.63 19.67
CA ALA D 255 -15.91 -42.06 20.92
C ALA D 255 -15.58 -41.06 22.00
N ASP D 256 -14.50 -40.31 21.79
CA ASP D 256 -14.04 -39.29 22.73
C ASP D 256 -14.87 -38.02 22.61
N ALA D 257 -15.41 -37.78 21.43
CA ALA D 257 -16.22 -36.58 21.18
C ALA D 257 -17.71 -36.80 21.40
N LEU D 258 -18.15 -38.06 21.30
CA LEU D 258 -19.57 -38.38 21.49
C LEU D 258 -20.03 -38.08 22.92
N VAL D 259 -19.07 -38.03 23.84
CA VAL D 259 -19.37 -37.76 25.25
C VAL D 259 -20.08 -36.42 25.44
N HIS D 260 -19.64 -35.42 24.67
CA HIS D 260 -20.18 -34.07 24.75
C HIS D 260 -21.58 -33.90 24.16
N VAL D 261 -21.96 -34.78 23.23
CA VAL D 261 -23.26 -34.69 22.58
C VAL D 261 -24.44 -34.54 23.55
N PRO D 262 -24.62 -35.48 24.48
CA PRO D 262 -25.73 -35.39 25.43
C PRO D 262 -25.79 -34.04 26.14
N HIS D 263 -24.64 -33.43 26.35
CA HIS D 263 -24.55 -32.13 27.02
C HIS D 263 -24.89 -31.00 26.04
N VAL D 264 -24.52 -31.19 24.78
CA VAL D 264 -24.80 -30.19 23.76
C VAL D 264 -26.31 -30.08 23.56
N VAL D 265 -27.00 -31.20 23.72
CA VAL D 265 -28.45 -31.24 23.56
C VAL D 265 -29.15 -30.40 24.63
N GLU D 266 -28.73 -30.57 25.88
CA GLU D 266 -29.32 -29.82 27.00
C GLU D 266 -29.19 -28.32 26.78
N TYR D 267 -28.01 -27.88 26.38
CA TYR D 267 -27.77 -26.46 26.15
C TYR D 267 -28.66 -25.90 25.06
N LEU D 268 -28.72 -26.59 23.92
CA LEU D 268 -29.55 -26.12 22.81
C LEU D 268 -31.02 -26.05 23.23
N ALA D 269 -31.41 -26.93 24.15
CA ALA D 269 -32.78 -26.96 24.64
C ALA D 269 -33.05 -25.85 25.64
N SER D 270 -32.00 -25.39 26.31
CA SER D 270 -32.14 -24.33 27.30
C SER D 270 -32.36 -22.98 26.64
N LEU D 271 -31.95 -22.87 25.38
CA LEU D 271 -32.09 -21.63 24.62
C LEU D 271 -33.55 -21.34 24.32
N ARG D 272 -33.90 -20.05 24.25
CA ARG D 272 -35.29 -19.66 23.98
C ARG D 272 -35.41 -18.70 22.81
N ASP D 273 -34.45 -17.79 22.67
CA ASP D 273 -34.47 -16.81 21.59
C ASP D 273 -34.13 -17.43 20.24
N PRO D 274 -35.01 -17.23 19.24
CA PRO D 274 -34.87 -17.74 17.87
C PRO D 274 -33.51 -17.47 17.24
N SER D 275 -33.08 -16.22 17.26
CA SER D 275 -31.81 -15.83 16.68
C SER D 275 -30.64 -16.54 17.37
N VAL D 276 -30.64 -16.53 18.69
CA VAL D 276 -29.58 -17.17 19.46
C VAL D 276 -29.50 -18.65 19.18
N PHE D 277 -30.65 -19.32 19.17
CA PHE D 277 -30.69 -20.76 18.92
C PHE D 277 -30.08 -21.15 17.58
N THR D 278 -30.59 -20.55 16.50
CA THR D 278 -30.08 -20.85 15.16
C THR D 278 -28.56 -20.71 15.12
N PHE D 279 -28.07 -19.60 15.66
CA PHE D 279 -26.64 -19.31 15.70
C PHE D 279 -25.86 -20.33 16.50
N SER D 280 -26.53 -20.96 17.47
CA SER D 280 -25.89 -21.95 18.32
C SER D 280 -26.11 -23.40 17.86
N ALA D 281 -27.24 -23.66 17.22
CA ALA D 281 -27.57 -24.99 16.75
C ALA D 281 -26.88 -25.42 15.45
N ILE D 282 -26.77 -24.49 14.50
CA ILE D 282 -26.14 -24.79 13.22
C ILE D 282 -24.74 -25.40 13.34
N PRO D 283 -23.81 -24.71 14.01
CA PRO D 283 -22.45 -25.24 14.16
C PRO D 283 -22.43 -26.64 14.78
N GLN D 284 -23.37 -26.92 15.67
CA GLN D 284 -23.44 -28.22 16.33
C GLN D 284 -23.87 -29.32 15.37
N VAL D 285 -24.92 -29.07 14.59
CA VAL D 285 -25.40 -30.05 13.64
C VAL D 285 -24.34 -30.25 12.56
N MET D 286 -23.57 -29.20 12.30
CA MET D 286 -22.50 -29.25 11.32
C MET D 286 -21.40 -30.20 11.80
N ALA D 287 -21.05 -30.06 13.08
CA ALA D 287 -20.01 -30.89 13.68
C ALA D 287 -20.42 -32.36 13.67
N MET D 288 -21.64 -32.65 14.12
CA MET D 288 -22.15 -34.01 14.16
C MET D 288 -22.22 -34.62 12.77
N ALA D 289 -22.57 -33.80 11.78
CA ALA D 289 -22.65 -34.27 10.41
C ALA D 289 -21.25 -34.64 9.93
N THR D 290 -20.29 -33.78 10.24
CA THR D 290 -18.90 -34.01 9.85
C THR D 290 -18.35 -35.23 10.57
N LEU D 291 -18.74 -35.39 11.84
CA LEU D 291 -18.28 -36.51 12.65
C LEU D 291 -18.79 -37.84 12.10
N SER D 292 -20.04 -37.86 11.63
CA SER D 292 -20.63 -39.07 11.08
C SER D 292 -19.90 -39.51 9.81
N LEU D 293 -19.28 -38.55 9.13
CA LEU D 293 -18.55 -38.83 7.90
C LEU D 293 -17.12 -39.29 8.16
N VAL D 294 -16.43 -38.60 9.05
CA VAL D 294 -15.05 -38.93 9.38
C VAL D 294 -14.90 -40.18 10.24
N PHE D 295 -16.01 -40.64 10.83
CA PHE D 295 -15.97 -41.83 11.68
C PHE D 295 -15.71 -43.09 10.88
N ASN D 296 -14.73 -43.87 11.32
CA ASN D 296 -14.38 -45.12 10.66
C ASN D 296 -14.07 -44.93 9.19
N ASN D 297 -13.72 -43.70 8.82
CA ASN D 297 -13.39 -43.38 7.44
C ASN D 297 -11.87 -43.21 7.33
N LYS D 298 -11.25 -44.01 6.46
CA LYS D 298 -9.80 -43.96 6.29
C LYS D 298 -9.33 -42.84 5.37
N ASP D 299 -10.27 -42.16 4.72
CA ASP D 299 -9.92 -41.06 3.82
C ASP D 299 -9.48 -39.85 4.63
N VAL D 300 -9.47 -40.01 5.95
CA VAL D 300 -9.07 -38.94 6.86
C VAL D 300 -7.55 -38.81 6.93
N PHE D 301 -6.86 -39.81 6.39
CA PHE D 301 -5.40 -39.80 6.43
C PHE D 301 -4.73 -39.42 5.11
N HIS D 302 -5.40 -38.62 4.30
CA HIS D 302 -4.83 -38.20 3.02
C HIS D 302 -5.63 -37.09 2.33
N THR D 303 -6.80 -36.78 2.88
CA THR D 303 -7.63 -35.72 2.30
C THR D 303 -8.56 -35.10 3.36
N LYS D 304 -9.32 -34.10 2.93
CA LYS D 304 -10.24 -33.41 3.82
C LYS D 304 -11.68 -33.87 3.57
N VAL D 305 -12.27 -34.50 4.58
CA VAL D 305 -13.64 -34.99 4.47
C VAL D 305 -14.64 -33.85 4.71
N LYS D 306 -15.35 -33.48 3.64
CA LYS D 306 -16.34 -32.42 3.72
C LYS D 306 -17.74 -32.99 3.57
N THR D 307 -18.72 -32.25 4.08
CA THR D 307 -20.11 -32.67 3.98
C THR D 307 -20.64 -32.05 2.70
N THR D 308 -21.35 -32.84 1.89
CA THR D 308 -21.89 -32.34 0.63
C THR D 308 -22.45 -30.93 0.84
N ARG D 309 -22.03 -29.99 0.00
CA ARG D 309 -22.48 -28.62 0.12
C ARG D 309 -24.00 -28.52 0.04
N GLY D 310 -24.63 -29.63 -0.32
CA GLY D 310 -26.08 -29.66 -0.38
C GLY D 310 -26.64 -29.98 0.99
N ALA D 311 -25.97 -30.89 1.69
CA ALA D 311 -26.38 -31.29 3.02
C ALA D 311 -26.20 -30.16 4.03
N THR D 312 -25.11 -29.41 3.88
CA THR D 312 -24.83 -28.30 4.78
C THR D 312 -25.87 -27.19 4.62
N ALA D 313 -26.40 -27.06 3.40
CA ALA D 313 -27.42 -26.04 3.14
C ALA D 313 -28.71 -26.48 3.83
N ARG D 314 -28.93 -27.78 3.86
CA ARG D 314 -30.10 -28.35 4.50
C ARG D 314 -30.03 -28.05 6.00
N ILE D 315 -28.88 -28.35 6.59
CA ILE D 315 -28.65 -28.11 8.01
C ILE D 315 -28.90 -26.64 8.35
N PHE D 316 -28.42 -25.75 7.49
CA PHE D 316 -28.58 -24.32 7.69
C PHE D 316 -30.06 -23.94 7.72
N HIS D 317 -30.82 -24.54 6.81
CA HIS D 317 -32.24 -24.27 6.67
C HIS D 317 -33.12 -24.82 7.79
N TYR D 318 -32.88 -26.07 8.19
CA TYR D 318 -33.69 -26.71 9.23
C TYR D 318 -33.29 -26.50 10.68
N SER D 319 -32.07 -26.05 10.93
CA SER D 319 -31.61 -25.85 12.31
C SER D 319 -32.00 -24.47 12.87
N THR D 320 -33.28 -24.15 12.80
CA THR D 320 -33.78 -22.87 13.31
C THR D 320 -34.54 -23.03 14.61
N GLU D 321 -35.11 -24.22 14.82
CA GLU D 321 -35.86 -24.50 16.04
C GLU D 321 -35.51 -25.87 16.60
N LEU D 322 -35.58 -26.01 17.92
CA LEU D 322 -35.24 -27.25 18.62
C LEU D 322 -35.73 -28.57 18.04
N GLN D 323 -37.01 -28.66 17.71
CA GLN D 323 -37.54 -29.90 17.16
C GLN D 323 -36.82 -30.40 15.91
N ALA D 324 -36.82 -29.59 14.86
CA ALA D 324 -36.18 -29.95 13.61
C ALA D 324 -34.72 -30.39 13.82
N THR D 325 -33.95 -29.55 14.50
CA THR D 325 -32.55 -29.84 14.76
C THR D 325 -32.32 -31.14 15.56
N LEU D 326 -33.30 -31.52 16.38
CA LEU D 326 -33.16 -32.73 17.17
C LEU D 326 -33.24 -33.99 16.32
N GLN D 327 -34.12 -33.98 15.31
CA GLN D 327 -34.26 -35.14 14.45
C GLN D 327 -33.09 -35.24 13.47
N MET D 328 -32.44 -34.12 13.19
CA MET D 328 -31.30 -34.12 12.29
C MET D 328 -30.10 -34.71 13.03
N LEU D 329 -29.90 -34.26 14.27
CA LEU D 329 -28.81 -34.77 15.09
C LEU D 329 -29.06 -36.26 15.27
N LYS D 330 -30.34 -36.62 15.33
CA LYS D 330 -30.76 -38.01 15.47
C LYS D 330 -30.24 -38.81 14.28
N THR D 331 -30.62 -38.36 13.08
CA THR D 331 -30.22 -39.01 11.85
C THR D 331 -28.71 -39.21 11.76
N TYR D 332 -27.97 -38.12 11.94
CA TYR D 332 -26.51 -38.17 11.87
C TYR D 332 -25.84 -39.07 12.90
N THR D 333 -26.44 -39.20 14.08
CA THR D 333 -25.86 -40.04 15.12
C THR D 333 -26.13 -41.51 14.78
N LEU D 334 -27.18 -41.73 13.99
CA LEU D 334 -27.53 -43.09 13.57
C LEU D 334 -26.71 -43.44 12.35
N ARG D 335 -26.39 -42.44 11.55
CA ARG D 335 -25.58 -42.63 10.35
C ARG D 335 -24.17 -43.02 10.78
N LEU D 336 -23.76 -42.53 11.94
CA LEU D 336 -22.44 -42.81 12.48
C LEU D 336 -22.33 -44.28 12.85
N ALA D 337 -23.32 -44.79 13.56
CA ALA D 337 -23.34 -46.19 13.98
C ALA D 337 -23.69 -47.11 12.82
N ALA D 338 -24.37 -46.57 11.81
CA ALA D 338 -24.77 -47.34 10.65
C ALA D 338 -23.60 -47.52 9.68
N ARG D 339 -22.39 -47.43 10.21
CA ARG D 339 -21.18 -47.55 9.40
C ARG D 339 -20.25 -48.63 9.94
N MET D 340 -20.60 -49.20 11.10
CA MET D 340 -19.76 -50.21 11.72
C MET D 340 -20.47 -51.54 11.97
N ASN D 341 -19.69 -52.57 12.28
CA ASN D 341 -20.20 -53.89 12.55
C ASN D 341 -19.90 -54.24 14.01
N ALA D 342 -20.47 -55.34 14.50
CA ALA D 342 -20.25 -55.76 15.88
C ALA D 342 -18.83 -56.30 16.05
N GLN D 343 -18.18 -56.57 14.93
CA GLN D 343 -16.82 -57.11 14.94
C GLN D 343 -15.75 -56.06 15.28
N ASP D 344 -15.99 -54.81 14.91
CA ASP D 344 -15.04 -53.74 15.18
C ASP D 344 -14.59 -53.71 16.64
N ALA D 345 -13.33 -53.35 16.86
CA ALA D 345 -12.74 -53.30 18.20
C ALA D 345 -13.24 -52.17 19.08
N CYS D 346 -14.27 -51.45 18.65
CA CYS D 346 -14.81 -50.35 19.43
C CYS D 346 -16.31 -50.46 19.66
N TYR D 347 -16.99 -51.18 18.78
CA TYR D 347 -18.44 -51.37 18.84
C TYR D 347 -19.10 -50.98 20.15
N ASP D 348 -18.84 -51.75 21.19
CA ASP D 348 -19.42 -51.50 22.50
C ASP D 348 -19.35 -50.04 22.93
N ARG D 349 -18.13 -49.52 23.05
CA ARG D 349 -17.92 -48.14 23.46
C ARG D 349 -18.76 -47.16 22.65
N ILE D 350 -18.69 -47.27 21.33
CA ILE D 350 -19.47 -46.38 20.45
C ILE D 350 -20.97 -46.59 20.61
N GLU D 351 -21.41 -47.81 20.33
CA GLU D 351 -22.82 -48.18 20.42
C GLU D 351 -23.58 -47.51 21.55
N HIS D 352 -23.04 -47.59 22.77
CA HIS D 352 -23.67 -47.00 23.94
C HIS D 352 -23.57 -45.47 23.96
N LEU D 353 -22.42 -44.94 23.57
CA LEU D 353 -22.23 -43.48 23.53
C LEU D 353 -23.24 -42.90 22.56
N VAL D 354 -23.71 -43.73 21.63
CA VAL D 354 -24.70 -43.33 20.64
C VAL D 354 -26.07 -43.26 21.29
N ASN D 355 -26.44 -44.35 21.97
CA ASN D 355 -27.72 -44.41 22.66
C ASN D 355 -27.79 -43.35 23.76
N ASP D 356 -26.64 -43.02 24.33
CA ASP D 356 -26.56 -42.01 25.38
C ASP D 356 -26.94 -40.66 24.77
N ALA D 357 -26.58 -40.47 23.51
CA ALA D 357 -26.87 -39.25 22.79
C ALA D 357 -28.28 -39.34 22.21
N ILE D 358 -28.59 -40.47 21.61
CA ILE D 358 -29.90 -40.70 21.01
C ILE D 358 -31.02 -40.50 22.02
N ARG D 359 -30.84 -41.03 23.23
CA ARG D 359 -31.85 -40.88 24.27
C ARG D 359 -31.96 -39.42 24.69
N ALA D 360 -30.83 -38.77 24.91
CA ALA D 360 -30.79 -37.38 25.33
C ALA D 360 -31.52 -36.50 24.32
N MET D 361 -31.62 -36.98 23.07
CA MET D 361 -32.29 -36.25 22.03
C MET D 361 -33.80 -36.47 22.11
N GLU D 362 -34.20 -37.73 22.25
CA GLU D 362 -35.60 -38.09 22.35
C GLU D 362 -36.21 -37.67 23.68
N SER D 363 -35.36 -37.30 24.62
CA SER D 363 -35.83 -36.87 25.94
C SER D 363 -36.50 -35.51 25.76
N HIS D 364 -36.31 -34.93 24.58
CA HIS D 364 -36.89 -33.64 24.24
C HIS D 364 -37.85 -33.80 23.06
N GLN D 365 -38.40 -35.00 22.91
CA GLN D 365 -39.34 -35.30 21.84
C GLN D 365 -40.48 -36.18 22.36
OAE 8PH E . -15.29 30.71 -14.66
PAY 8PH E . -13.77 31.18 -14.36
OAF 8PH E . -13.62 32.65 -14.99
OAB 8PH E . -12.77 30.22 -14.89
CAX 8PH E . -13.68 31.37 -12.50
PAZ 8PH E . -14.97 32.60 -11.97
OAG 8PH E . -14.40 33.30 -10.62
OAH 8PH E . -14.99 33.75 -13.09
OAC 8PH E . -16.30 31.99 -11.77
OAD 8PH E . -13.74 30.14 -11.79
CAU 8PH E . -12.31 32.01 -12.19
NAW 8PH E . -11.23 31.00 -12.37
CAK 8PH E . -10.51 30.83 -13.47
CAJ 8PH E . -10.90 30.04 -11.50
CAI 8PH E . -9.98 29.28 -12.06
NAV 8PH E . -9.74 29.75 -13.29
CAT 8PH E . -8.94 29.09 -14.34
CAS 8PH E . -7.87 28.19 -13.74
CAR 8PH E . -6.50 28.55 -14.35
CAQ 8PH E . -6.28 27.72 -15.62
CAP 8PH E . -5.55 28.57 -16.65
CAO 8PH E . -4.07 28.19 -16.69
CAN 8PH E . -3.60 28.13 -18.15
CAM 8PH E . -2.09 28.40 -18.21
CAL 8PH E . -1.74 29.07 -19.54
CAA 8PH E . -0.38 28.59 -20.02
OAE 8PH F . -3.42 -13.39 -32.54
PAY 8PH F . -3.03 -12.85 -31.08
OAF 8PH F . -3.38 -14.04 -30.05
OAB 8PH F . -3.73 -11.59 -30.74
CAX 8PH F . -1.17 -12.68 -31.08
PAZ 8PH F . -0.46 -14.01 -32.18
OAG 8PH F . 0.80 -14.63 -31.39
OAH 8PH F . -1.56 -15.18 -32.25
OAC 8PH F . -0.09 -13.50 -33.53
OAD 8PH F . -0.72 -11.37 -31.40
CAU 8PH F . -0.70 -12.98 -29.66
NAW 8PH F . -0.88 -11.77 -28.82
CAK 8PH F . -2.01 -11.41 -28.21
CAJ 8PH F . 0.03 -10.85 -28.58
CAI 8PH F . -0.53 -9.90 -27.85
NAV 8PH F . -1.80 -10.24 -27.62
OAE 8PH G . 39.21 8.63 17.38
PAY 8PH G . 38.58 9.47 16.15
OAF 8PH G . 37.60 8.46 15.38
OAB 8PH G . 39.63 10.02 15.25
CAX 8PH G . 37.50 10.79 16.90
PAZ 8PH G . 37.23 10.40 18.71
OAG 8PH G . 35.74 10.90 19.05
OAH 8PH G . 37.21 8.81 18.83
OAC 8PH G . 38.25 11.03 19.58
OAD 8PH G . 37.98 12.11 16.67
CAU 8PH G . 36.14 10.68 16.22
OAE 8PH H . -12.67 -20.28 8.03
PAY 8PH H . -12.12 -21.65 8.67
OAF 8PH H . -10.64 -21.34 9.22
OAB 8PH H . -12.15 -22.78 7.70
CAX 8PH H . -13.18 -21.97 10.18
PAZ 8PH H . -13.19 -20.45 11.25
OAG 8PH H . -13.79 -20.90 12.67
OAH 8PH H . -11.65 -20.07 11.50
OAC 8PH H . -13.96 -19.34 10.63
OAD 8PH H . -14.48 -22.47 9.87
CAU 8PH H . -12.48 -23.07 10.98
#